data_6PRI
#
_entry.id   6PRI
#
_entity_poly.entity_id   1
_entity_poly.type   'polypeptide(L)'
_entity_poly.pdbx_seq_one_letter_code
;MSQLRIAAYGPHGSGGSGGSGGSQDLYATLDVPAPIAVVGGKVRAMTLEGPVEVAVPPRTQAGRKLRLKGKGFPGPAGRG
DLYLEVRIT
;
_entity_poly.pdbx_strand_id   A
#
# COMPACT_ATOMS: atom_id res chain seq x y z
N MET A 1 14.98 1.36 8.15
CA MET A 1 15.84 1.68 6.97
C MET A 1 14.96 1.91 5.73
N SER A 2 13.98 1.01 5.53
CA SER A 2 13.08 1.02 4.37
C SER A 2 11.76 0.33 4.74
N GLN A 3 10.67 1.12 4.84
CA GLN A 3 9.31 0.60 5.03
C GLN A 3 8.64 0.40 3.67
N LEU A 4 7.35 -0.03 3.68
CA LEU A 4 6.55 -0.17 2.46
C LEU A 4 6.25 1.22 1.87
N ARG A 5 6.99 1.59 0.81
CA ARG A 5 6.89 2.89 0.15
C ARG A 5 5.50 3.10 -0.45
N ILE A 6 4.76 4.10 0.06
CA ILE A 6 3.40 4.40 -0.38
C ILE A 6 3.43 5.33 -1.62
N ALA A 7 3.32 4.69 -2.80
CA ALA A 7 3.26 5.37 -4.10
C ALA A 7 1.81 5.83 -4.43
N ALA A 8 0.86 5.48 -3.54
CA ALA A 8 -0.55 5.88 -3.66
C ALA A 8 -0.79 7.29 -3.12
N TYR A 9 -2.03 7.80 -3.35
CA TYR A 9 -2.50 9.11 -2.85
C TYR A 9 -1.76 10.29 -3.51
N GLY A 10 -1.20 10.04 -4.70
CA GLY A 10 -0.67 11.09 -5.57
C GLY A 10 -1.05 10.81 -7.02
N PRO A 11 -2.37 10.92 -7.38
CA PRO A 11 -2.84 10.64 -8.77
C PRO A 11 -2.31 11.70 -9.75
N HIS A 12 -1.21 11.34 -10.46
CA HIS A 12 -0.53 12.24 -11.39
C HIS A 12 0.05 11.42 -12.56
N GLY A 13 -0.68 11.40 -13.68
CA GLY A 13 -0.22 10.75 -14.90
C GLY A 13 0.80 11.62 -15.65
N SER A 14 1.89 10.98 -16.09
CA SER A 14 2.99 11.65 -16.81
C SER A 14 3.82 10.59 -17.58
N GLY A 15 4.96 10.98 -18.17
CA GLY A 15 5.79 10.05 -18.94
C GLY A 15 6.65 9.13 -18.07
N GLY A 16 6.00 8.20 -17.35
CA GLY A 16 6.66 7.26 -16.44
C GLY A 16 5.94 5.92 -16.39
N SER A 17 6.61 4.90 -15.83
CA SER A 17 6.09 3.51 -15.79
C SER A 17 5.04 3.34 -14.67
N GLY A 18 3.79 3.69 -15.00
CA GLY A 18 2.65 3.46 -14.12
C GLY A 18 1.79 2.32 -14.65
N GLY A 19 1.20 2.54 -15.84
CA GLY A 19 0.28 1.58 -16.45
C GLY A 19 -1.07 1.52 -15.74
N SER A 20 -1.94 0.60 -16.18
CA SER A 20 -3.24 0.34 -15.54
C SER A 20 -3.09 -0.52 -14.27
N GLY A 21 -1.89 -1.12 -14.10
CA GLY A 21 -1.58 -1.96 -12.95
C GLY A 21 -0.19 -2.56 -13.08
N GLY A 22 0.28 -3.20 -11.99
CA GLY A 22 1.56 -3.92 -11.98
C GLY A 22 1.43 -5.34 -12.51
N SER A 23 2.53 -6.10 -12.40
CA SER A 23 2.59 -7.50 -12.86
C SER A 23 1.78 -8.42 -11.95
N GLN A 24 2.36 -8.81 -10.80
CA GLN A 24 1.70 -9.72 -9.83
C GLN A 24 1.28 -8.88 -8.63
N ASP A 25 0.21 -8.11 -8.86
CA ASP A 25 -0.37 -7.21 -7.87
C ASP A 25 -1.23 -8.01 -6.89
N LEU A 26 -1.18 -7.65 -5.60
CA LEU A 26 -1.91 -8.38 -4.54
C LEU A 26 -2.57 -7.39 -3.58
N TYR A 27 -3.80 -7.73 -3.16
CA TYR A 27 -4.55 -6.98 -2.14
C TYR A 27 -4.28 -7.61 -0.77
N ALA A 28 -3.78 -6.79 0.15
CA ALA A 28 -3.54 -7.18 1.54
C ALA A 28 -4.31 -6.21 2.44
N THR A 29 -5.12 -6.78 3.34
CA THR A 29 -6.00 -6.00 4.20
C THR A 29 -5.18 -5.18 5.22
N LEU A 30 -5.40 -3.87 5.21
CA LEU A 30 -4.72 -2.94 6.11
C LEU A 30 -5.71 -2.43 7.15
N ASP A 31 -5.51 -2.85 8.40
CA ASP A 31 -6.32 -2.36 9.52
C ASP A 31 -5.77 -1.00 9.97
N VAL A 32 -6.65 0.01 10.02
CA VAL A 32 -6.29 1.35 10.46
C VAL A 32 -7.48 1.93 11.27
N PRO A 33 -7.24 2.48 12.50
CA PRO A 33 -8.31 3.19 13.23
C PRO A 33 -8.59 4.56 12.60
N ALA A 34 -9.82 5.07 12.83
CA ALA A 34 -10.29 6.36 12.29
C ALA A 34 -9.31 7.54 12.59
N PRO A 35 -8.81 7.73 13.89
CA PRO A 35 -7.81 8.78 14.21
C PRO A 35 -6.55 8.72 13.30
N ILE A 36 -5.85 7.55 13.25
CA ILE A 36 -4.59 7.36 12.49
C ILE A 36 -4.83 7.52 10.97
N ALA A 37 -6.04 7.19 10.52
CA ALA A 37 -6.43 7.34 9.10
C ALA A 37 -6.43 8.82 8.67
N VAL A 38 -7.09 9.67 9.49
CA VAL A 38 -7.31 11.09 9.16
C VAL A 38 -6.02 11.93 9.32
N VAL A 39 -5.31 11.77 10.44
CA VAL A 39 -4.11 12.58 10.74
C VAL A 39 -2.83 11.94 10.16
N GLY A 40 -2.87 10.62 9.91
CA GLY A 40 -1.68 9.87 9.53
C GLY A 40 -0.92 9.36 10.75
N GLY A 41 0.01 8.44 10.53
CA GLY A 41 0.81 7.87 11.63
C GLY A 41 1.49 6.59 11.20
N LYS A 42 1.31 5.52 11.99
CA LYS A 42 1.78 4.16 11.66
C LYS A 42 0.68 3.15 12.03
N VAL A 43 0.63 2.02 11.31
CA VAL A 43 -0.25 0.90 11.65
C VAL A 43 0.48 -0.44 11.47
N ARG A 44 -0.06 -1.49 12.08
CA ARG A 44 0.44 -2.85 11.93
C ARG A 44 -0.16 -3.49 10.65
N ALA A 45 0.71 -3.80 9.67
CA ALA A 45 0.34 -4.55 8.46
C ALA A 45 0.91 -5.98 8.54
N MET A 46 0.28 -6.90 7.80
CA MET A 46 0.71 -8.31 7.77
C MET A 46 1.69 -8.53 6.60
N THR A 47 2.86 -9.09 6.94
CA THR A 47 3.95 -9.36 5.99
C THR A 47 4.54 -10.75 6.33
N LEU A 48 5.27 -11.37 5.37
CA LEU A 48 5.91 -12.70 5.57
C LEU A 48 7.04 -12.63 6.63
N GLU A 49 7.55 -11.42 6.87
CA GLU A 49 8.55 -11.13 7.92
C GLU A 49 7.88 -11.00 9.30
N GLY A 50 6.55 -10.80 9.29
CA GLY A 50 5.75 -10.62 10.50
C GLY A 50 4.94 -9.33 10.44
N PRO A 51 4.54 -8.75 11.62
CA PRO A 51 3.87 -7.44 11.66
C PRO A 51 4.88 -6.28 11.46
N VAL A 52 4.66 -5.46 10.41
CA VAL A 52 5.49 -4.28 10.12
C VAL A 52 4.69 -2.99 10.37
N GLU A 53 5.38 -1.89 10.64
CA GLU A 53 4.76 -0.57 10.81
C GLU A 53 4.79 0.17 9.46
N VAL A 54 3.61 0.41 8.89
CA VAL A 54 3.43 1.19 7.66
C VAL A 54 3.06 2.63 8.04
N ALA A 55 3.91 3.59 7.68
CA ALA A 55 3.64 5.01 7.90
C ALA A 55 2.45 5.47 7.03
N VAL A 56 1.27 5.56 7.65
CA VAL A 56 0.03 5.98 6.97
C VAL A 56 0.08 7.50 6.70
N PRO A 57 -0.25 7.96 5.45
CA PRO A 57 -0.40 9.40 5.14
C PRO A 57 -1.71 9.96 5.77
N PRO A 58 -1.90 11.31 5.86
CA PRO A 58 -3.20 11.89 6.25
C PRO A 58 -4.30 11.66 5.18
N ARG A 59 -5.55 12.08 5.54
CA ARG A 59 -6.74 12.08 4.64
C ARG A 59 -7.26 10.67 4.30
N THR A 60 -6.60 9.63 4.84
CA THR A 60 -6.84 8.22 4.45
C THR A 60 -8.28 7.76 4.76
N GLN A 61 -8.96 7.22 3.73
CA GLN A 61 -10.41 6.97 3.75
C GLN A 61 -10.73 5.49 3.44
N ALA A 62 -11.76 4.97 4.14
CA ALA A 62 -12.23 3.58 4.04
C ALA A 62 -12.68 3.23 2.61
N GLY A 63 -12.19 2.08 2.12
CA GLY A 63 -12.56 1.57 0.79
C GLY A 63 -11.52 1.88 -0.28
N ARG A 64 -10.64 2.85 0.01
CA ARG A 64 -9.49 3.18 -0.87
C ARG A 64 -8.33 2.22 -0.56
N LYS A 65 -7.68 1.70 -1.61
CA LYS A 65 -6.51 0.82 -1.46
C LYS A 65 -5.24 1.62 -1.74
N LEU A 66 -4.25 1.50 -0.85
CA LEU A 66 -2.95 2.12 -1.05
C LEU A 66 -2.16 1.27 -2.06
N ARG A 67 -2.18 1.69 -3.33
CA ARG A 67 -1.41 1.01 -4.40
C ARG A 67 0.09 1.33 -4.25
N LEU A 68 0.85 0.34 -3.76
CA LEU A 68 2.29 0.49 -3.51
C LEU A 68 3.05 -0.21 -4.65
N LYS A 69 3.35 0.56 -5.70
CA LYS A 69 3.93 0.00 -6.93
C LYS A 69 5.34 -0.56 -6.72
N GLY A 70 5.55 -1.80 -7.18
CA GLY A 70 6.82 -2.50 -7.04
C GLY A 70 6.88 -3.42 -5.83
N LYS A 71 5.95 -3.22 -4.87
CA LYS A 71 5.91 -3.98 -3.59
C LYS A 71 5.25 -5.37 -3.76
N GLY A 72 4.58 -5.59 -4.90
CA GLY A 72 4.11 -6.91 -5.31
C GLY A 72 5.23 -7.76 -5.92
N PHE A 73 4.87 -8.93 -6.46
CA PHE A 73 5.85 -9.91 -6.99
C PHE A 73 6.21 -9.60 -8.48
N PRO A 74 7.44 -10.01 -8.95
CA PRO A 74 7.89 -9.78 -10.35
C PRO A 74 7.06 -10.58 -11.38
N GLY A 75 7.02 -10.09 -12.63
CA GLY A 75 6.24 -10.71 -13.71
C GLY A 75 6.39 -9.99 -15.05
N PRO A 76 5.39 -10.12 -15.97
CA PRO A 76 5.42 -9.55 -17.35
C PRO A 76 5.83 -8.06 -17.44
N ALA A 77 5.10 -7.22 -16.69
CA ALA A 77 5.26 -5.74 -16.77
C ALA A 77 6.42 -5.22 -15.89
N GLY A 78 7.08 -6.13 -15.16
CA GLY A 78 8.18 -5.78 -14.25
C GLY A 78 7.95 -6.34 -12.86
N ARG A 79 7.34 -5.52 -11.97
CA ARG A 79 6.90 -5.95 -10.62
C ARG A 79 5.43 -5.56 -10.41
N GLY A 80 4.76 -6.24 -9.45
CA GLY A 80 3.36 -5.96 -9.11
C GLY A 80 3.18 -4.81 -8.13
N ASP A 81 1.90 -4.43 -7.92
CA ASP A 81 1.50 -3.35 -6.98
C ASP A 81 0.85 -3.97 -5.74
N LEU A 82 1.24 -3.50 -4.54
CA LEU A 82 0.67 -4.02 -3.29
C LEU A 82 -0.44 -3.07 -2.81
N TYR A 83 -1.70 -3.49 -2.95
CA TYR A 83 -2.85 -2.68 -2.56
C TYR A 83 -3.21 -2.95 -1.09
N LEU A 84 -2.92 -1.97 -0.23
CA LEU A 84 -3.26 -2.04 1.20
C LEU A 84 -4.67 -1.51 1.41
N GLU A 85 -5.59 -2.42 1.71
CA GLU A 85 -7.02 -2.15 1.76
C GLU A 85 -7.37 -1.40 3.05
N VAL A 86 -7.52 -0.06 2.95
CA VAL A 86 -7.82 0.80 4.10
C VAL A 86 -9.17 0.42 4.74
N ARG A 87 -9.10 -0.22 5.92
CA ARG A 87 -10.25 -0.61 6.73
C ARG A 87 -10.28 0.27 7.97
N ILE A 88 -11.07 1.37 7.91
CA ILE A 88 -11.22 2.32 9.00
C ILE A 88 -12.14 1.72 10.08
N THR A 89 -11.56 1.45 11.24
CA THR A 89 -12.24 0.86 12.40
C THR A 89 -12.59 1.95 13.44
N MET A 1 9.93 1.07 10.27
CA MET A 1 10.83 0.18 9.48
C MET A 1 11.32 0.89 8.22
N SER A 2 12.37 0.30 7.59
CA SER A 2 13.09 0.88 6.44
C SER A 2 12.19 1.08 5.20
N GLN A 3 11.83 2.35 4.96
CA GLN A 3 11.11 2.82 3.74
C GLN A 3 9.77 2.11 3.50
N LEU A 4 9.21 1.49 4.55
CA LEU A 4 7.87 0.89 4.48
C LEU A 4 6.83 1.97 4.74
N ARG A 5 6.62 2.79 3.70
CA ARG A 5 5.68 3.92 3.71
C ARG A 5 4.65 3.66 2.60
N ILE A 6 3.45 4.26 2.73
CA ILE A 6 2.39 4.15 1.71
C ILE A 6 2.58 5.26 0.66
N ALA A 7 2.21 6.51 1.04
CA ALA A 7 2.27 7.70 0.17
C ALA A 7 1.48 7.53 -1.15
N ALA A 8 0.54 6.56 -1.17
CA ALA A 8 -0.28 6.23 -2.35
C ALA A 8 -1.55 7.10 -2.42
N TYR A 9 -1.59 8.16 -1.60
CA TYR A 9 -2.58 9.25 -1.73
C TYR A 9 -1.97 10.37 -2.59
N GLY A 10 -1.75 10.02 -3.87
CA GLY A 10 -1.07 10.89 -4.83
C GLY A 10 -0.23 10.08 -5.82
N PRO A 11 0.17 10.67 -6.98
CA PRO A 11 0.87 9.93 -8.05
C PRO A 11 2.33 9.56 -7.68
N HIS A 12 2.78 8.38 -8.10
CA HIS A 12 4.18 7.94 -7.92
C HIS A 12 5.05 8.58 -9.02
N GLY A 13 4.48 8.67 -10.24
CA GLY A 13 5.18 9.16 -11.43
C GLY A 13 4.98 8.22 -12.60
N SER A 14 3.76 8.24 -13.18
CA SER A 14 3.34 7.35 -14.28
C SER A 14 4.22 7.55 -15.54
N GLY A 15 5.30 6.75 -15.64
CA GLY A 15 6.24 6.81 -16.75
C GLY A 15 7.07 5.54 -16.82
N GLY A 16 7.99 5.35 -15.86
CA GLY A 16 8.77 4.12 -15.73
C GLY A 16 8.06 3.11 -14.84
N SER A 17 8.29 1.80 -15.09
CA SER A 17 7.63 0.67 -14.40
C SER A 17 6.09 0.83 -14.36
N GLY A 18 5.40 0.32 -15.40
CA GLY A 18 3.93 0.42 -15.50
C GLY A 18 3.25 -0.83 -14.96
N GLY A 19 2.28 -1.36 -15.73
CA GLY A 19 1.52 -2.55 -15.34
C GLY A 19 1.06 -3.34 -16.55
N SER A 20 1.90 -3.35 -17.61
CA SER A 20 1.66 -4.14 -18.82
C SER A 20 2.06 -5.61 -18.55
N GLY A 21 1.06 -6.50 -18.43
CA GLY A 21 1.27 -7.85 -17.89
C GLY A 21 1.29 -7.84 -16.37
N GLY A 22 0.77 -6.76 -15.79
CA GLY A 22 0.75 -6.55 -14.34
C GLY A 22 -0.53 -7.09 -13.71
N SER A 23 -0.68 -8.42 -13.75
CA SER A 23 -1.87 -9.12 -13.21
C SER A 23 -1.50 -9.94 -11.95
N GLN A 24 -0.34 -9.63 -11.36
CA GLN A 24 0.27 -10.39 -10.24
C GLN A 24 0.27 -9.54 -8.95
N ASP A 25 -0.49 -8.43 -9.00
CA ASP A 25 -0.67 -7.51 -7.87
C ASP A 25 -1.62 -8.11 -6.84
N LEU A 26 -1.35 -7.86 -5.56
CA LEU A 26 -2.06 -8.52 -4.44
C LEU A 26 -2.74 -7.49 -3.54
N TYR A 27 -3.90 -7.84 -2.96
CA TYR A 27 -4.57 -7.02 -1.94
C TYR A 27 -4.15 -7.49 -0.54
N ALA A 28 -4.11 -6.55 0.41
CA ALA A 28 -3.69 -6.81 1.79
C ALA A 28 -4.54 -5.96 2.75
N THR A 29 -5.13 -6.61 3.76
CA THR A 29 -6.03 -5.94 4.71
C THR A 29 -5.22 -5.01 5.63
N LEU A 30 -5.51 -3.72 5.56
CA LEU A 30 -4.84 -2.69 6.36
C LEU A 30 -5.82 -2.19 7.43
N ASP A 31 -5.54 -2.52 8.68
CA ASP A 31 -6.32 -2.06 9.84
C ASP A 31 -5.68 -0.77 10.39
N VAL A 32 -6.40 0.35 10.24
CA VAL A 32 -5.96 1.67 10.67
C VAL A 32 -7.09 2.33 11.51
N PRO A 33 -6.79 2.86 12.75
CA PRO A 33 -7.80 3.56 13.56
C PRO A 33 -8.19 4.91 12.96
N ALA A 34 -9.40 5.37 13.29
CA ALA A 34 -9.98 6.65 12.82
C ALA A 34 -9.03 7.89 12.96
N PRO A 35 -8.32 8.12 14.14
CA PRO A 35 -7.36 9.26 14.26
C PRO A 35 -6.18 9.15 13.25
N ILE A 36 -5.48 7.98 13.26
CA ILE A 36 -4.31 7.72 12.39
C ILE A 36 -4.72 7.72 10.89
N ALA A 37 -6.00 7.42 10.63
CA ALA A 37 -6.57 7.39 9.28
C ALA A 37 -6.65 8.81 8.69
N VAL A 38 -7.31 9.72 9.41
CA VAL A 38 -7.56 11.10 8.95
C VAL A 38 -6.25 11.92 8.82
N VAL A 39 -5.42 11.94 9.89
CA VAL A 39 -4.21 12.78 9.93
C VAL A 39 -2.98 12.07 9.33
N GLY A 40 -2.99 10.72 9.36
CA GLY A 40 -1.82 9.94 8.99
C GLY A 40 -0.95 9.62 10.19
N GLY A 41 -0.20 8.51 10.11
CA GLY A 41 0.68 8.10 11.19
C GLY A 41 1.40 6.81 10.87
N LYS A 42 1.35 5.83 11.79
CA LYS A 42 1.91 4.48 11.60
C LYS A 42 0.97 3.42 12.18
N VAL A 43 0.86 2.28 11.47
CA VAL A 43 0.18 1.06 11.98
C VAL A 43 1.04 -0.17 11.67
N ARG A 44 0.70 -1.31 12.28
CA ARG A 44 1.33 -2.61 11.97
C ARG A 44 0.49 -3.33 10.91
N ALA A 45 1.02 -3.49 9.69
CA ALA A 45 0.37 -4.24 8.61
C ALA A 45 1.02 -5.61 8.46
N MET A 46 0.22 -6.64 8.12
CA MET A 46 0.73 -8.00 7.86
C MET A 46 1.13 -8.10 6.38
N THR A 47 2.44 -8.07 6.15
CA THR A 47 3.06 -8.12 4.81
C THR A 47 3.80 -9.48 4.67
N LEU A 48 4.41 -9.77 3.51
CA LEU A 48 5.11 -11.06 3.23
C LEU A 48 6.35 -11.27 4.14
N GLU A 49 6.87 -10.17 4.74
CA GLU A 49 8.00 -10.22 5.72
C GLU A 49 7.47 -10.44 7.16
N GLY A 50 6.17 -10.67 7.29
CA GLY A 50 5.51 -10.76 8.59
C GLY A 50 4.91 -9.42 9.01
N PRO A 51 4.75 -9.15 10.34
CA PRO A 51 4.19 -7.87 10.83
C PRO A 51 5.23 -6.72 10.71
N VAL A 52 4.84 -5.62 10.04
CA VAL A 52 5.77 -4.52 9.70
C VAL A 52 5.18 -3.14 10.09
N GLU A 53 6.06 -2.16 10.35
CA GLU A 53 5.67 -0.76 10.64
C GLU A 53 5.50 0.00 9.31
N VAL A 54 4.25 0.34 8.99
CA VAL A 54 3.89 1.03 7.74
C VAL A 54 3.46 2.48 8.05
N ALA A 55 4.15 3.45 7.42
CA ALA A 55 3.86 4.87 7.57
C ALA A 55 2.61 5.25 6.74
N VAL A 56 1.47 5.37 7.44
CA VAL A 56 0.18 5.75 6.88
C VAL A 56 0.17 7.29 6.55
N PRO A 57 -0.27 7.72 5.32
CA PRO A 57 -0.42 9.14 4.97
C PRO A 57 -1.79 9.69 5.42
N PRO A 58 -2.05 11.03 5.34
CA PRO A 58 -3.40 11.58 5.60
C PRO A 58 -4.44 11.14 4.55
N ARG A 59 -5.73 11.36 4.89
CA ARG A 59 -6.92 11.09 4.03
C ARG A 59 -7.20 9.58 3.90
N THR A 60 -6.54 8.75 4.71
CA THR A 60 -6.69 7.29 4.67
C THR A 60 -8.12 6.89 5.08
N GLN A 61 -8.99 6.79 4.05
CA GLN A 61 -10.45 6.65 4.21
C GLN A 61 -10.91 5.22 3.86
N ALA A 62 -11.93 4.74 4.61
CA ALA A 62 -12.49 3.39 4.47
C ALA A 62 -12.95 3.10 3.03
N GLY A 63 -12.51 1.94 2.50
CA GLY A 63 -12.91 1.48 1.15
C GLY A 63 -11.99 1.98 0.04
N ARG A 64 -11.07 2.90 0.36
CA ARG A 64 -10.00 3.33 -0.57
C ARG A 64 -8.85 2.31 -0.53
N LYS A 65 -8.12 2.17 -1.66
CA LYS A 65 -7.03 1.15 -1.77
C LYS A 65 -5.75 1.79 -2.30
N LEU A 66 -4.63 1.31 -1.73
CA LEU A 66 -3.34 1.99 -1.77
C LEU A 66 -2.35 1.15 -2.57
N ARG A 67 -2.15 1.52 -3.85
CA ARG A 67 -1.31 0.75 -4.78
C ARG A 67 0.19 1.01 -4.48
N LEU A 68 0.82 0.04 -3.80
CA LEU A 68 2.26 0.07 -3.50
C LEU A 68 2.98 -0.81 -4.52
N LYS A 69 3.50 -0.16 -5.57
CA LYS A 69 4.18 -0.84 -6.70
C LYS A 69 5.50 -1.49 -6.25
N GLY A 70 5.84 -2.61 -6.91
CA GLY A 70 7.06 -3.37 -6.60
C GLY A 70 6.98 -4.14 -5.28
N LYS A 71 5.76 -4.59 -4.91
CA LYS A 71 5.50 -5.29 -3.62
C LYS A 71 4.71 -6.61 -3.79
N GLY A 72 4.04 -6.82 -4.95
CA GLY A 72 3.29 -8.06 -5.23
C GLY A 72 4.18 -9.23 -5.64
N PHE A 73 3.64 -10.19 -6.44
CA PHE A 73 4.44 -11.29 -7.02
C PHE A 73 5.40 -10.74 -8.11
N PRO A 74 6.55 -11.42 -8.43
CA PRO A 74 7.47 -11.01 -9.53
C PRO A 74 6.75 -10.75 -10.86
N GLY A 75 7.01 -9.59 -11.48
CA GLY A 75 6.31 -9.16 -12.69
C GLY A 75 7.20 -8.34 -13.64
N PRO A 76 6.60 -7.60 -14.64
CA PRO A 76 7.37 -6.81 -15.66
C PRO A 76 8.18 -5.66 -15.02
N ALA A 77 7.63 -5.11 -13.92
CA ALA A 77 8.21 -3.99 -13.16
C ALA A 77 9.10 -4.51 -12.02
N GLY A 78 9.63 -5.75 -12.17
CA GLY A 78 10.36 -6.46 -11.11
C GLY A 78 9.40 -7.28 -10.27
N ARG A 79 8.47 -6.56 -9.61
CA ARG A 79 7.32 -7.11 -8.91
C ARG A 79 6.03 -6.43 -9.41
N GLY A 80 4.89 -6.92 -8.91
CA GLY A 80 3.59 -6.30 -9.13
C GLY A 80 3.27 -5.25 -8.07
N ASP A 81 1.98 -4.93 -7.93
CA ASP A 81 1.52 -3.88 -6.99
C ASP A 81 1.02 -4.55 -5.68
N LEU A 82 0.76 -3.73 -4.65
CA LEU A 82 0.16 -4.21 -3.39
C LEU A 82 -0.87 -3.19 -2.92
N TYR A 83 -2.16 -3.52 -3.05
CA TYR A 83 -3.26 -2.63 -2.68
C TYR A 83 -3.62 -2.87 -1.21
N LEU A 84 -3.39 -1.85 -0.38
CA LEU A 84 -3.77 -1.90 1.03
C LEU A 84 -5.24 -1.45 1.16
N GLU A 85 -6.08 -2.42 1.54
CA GLU A 85 -7.53 -2.24 1.70
C GLU A 85 -7.77 -1.50 3.03
N VAL A 86 -8.03 -0.17 2.95
CA VAL A 86 -8.20 0.66 4.15
C VAL A 86 -9.47 0.24 4.91
N ARG A 87 -9.23 -0.40 6.05
CA ARG A 87 -10.25 -0.80 7.01
C ARG A 87 -10.13 0.12 8.22
N ILE A 88 -10.95 1.19 8.26
CA ILE A 88 -10.99 2.11 9.40
C ILE A 88 -11.76 1.44 10.55
N THR A 89 -11.08 1.35 11.69
CA THR A 89 -11.62 0.81 12.94
C THR A 89 -11.89 1.96 13.92
N MET A 1 16.37 -0.23 6.72
CA MET A 1 15.14 0.28 7.35
C MET A 1 13.92 -0.02 6.46
N SER A 2 13.06 -0.96 6.90
CA SER A 2 11.81 -1.30 6.20
C SER A 2 10.75 -0.21 6.46
N GLN A 3 10.80 0.85 5.65
CA GLN A 3 9.91 2.00 5.76
C GLN A 3 8.95 2.00 4.57
N LEU A 4 7.84 1.26 4.73
CA LEU A 4 6.81 1.11 3.68
C LEU A 4 5.98 2.41 3.58
N ARG A 5 6.51 3.37 2.82
CA ARG A 5 5.85 4.65 2.54
C ARG A 5 4.69 4.43 1.58
N ILE A 6 3.47 4.66 2.07
CA ILE A 6 2.25 4.57 1.25
C ILE A 6 2.13 5.83 0.37
N ALA A 7 1.56 6.92 0.96
CA ALA A 7 1.28 8.19 0.25
C ALA A 7 0.57 7.98 -1.11
N ALA A 8 -0.19 6.85 -1.22
CA ALA A 8 -0.73 6.33 -2.49
C ALA A 8 -1.79 7.26 -3.10
N TYR A 9 -2.33 8.18 -2.29
CA TYR A 9 -3.18 9.26 -2.79
C TYR A 9 -2.29 10.24 -3.57
N GLY A 10 -2.21 10.01 -4.88
CA GLY A 10 -1.33 10.74 -5.79
C GLY A 10 -0.91 9.86 -6.97
N PRO A 11 0.05 10.35 -7.83
CA PRO A 11 0.56 9.58 -9.00
C PRO A 11 1.75 8.65 -8.63
N HIS A 12 1.67 8.02 -7.45
CA HIS A 12 2.78 7.24 -6.85
C HIS A 12 2.94 5.88 -7.55
N GLY A 13 4.21 5.52 -7.80
CA GLY A 13 4.56 4.33 -8.55
C GLY A 13 4.63 4.61 -10.05
N SER A 14 3.44 4.73 -10.69
CA SER A 14 3.33 5.00 -12.14
C SER A 14 2.07 5.84 -12.43
N GLY A 15 2.14 6.65 -13.49
CA GLY A 15 1.01 7.45 -13.98
C GLY A 15 0.56 6.99 -15.36
N GLY A 16 0.51 5.66 -15.53
CA GLY A 16 0.14 5.03 -16.80
C GLY A 16 -1.36 4.78 -16.91
N SER A 17 -1.91 4.98 -18.12
CA SER A 17 -3.35 4.76 -18.39
C SER A 17 -3.63 3.25 -18.53
N GLY A 18 -4.30 2.69 -17.52
CA GLY A 18 -4.59 1.25 -17.43
C GLY A 18 -3.79 0.57 -16.33
N GLY A 19 -3.39 -0.70 -16.57
CA GLY A 19 -2.64 -1.47 -15.58
C GLY A 19 -1.72 -2.50 -16.24
N SER A 20 -0.43 -2.46 -15.88
CA SER A 20 0.59 -3.40 -16.40
C SER A 20 0.83 -4.53 -15.36
N GLY A 21 1.76 -5.45 -15.67
CA GLY A 21 2.08 -6.57 -14.78
C GLY A 21 1.02 -7.67 -14.90
N GLY A 22 -0.03 -7.61 -14.03
CA GLY A 22 -1.15 -8.56 -14.06
C GLY A 22 -0.79 -9.89 -13.42
N SER A 23 -1.64 -10.36 -12.46
CA SER A 23 -1.44 -11.58 -11.63
C SER A 23 -0.37 -11.35 -10.54
N GLN A 24 0.68 -10.59 -10.90
CA GLN A 24 1.69 -10.04 -9.95
C GLN A 24 1.02 -9.15 -8.87
N ASP A 25 -0.19 -8.64 -9.19
CA ASP A 25 -0.96 -7.75 -8.33
C ASP A 25 -1.59 -8.53 -7.17
N LEU A 26 -1.65 -7.89 -5.99
CA LEU A 26 -2.23 -8.44 -4.76
C LEU A 26 -3.04 -7.37 -4.02
N TYR A 27 -4.08 -7.81 -3.30
CA TYR A 27 -4.84 -6.99 -2.35
C TYR A 27 -4.56 -7.53 -0.94
N ALA A 28 -4.18 -6.63 -0.03
CA ALA A 28 -3.96 -6.95 1.39
C ALA A 28 -4.81 -6.00 2.23
N THR A 29 -5.60 -6.57 3.15
CA THR A 29 -6.45 -5.81 4.07
C THR A 29 -5.58 -5.01 5.07
N LEU A 30 -5.90 -3.72 5.23
CA LEU A 30 -5.19 -2.81 6.14
C LEU A 30 -6.19 -2.24 7.15
N ASP A 31 -6.04 -2.61 8.42
CA ASP A 31 -6.84 -2.02 9.51
C ASP A 31 -6.05 -0.82 10.10
N VAL A 32 -6.67 0.36 10.03
CA VAL A 32 -6.09 1.63 10.50
C VAL A 32 -7.13 2.35 11.37
N PRO A 33 -6.79 2.78 12.63
CA PRO A 33 -7.76 3.49 13.50
C PRO A 33 -8.05 4.91 12.98
N ALA A 34 -9.27 5.41 13.30
CA ALA A 34 -9.74 6.75 12.88
C ALA A 34 -8.68 7.88 13.12
N PRO A 35 -8.02 8.01 14.35
CA PRO A 35 -6.94 9.01 14.59
C PRO A 35 -5.80 8.93 13.55
N ILE A 36 -5.19 7.72 13.40
CA ILE A 36 -4.02 7.50 12.51
C ILE A 36 -4.41 7.65 11.01
N ALA A 37 -5.69 7.39 10.71
CA ALA A 37 -6.25 7.53 9.35
C ALA A 37 -6.29 9.02 8.93
N VAL A 38 -6.78 9.87 9.85
CA VAL A 38 -6.91 11.32 9.61
C VAL A 38 -5.53 12.00 9.59
N VAL A 39 -4.76 11.81 10.68
CA VAL A 39 -3.47 12.51 10.89
C VAL A 39 -2.35 11.99 9.98
N GLY A 40 -2.45 10.70 9.62
CA GLY A 40 -1.45 10.04 8.80
C GLY A 40 -0.22 9.65 9.60
N GLY A 41 -0.27 8.49 10.26
CA GLY A 41 0.82 7.99 11.09
C GLY A 41 1.42 6.70 10.54
N LYS A 42 1.48 5.66 11.39
CA LYS A 42 1.96 4.30 11.03
C LYS A 42 1.02 3.27 11.67
N VAL A 43 0.84 2.13 11.01
CA VAL A 43 0.07 0.99 11.56
C VAL A 43 0.83 -0.33 11.36
N ARG A 44 0.33 -1.37 12.03
CA ARG A 44 0.77 -2.75 11.82
C ARG A 44 0.13 -3.29 10.53
N ALA A 45 0.92 -3.98 9.69
CA ALA A 45 0.41 -4.62 8.46
C ALA A 45 1.03 -6.01 8.28
N MET A 46 0.33 -6.83 7.49
CA MET A 46 0.71 -8.23 7.24
C MET A 46 1.80 -8.29 6.16
N THR A 47 2.96 -8.84 6.54
CA THR A 47 4.11 -9.05 5.66
C THR A 47 4.70 -10.47 5.89
N LEU A 48 5.32 -11.04 4.84
CA LEU A 48 5.94 -12.39 4.86
C LEU A 48 7.04 -12.53 5.95
N GLU A 49 7.65 -11.39 6.31
CA GLU A 49 8.73 -11.30 7.31
C GLU A 49 8.17 -11.19 8.75
N GLY A 50 6.90 -10.79 8.86
CA GLY A 50 6.24 -10.53 10.14
C GLY A 50 5.44 -9.22 10.10
N PRO A 51 4.80 -8.81 11.24
CA PRO A 51 4.03 -7.55 11.30
C PRO A 51 4.96 -6.31 11.27
N VAL A 52 4.78 -5.44 10.27
CA VAL A 52 5.67 -4.28 10.03
C VAL A 52 4.94 -2.94 10.27
N GLU A 53 5.73 -1.86 10.46
CA GLU A 53 5.21 -0.48 10.59
C GLU A 53 5.18 0.18 9.21
N VAL A 54 3.96 0.44 8.71
CA VAL A 54 3.72 1.01 7.37
C VAL A 54 3.19 2.45 7.52
N ALA A 55 3.86 3.40 6.83
CA ALA A 55 3.58 4.84 6.96
C ALA A 55 2.32 5.22 6.17
N VAL A 56 1.21 5.37 6.91
CA VAL A 56 -0.12 5.73 6.39
C VAL A 56 -0.16 7.26 6.09
N PRO A 57 -0.71 7.70 4.91
CA PRO A 57 -0.85 9.15 4.59
C PRO A 57 -2.03 9.79 5.39
N PRO A 58 -2.19 11.14 5.37
CA PRO A 58 -3.42 11.77 5.94
C PRO A 58 -4.63 11.54 5.02
N ARG A 59 -5.85 11.81 5.56
CA ARG A 59 -7.13 11.72 4.80
C ARG A 59 -7.42 10.29 4.30
N THR A 60 -6.83 9.30 4.98
CA THR A 60 -7.00 7.88 4.68
C THR A 60 -8.44 7.45 5.03
N GLN A 61 -9.25 7.26 3.97
CA GLN A 61 -10.70 7.03 4.08
C GLN A 61 -11.03 5.55 3.81
N ALA A 62 -12.00 5.01 4.58
CA ALA A 62 -12.45 3.61 4.51
C ALA A 62 -13.00 3.28 3.11
N GLY A 63 -12.62 2.11 2.60
CA GLY A 63 -13.07 1.62 1.29
C GLY A 63 -12.13 1.99 0.16
N ARG A 64 -11.14 2.85 0.45
CA ARG A 64 -10.08 3.21 -0.51
C ARG A 64 -8.94 2.17 -0.44
N LYS A 65 -8.33 1.87 -1.58
CA LYS A 65 -7.23 0.91 -1.70
C LYS A 65 -5.94 1.67 -2.03
N LEU A 66 -4.88 1.40 -1.25
CA LEU A 66 -3.62 2.12 -1.31
C LEU A 66 -2.64 1.37 -2.21
N ARG A 67 -2.49 1.85 -3.46
CA ARG A 67 -1.66 1.21 -4.48
C ARG A 67 -0.16 1.39 -4.16
N LEU A 68 0.47 0.30 -3.68
CA LEU A 68 1.90 0.24 -3.44
C LEU A 68 2.54 -0.59 -4.56
N LYS A 69 3.09 0.10 -5.57
CA LYS A 69 3.70 -0.56 -6.73
C LYS A 69 5.07 -1.15 -6.38
N GLY A 70 5.41 -2.26 -7.06
CA GLY A 70 6.69 -2.93 -6.84
C GLY A 70 6.78 -3.64 -5.51
N LYS A 71 5.64 -4.19 -5.04
CA LYS A 71 5.55 -4.94 -3.76
C LYS A 71 5.13 -6.40 -3.99
N GLY A 72 4.21 -6.63 -4.95
CA GLY A 72 3.66 -7.96 -5.26
C GLY A 72 4.66 -8.93 -5.88
N PHE A 73 4.16 -9.91 -6.65
CA PHE A 73 5.01 -10.95 -7.30
C PHE A 73 5.92 -10.31 -8.38
N PRO A 74 7.19 -10.80 -8.57
CA PRO A 74 8.12 -10.28 -9.60
C PRO A 74 7.67 -10.59 -11.05
N GLY A 75 8.27 -9.88 -12.01
CA GLY A 75 8.03 -10.10 -13.43
C GLY A 75 8.69 -9.04 -14.31
N PRO A 76 8.25 -8.88 -15.59
CA PRO A 76 8.86 -7.91 -16.56
C PRO A 76 8.55 -6.43 -16.23
N ALA A 77 7.62 -6.19 -15.30
CA ALA A 77 7.26 -4.83 -14.83
C ALA A 77 7.96 -4.51 -13.49
N GLY A 78 9.03 -5.27 -13.18
CA GLY A 78 9.69 -5.21 -11.88
C GLY A 78 8.97 -6.14 -10.91
N ARG A 79 8.13 -5.57 -10.04
CA ARG A 79 7.16 -6.33 -9.25
C ARG A 79 5.77 -5.71 -9.45
N GLY A 80 4.73 -6.51 -9.16
CA GLY A 80 3.35 -6.06 -9.21
C GLY A 80 2.97 -5.10 -8.08
N ASP A 81 1.67 -4.82 -7.98
CA ASP A 81 1.13 -3.81 -7.05
C ASP A 81 0.62 -4.51 -5.78
N LEU A 82 0.38 -3.70 -4.75
CA LEU A 82 -0.20 -4.16 -3.48
C LEU A 82 -1.16 -3.09 -2.97
N TYR A 83 -2.46 -3.37 -3.09
CA TYR A 83 -3.51 -2.45 -2.66
C TYR A 83 -3.90 -2.74 -1.22
N LEU A 84 -3.58 -1.80 -0.32
CA LEU A 84 -3.91 -1.89 1.11
C LEU A 84 -5.33 -1.32 1.31
N GLU A 85 -6.25 -2.23 1.61
CA GLU A 85 -7.68 -1.93 1.74
C GLU A 85 -7.96 -1.27 3.08
N VAL A 86 -8.09 0.07 3.06
CA VAL A 86 -8.36 0.88 4.25
C VAL A 86 -9.67 0.44 4.94
N ARG A 87 -9.51 -0.15 6.13
CA ARG A 87 -10.62 -0.49 7.02
C ARG A 87 -10.45 0.36 8.29
N ILE A 88 -11.20 1.48 8.37
CA ILE A 88 -11.07 2.42 9.50
C ILE A 88 -11.76 1.82 10.73
N THR A 89 -10.97 1.62 11.78
CA THR A 89 -11.38 0.96 13.02
C THR A 89 -10.79 1.75 14.23
N MET A 1 16.54 4.89 4.14
CA MET A 1 15.50 5.05 5.19
C MET A 1 14.54 3.86 5.14
N SER A 2 14.66 2.95 6.14
CA SER A 2 13.77 1.79 6.26
C SER A 2 12.41 2.23 6.85
N GLN A 3 11.54 2.73 5.95
CA GLN A 3 10.21 3.25 6.30
C GLN A 3 9.24 2.92 5.17
N LEU A 4 8.20 2.12 5.48
CA LEU A 4 7.18 1.75 4.48
C LEU A 4 6.18 2.90 4.33
N ARG A 5 6.64 3.99 3.70
CA ARG A 5 5.82 5.20 3.49
C ARG A 5 4.89 4.98 2.29
N ILE A 6 3.60 4.71 2.60
CA ILE A 6 2.57 4.44 1.58
C ILE A 6 2.44 5.64 0.62
N ALA A 7 2.01 6.80 1.20
CA ALA A 7 1.89 8.10 0.50
C ALA A 7 1.04 8.03 -0.78
N ALA A 8 0.14 7.03 -0.85
CA ALA A 8 -0.70 6.75 -2.04
C ALA A 8 -1.92 7.70 -2.10
N TYR A 9 -2.08 8.56 -1.08
CA TYR A 9 -3.02 9.70 -1.12
C TYR A 9 -2.37 10.95 -1.74
N GLY A 10 -1.12 10.78 -2.22
CA GLY A 10 -0.41 11.78 -3.01
C GLY A 10 0.31 11.14 -4.20
N PRO A 11 0.98 11.92 -5.09
CA PRO A 11 1.74 11.38 -6.25
C PRO A 11 3.00 10.60 -5.78
N HIS A 12 2.80 9.34 -5.42
CA HIS A 12 3.89 8.45 -4.95
C HIS A 12 3.62 7.00 -5.41
N GLY A 13 4.73 6.29 -5.70
CA GLY A 13 4.71 4.94 -6.22
C GLY A 13 6.01 4.67 -6.96
N SER A 14 6.04 5.05 -8.23
CA SER A 14 7.24 4.94 -9.10
C SER A 14 6.96 5.69 -10.41
N GLY A 15 5.81 5.40 -11.01
CA GLY A 15 5.36 6.04 -12.24
C GLY A 15 4.29 5.20 -12.94
N GLY A 16 4.16 5.38 -14.26
CA GLY A 16 3.24 4.59 -15.10
C GLY A 16 3.87 3.29 -15.59
N SER A 17 5.20 3.16 -15.41
CA SER A 17 5.97 1.99 -15.83
C SER A 17 5.59 0.75 -14.99
N GLY A 18 4.75 -0.10 -15.59
CA GLY A 18 4.27 -1.33 -14.96
C GLY A 18 3.02 -1.84 -15.65
N GLY A 19 2.24 -2.63 -14.91
CA GLY A 19 0.98 -3.18 -15.42
C GLY A 19 0.11 -3.63 -14.26
N SER A 20 -0.68 -2.69 -13.72
CA SER A 20 -1.57 -2.95 -12.58
C SER A 20 -2.65 -3.99 -12.92
N GLY A 21 -2.35 -5.26 -12.62
CA GLY A 21 -3.23 -6.38 -12.91
C GLY A 21 -2.45 -7.67 -13.19
N GLY A 22 -3.15 -8.67 -13.72
CA GLY A 22 -2.57 -9.97 -14.01
C GLY A 22 -2.73 -10.93 -12.85
N SER A 23 -1.73 -10.92 -11.94
CA SER A 23 -1.63 -11.90 -10.83
C SER A 23 -0.52 -11.53 -9.82
N GLN A 24 0.46 -10.72 -10.28
CA GLN A 24 1.63 -10.32 -9.47
C GLN A 24 1.23 -9.31 -8.38
N ASP A 25 0.18 -8.54 -8.66
CA ASP A 25 -0.40 -7.58 -7.72
C ASP A 25 -1.26 -8.33 -6.68
N LEU A 26 -1.34 -7.79 -5.44
CA LEU A 26 -2.11 -8.40 -4.34
C LEU A 26 -2.92 -7.33 -3.61
N TYR A 27 -4.01 -7.77 -2.95
CA TYR A 27 -4.79 -6.94 -2.01
C TYR A 27 -4.52 -7.45 -0.58
N ALA A 28 -4.08 -6.54 0.29
CA ALA A 28 -3.74 -6.84 1.69
C ALA A 28 -4.56 -5.92 2.59
N THR A 29 -5.23 -6.50 3.60
CA THR A 29 -6.09 -5.77 4.52
C THR A 29 -5.26 -4.84 5.43
N LEU A 30 -5.53 -3.55 5.38
CA LEU A 30 -4.81 -2.55 6.19
C LEU A 30 -5.76 -2.09 7.30
N ASP A 31 -5.43 -2.48 8.53
CA ASP A 31 -6.20 -2.11 9.72
C ASP A 31 -5.66 -0.78 10.26
N VAL A 32 -6.49 0.26 10.25
CA VAL A 32 -6.11 1.60 10.70
C VAL A 32 -7.27 2.20 11.54
N PRO A 33 -6.99 2.80 12.74
CA PRO A 33 -8.01 3.57 13.48
C PRO A 33 -8.25 4.94 12.84
N ALA A 34 -9.45 5.50 13.10
CA ALA A 34 -9.87 6.81 12.57
C ALA A 34 -8.88 7.97 12.85
N PRO A 35 -8.28 8.14 14.08
CA PRO A 35 -7.27 9.21 14.33
C PRO A 35 -6.02 9.08 13.41
N ILE A 36 -5.42 7.86 13.37
CA ILE A 36 -4.23 7.55 12.54
C ILE A 36 -4.56 7.64 11.03
N ALA A 37 -5.84 7.45 10.69
CA ALA A 37 -6.31 7.56 9.31
C ALA A 37 -6.31 9.02 8.81
N VAL A 38 -6.83 9.93 9.65
CA VAL A 38 -6.94 11.36 9.31
C VAL A 38 -5.55 12.01 9.14
N VAL A 39 -4.68 11.84 10.15
CA VAL A 39 -3.35 12.50 10.19
C VAL A 39 -2.29 11.70 9.39
N GLY A 40 -2.40 10.37 9.42
CA GLY A 40 -1.36 9.50 8.87
C GLY A 40 -0.24 9.23 9.86
N GLY A 41 -0.42 8.17 10.67
CA GLY A 41 0.63 7.67 11.56
C GLY A 41 1.22 6.37 11.04
N LYS A 42 1.42 5.38 11.92
CA LYS A 42 1.86 4.02 11.55
C LYS A 42 0.91 2.99 12.17
N VAL A 43 0.65 1.89 11.45
CA VAL A 43 -0.19 0.78 11.95
C VAL A 43 0.48 -0.58 11.67
N ARG A 44 0.04 -1.61 12.38
CA ARG A 44 0.46 -3.00 12.12
C ARG A 44 -0.21 -3.53 10.84
N ALA A 45 0.58 -4.20 9.99
CA ALA A 45 0.12 -4.82 8.74
C ALA A 45 0.80 -6.17 8.55
N MET A 46 0.13 -7.09 7.86
CA MET A 46 0.68 -8.41 7.52
C MET A 46 1.59 -8.28 6.29
N THR A 47 2.85 -8.67 6.44
CA THR A 47 3.86 -8.63 5.38
C THR A 47 4.57 -10.01 5.36
N LEU A 48 5.30 -10.30 4.26
CA LEU A 48 6.11 -11.53 4.13
C LEU A 48 7.26 -11.58 5.16
N GLU A 49 7.50 -10.44 5.84
CA GLU A 49 8.50 -10.29 6.91
C GLU A 49 7.81 -10.26 8.31
N GLY A 50 6.54 -10.74 8.35
CA GLY A 50 5.74 -10.74 9.59
C GLY A 50 4.97 -9.44 9.81
N PRO A 51 4.49 -9.16 11.06
CA PRO A 51 3.79 -7.90 11.39
C PRO A 51 4.77 -6.70 11.47
N VAL A 52 4.53 -5.67 10.65
CA VAL A 52 5.39 -4.47 10.55
C VAL A 52 4.54 -3.19 10.71
N GLU A 53 5.19 -2.08 11.08
CA GLU A 53 4.54 -0.75 11.13
C GLU A 53 4.70 -0.04 9.77
N VAL A 54 3.59 0.08 9.05
CA VAL A 54 3.55 0.74 7.75
C VAL A 54 3.05 2.19 7.94
N ALA A 55 3.79 3.17 7.38
CA ALA A 55 3.46 4.59 7.50
C ALA A 55 2.23 4.96 6.66
N VAL A 56 1.09 5.04 7.34
CA VAL A 56 -0.22 5.41 6.76
C VAL A 56 -0.18 6.87 6.23
N PRO A 57 -0.78 7.17 5.03
CA PRO A 57 -0.91 8.57 4.53
C PRO A 57 -1.96 9.36 5.31
N PRO A 58 -2.05 10.71 5.15
CA PRO A 58 -3.23 11.47 5.60
C PRO A 58 -4.43 11.23 4.66
N ARG A 59 -5.62 11.74 5.05
CA ARG A 59 -6.89 11.64 4.27
C ARG A 59 -7.41 10.18 4.17
N THR A 60 -6.76 9.24 4.88
CA THR A 60 -7.01 7.80 4.73
C THR A 60 -8.48 7.46 5.07
N GLN A 61 -9.24 7.09 4.01
CA GLN A 61 -10.71 7.01 4.00
C GLN A 61 -11.18 5.58 3.76
N ALA A 62 -12.17 5.15 4.58
CA ALA A 62 -12.67 3.77 4.62
C ALA A 62 -13.24 3.31 3.27
N GLY A 63 -12.76 2.14 2.79
CA GLY A 63 -13.25 1.54 1.54
C GLY A 63 -12.34 1.83 0.35
N ARG A 64 -11.36 2.75 0.53
CA ARG A 64 -10.36 3.08 -0.51
C ARG A 64 -9.14 2.16 -0.40
N LYS A 65 -8.37 2.03 -1.50
CA LYS A 65 -7.23 1.08 -1.59
C LYS A 65 -5.98 1.78 -2.13
N LEU A 66 -4.81 1.38 -1.62
CA LEU A 66 -3.56 2.14 -1.76
C LEU A 66 -2.52 1.33 -2.54
N ARG A 67 -2.35 1.67 -3.82
CA ARG A 67 -1.51 0.93 -4.76
C ARG A 67 -0.03 1.29 -4.58
N LEU A 68 0.77 0.31 -4.12
CA LEU A 68 2.20 0.46 -3.93
C LEU A 68 2.95 -0.42 -4.94
N LYS A 69 3.38 0.20 -6.06
CA LYS A 69 4.11 -0.49 -7.14
C LYS A 69 5.45 -1.03 -6.64
N GLY A 70 5.79 -2.23 -7.12
CA GLY A 70 7.06 -2.87 -6.81
C GLY A 70 7.11 -3.58 -5.47
N LYS A 71 5.95 -3.99 -4.96
CA LYS A 71 5.82 -4.70 -3.66
C LYS A 71 5.27 -6.12 -3.84
N GLY A 72 4.47 -6.32 -4.90
CA GLY A 72 3.99 -7.66 -5.28
C GLY A 72 5.06 -8.52 -5.95
N PHE A 73 4.67 -9.66 -6.53
CA PHE A 73 5.60 -10.66 -7.13
C PHE A 73 6.33 -10.07 -8.37
N PRO A 74 7.64 -10.42 -8.60
CA PRO A 74 8.39 -10.00 -9.80
C PRO A 74 7.70 -10.46 -11.11
N GLY A 75 7.49 -9.52 -12.03
CA GLY A 75 6.77 -9.78 -13.28
C GLY A 75 7.48 -9.22 -14.50
N PRO A 76 6.89 -9.38 -15.73
CA PRO A 76 7.48 -8.90 -17.01
C PRO A 76 7.76 -7.38 -17.00
N ALA A 77 6.80 -6.59 -16.50
CA ALA A 77 6.92 -5.13 -16.43
C ALA A 77 7.45 -4.67 -15.05
N GLY A 78 8.10 -5.60 -14.33
CA GLY A 78 8.61 -5.36 -12.97
C GLY A 78 7.72 -6.00 -11.91
N ARG A 79 8.06 -5.78 -10.63
CA ARG A 79 7.29 -6.33 -9.48
C ARG A 79 5.86 -5.74 -9.46
N GLY A 80 4.90 -6.52 -8.96
CA GLY A 80 3.49 -6.14 -8.95
C GLY A 80 3.18 -5.06 -7.93
N ASP A 81 1.89 -4.78 -7.78
CA ASP A 81 1.39 -3.70 -6.92
C ASP A 81 0.94 -4.31 -5.58
N LEU A 82 0.88 -3.49 -4.53
CA LEU A 82 0.33 -3.91 -3.24
C LEU A 82 -0.76 -2.91 -2.84
N TYR A 83 -2.01 -3.33 -2.95
CA TYR A 83 -3.17 -2.50 -2.59
C TYR A 83 -3.50 -2.72 -1.11
N LEU A 84 -3.19 -1.71 -0.30
CA LEU A 84 -3.50 -1.74 1.13
C LEU A 84 -4.91 -1.18 1.33
N GLU A 85 -5.85 -2.10 1.64
CA GLU A 85 -7.27 -1.81 1.73
C GLU A 85 -7.59 -1.15 3.07
N VAL A 86 -7.85 0.17 3.00
CA VAL A 86 -8.17 0.99 4.17
C VAL A 86 -9.45 0.49 4.88
N ARG A 87 -9.26 -0.12 6.05
CA ARG A 87 -10.35 -0.53 6.95
C ARG A 87 -10.23 0.28 8.24
N ILE A 88 -10.97 1.41 8.29
CA ILE A 88 -10.99 2.31 9.44
C ILE A 88 -11.85 1.71 10.57
N THR A 89 -11.31 1.73 11.77
CA THR A 89 -11.95 1.20 12.98
C THR A 89 -12.23 2.36 13.95
N MET A 1 12.03 6.71 10.12
CA MET A 1 10.75 6.48 10.82
C MET A 1 9.81 5.68 9.90
N SER A 2 9.49 6.30 8.75
CA SER A 2 8.68 5.68 7.69
C SER A 2 9.49 4.56 7.00
N GLN A 3 9.07 3.30 7.22
CA GLN A 3 9.63 2.13 6.51
C GLN A 3 9.00 2.03 5.11
N LEU A 4 7.68 1.78 5.07
CA LEU A 4 6.91 1.79 3.81
C LEU A 4 6.04 3.05 3.77
N ARG A 5 6.52 4.09 3.06
CA ARG A 5 5.72 5.30 2.82
C ARG A 5 4.72 4.99 1.69
N ILE A 6 3.42 5.15 1.97
CA ILE A 6 2.37 4.93 0.96
C ILE A 6 2.38 6.10 -0.06
N ALA A 7 1.85 7.27 0.37
CA ALA A 7 1.76 8.51 -0.44
C ALA A 7 0.92 8.33 -1.74
N ALA A 8 0.20 7.19 -1.87
CA ALA A 8 -0.70 6.90 -3.02
C ALA A 8 -2.00 7.71 -2.92
N TYR A 9 -2.26 8.29 -1.73
CA TYR A 9 -3.34 9.27 -1.50
C TYR A 9 -3.08 10.58 -2.27
N GLY A 10 -1.82 10.79 -2.69
CA GLY A 10 -1.42 11.92 -3.54
C GLY A 10 -0.58 11.46 -4.73
N PRO A 11 -0.13 12.39 -5.62
CA PRO A 11 0.72 12.04 -6.79
C PRO A 11 2.16 11.68 -6.36
N HIS A 12 2.35 10.41 -5.92
CA HIS A 12 3.68 9.89 -5.57
C HIS A 12 4.47 9.57 -6.84
N GLY A 13 5.35 10.50 -7.23
CA GLY A 13 6.19 10.38 -8.41
C GLY A 13 6.79 11.71 -8.81
N SER A 14 7.30 11.77 -10.06
CA SER A 14 7.85 13.01 -10.66
C SER A 14 8.21 12.72 -12.14
N GLY A 15 8.76 13.73 -12.84
CA GLY A 15 9.13 13.60 -14.26
C GLY A 15 8.01 14.07 -15.17
N GLY A 16 6.94 13.26 -15.26
CA GLY A 16 5.79 13.57 -16.08
C GLY A 16 4.71 12.51 -15.97
N SER A 17 5.04 11.30 -16.48
CA SER A 17 4.17 10.11 -16.39
C SER A 17 4.97 8.86 -16.81
N GLY A 18 4.49 7.67 -16.38
CA GLY A 18 5.12 6.40 -16.68
C GLY A 18 4.24 5.49 -17.53
N GLY A 19 4.74 4.27 -17.82
CA GLY A 19 4.01 3.29 -18.62
C GLY A 19 3.11 2.40 -17.76
N SER A 20 1.97 1.95 -18.36
CA SER A 20 1.00 1.06 -17.70
C SER A 20 1.64 -0.30 -17.33
N GLY A 21 1.37 -0.78 -16.09
CA GLY A 21 1.96 -2.03 -15.59
C GLY A 21 1.33 -2.46 -14.28
N GLY A 22 0.38 -3.41 -14.38
CA GLY A 22 -0.35 -3.93 -13.21
C GLY A 22 -0.55 -5.44 -13.27
N SER A 23 0.41 -6.18 -12.66
CA SER A 23 0.38 -7.66 -12.57
C SER A 23 1.21 -8.12 -11.35
N GLN A 24 1.07 -9.42 -10.97
CA GLN A 24 1.69 -10.02 -9.75
C GLN A 24 1.19 -9.31 -8.47
N ASP A 25 -0.02 -8.74 -8.59
CA ASP A 25 -0.61 -7.83 -7.60
C ASP A 25 -1.30 -8.57 -6.45
N LEU A 26 -1.47 -7.85 -5.31
CA LEU A 26 -2.12 -8.37 -4.09
C LEU A 26 -2.93 -7.24 -3.43
N TYR A 27 -4.15 -7.57 -2.97
CA TYR A 27 -4.90 -6.72 -2.03
C TYR A 27 -4.56 -7.20 -0.60
N ALA A 28 -4.10 -6.28 0.26
CA ALA A 28 -3.74 -6.60 1.66
C ALA A 28 -4.54 -5.69 2.59
N THR A 29 -5.13 -6.29 3.64
CA THR A 29 -5.88 -5.57 4.66
C THR A 29 -4.93 -4.67 5.47
N LEU A 30 -5.23 -3.38 5.45
CA LEU A 30 -4.50 -2.36 6.21
C LEU A 30 -5.42 -1.90 7.35
N ASP A 31 -5.08 -2.28 8.59
CA ASP A 31 -5.91 -1.94 9.77
C ASP A 31 -5.34 -0.67 10.43
N VAL A 32 -6.05 0.44 10.18
CA VAL A 32 -5.64 1.78 10.60
C VAL A 32 -6.73 2.37 11.52
N PRO A 33 -6.44 2.67 12.83
CA PRO A 33 -7.45 3.22 13.77
C PRO A 33 -7.91 4.63 13.34
N ALA A 34 -9.14 5.00 13.76
CA ALA A 34 -9.78 6.30 13.44
C ALA A 34 -8.86 7.56 13.69
N PRO A 35 -8.11 7.66 14.86
CA PRO A 35 -7.17 8.81 15.07
C PRO A 35 -6.06 8.87 13.99
N ILE A 36 -5.39 7.72 13.77
CA ILE A 36 -4.27 7.60 12.81
C ILE A 36 -4.77 7.70 11.35
N ALA A 37 -6.06 7.40 11.13
CA ALA A 37 -6.68 7.50 9.80
C ALA A 37 -6.80 8.98 9.38
N VAL A 38 -7.36 9.80 10.27
CA VAL A 38 -7.60 11.22 10.01
C VAL A 38 -6.27 12.02 9.88
N VAL A 39 -5.33 11.84 10.84
CA VAL A 39 -4.07 12.64 10.88
C VAL A 39 -2.91 12.00 10.08
N GLY A 40 -2.97 10.68 9.87
CA GLY A 40 -1.86 9.92 9.25
C GLY A 40 -0.89 9.37 10.29
N GLY A 41 -0.27 8.22 9.99
CA GLY A 41 0.70 7.59 10.90
C GLY A 41 0.99 6.14 10.52
N LYS A 42 1.93 5.52 11.24
CA LYS A 42 2.36 4.13 10.97
C LYS A 42 1.36 3.14 11.62
N VAL A 43 0.98 2.08 10.86
CA VAL A 43 0.09 1.00 11.35
C VAL A 43 0.58 -0.38 10.86
N ARG A 44 -0.02 -1.44 11.41
CA ARG A 44 0.25 -2.83 11.00
C ARG A 44 -0.28 -3.10 9.57
N ALA A 45 0.58 -3.68 8.73
CA ALA A 45 0.19 -4.23 7.42
C ALA A 45 0.86 -5.60 7.23
N MET A 46 0.04 -6.64 7.10
CA MET A 46 0.52 -8.02 6.96
C MET A 46 1.13 -8.23 5.55
N THR A 47 2.46 -8.30 5.52
CA THR A 47 3.27 -8.41 4.30
C THR A 47 3.89 -9.83 4.24
N LEU A 48 4.53 -10.20 3.10
CA LEU A 48 5.15 -11.53 2.90
C LEU A 48 6.23 -11.85 3.99
N GLU A 49 6.96 -10.80 4.43
CA GLU A 49 8.01 -10.92 5.48
C GLU A 49 7.42 -10.96 6.91
N GLY A 50 6.12 -10.67 7.01
CA GLY A 50 5.42 -10.55 8.30
C GLY A 50 4.72 -9.20 8.43
N PRO A 51 4.02 -8.91 9.58
CA PRO A 51 3.38 -7.60 9.82
C PRO A 51 4.45 -6.48 9.96
N VAL A 52 4.30 -5.38 9.20
CA VAL A 52 5.28 -4.28 9.14
C VAL A 52 4.62 -2.94 9.53
N GLU A 53 5.46 -1.94 9.86
CA GLU A 53 5.00 -0.57 10.14
C GLU A 53 5.01 0.25 8.83
N VAL A 54 3.82 0.50 8.30
CA VAL A 54 3.62 1.26 7.06
C VAL A 54 3.17 2.68 7.40
N ALA A 55 3.95 3.67 6.94
CA ALA A 55 3.64 5.09 7.12
C ALA A 55 2.50 5.50 6.18
N VAL A 56 1.30 5.56 6.77
CA VAL A 56 0.07 5.96 6.08
C VAL A 56 -0.04 7.51 6.10
N PRO A 57 -0.35 8.18 4.93
CA PRO A 57 -0.64 9.64 4.90
C PRO A 57 -2.01 9.95 5.59
N PRO A 58 -2.36 11.25 5.83
CA PRO A 58 -3.69 11.64 6.39
C PRO A 58 -4.88 11.29 5.45
N ARG A 59 -6.10 11.72 5.87
CA ARG A 59 -7.37 11.67 5.07
C ARG A 59 -7.77 10.22 4.72
N THR A 60 -7.22 9.28 5.49
CA THR A 60 -7.34 7.85 5.23
C THR A 60 -8.76 7.35 5.51
N GLN A 61 -9.54 7.22 4.43
CA GLN A 61 -10.97 6.85 4.42
C GLN A 61 -11.13 5.36 4.13
N ALA A 62 -11.99 4.66 4.90
CA ALA A 62 -12.23 3.21 4.76
C ALA A 62 -12.84 2.88 3.39
N GLY A 63 -12.48 1.71 2.86
CA GLY A 63 -12.94 1.26 1.55
C GLY A 63 -11.94 1.55 0.44
N ARG A 64 -11.11 2.60 0.62
CA ARG A 64 -10.10 3.01 -0.38
C ARG A 64 -8.96 1.97 -0.47
N LYS A 65 -8.29 1.91 -1.64
CA LYS A 65 -7.15 0.98 -1.90
C LYS A 65 -6.01 1.79 -2.49
N LEU A 66 -4.78 1.43 -2.09
CA LEU A 66 -3.59 2.27 -2.31
C LEU A 66 -2.56 1.51 -3.16
N ARG A 67 -2.43 1.91 -4.45
CA ARG A 67 -1.59 1.22 -5.44
C ARG A 67 -0.10 1.49 -5.15
N LEU A 68 0.58 0.49 -4.57
CA LEU A 68 2.02 0.56 -4.27
C LEU A 68 2.76 -0.46 -5.15
N LYS A 69 3.25 0.00 -6.31
CA LYS A 69 3.95 -0.87 -7.26
C LYS A 69 5.33 -1.29 -6.71
N GLY A 70 5.74 -2.53 -7.00
CA GLY A 70 7.01 -3.08 -6.53
C GLY A 70 6.95 -3.60 -5.10
N LYS A 71 5.77 -4.07 -4.65
CA LYS A 71 5.57 -4.61 -3.27
C LYS A 71 5.02 -6.06 -3.28
N GLY A 72 4.26 -6.41 -4.35
CA GLY A 72 3.62 -7.74 -4.47
C GLY A 72 4.60 -8.89 -4.77
N PHE A 73 4.16 -9.89 -5.55
CA PHE A 73 5.03 -11.02 -5.96
C PHE A 73 6.01 -10.60 -7.08
N PRO A 74 7.24 -11.20 -7.16
CA PRO A 74 8.20 -10.94 -8.26
C PRO A 74 7.63 -11.32 -9.64
N GLY A 75 8.00 -10.52 -10.67
CA GLY A 75 7.57 -10.77 -12.05
C GLY A 75 8.36 -9.94 -13.06
N PRO A 76 7.78 -9.64 -14.27
CA PRO A 76 8.49 -8.95 -15.39
C PRO A 76 8.56 -7.41 -15.21
N ALA A 77 7.99 -6.91 -14.08
CA ALA A 77 8.01 -5.48 -13.72
C ALA A 77 8.71 -5.28 -12.36
N GLY A 78 9.55 -6.26 -11.98
CA GLY A 78 10.20 -6.28 -10.66
C GLY A 78 9.37 -7.05 -9.66
N ARG A 79 8.49 -6.34 -8.92
CA ARG A 79 7.42 -6.96 -8.10
C ARG A 79 6.07 -6.33 -8.51
N GLY A 80 4.97 -6.92 -8.03
CA GLY A 80 3.62 -6.47 -8.35
C GLY A 80 3.18 -5.26 -7.56
N ASP A 81 1.91 -4.85 -7.74
CA ASP A 81 1.33 -3.68 -7.03
C ASP A 81 0.47 -4.16 -5.86
N LEU A 82 0.75 -3.61 -4.67
CA LEU A 82 0.06 -3.96 -3.44
C LEU A 82 -0.97 -2.88 -3.16
N TYR A 83 -2.26 -3.24 -3.28
CA TYR A 83 -3.36 -2.34 -2.95
C TYR A 83 -3.64 -2.50 -1.44
N LEU A 84 -3.27 -1.48 -0.68
CA LEU A 84 -3.52 -1.47 0.77
C LEU A 84 -4.94 -0.99 1.00
N GLU A 85 -5.79 -1.97 1.32
CA GLU A 85 -7.21 -1.78 1.55
C GLU A 85 -7.41 -1.16 2.93
N VAL A 86 -7.70 0.14 2.95
CA VAL A 86 -7.98 0.90 4.16
C VAL A 86 -9.20 0.31 4.89
N ARG A 87 -8.95 -0.20 6.10
CA ARG A 87 -9.96 -0.76 7.00
C ARG A 87 -9.82 -0.03 8.34
N ILE A 88 -10.66 1.01 8.54
CA ILE A 88 -10.56 1.86 9.73
C ILE A 88 -11.14 1.14 10.94
N THR A 89 -10.28 0.94 11.96
CA THR A 89 -10.63 0.32 13.22
C THR A 89 -10.47 1.39 14.35
N MET A 1 16.68 -2.25 2.34
CA MET A 1 15.48 -1.76 3.05
C MET A 1 14.23 -2.37 2.41
N SER A 2 13.20 -2.65 3.24
CA SER A 2 11.97 -3.36 2.82
C SER A 2 11.09 -2.49 1.89
N GLN A 3 11.22 -1.15 2.04
CA GLN A 3 10.51 -0.14 1.24
C GLN A 3 8.98 -0.23 1.41
N LEU A 4 8.49 0.24 2.56
CA LEU A 4 7.04 0.32 2.88
C LEU A 4 6.46 1.69 2.46
N ARG A 5 7.24 2.46 1.69
CA ARG A 5 6.89 3.81 1.24
C ARG A 5 5.64 3.79 0.34
N ILE A 6 4.63 4.56 0.74
CA ILE A 6 3.32 4.58 0.09
C ILE A 6 3.37 5.42 -1.20
N ALA A 7 3.36 4.70 -2.34
CA ALA A 7 3.31 5.30 -3.69
C ALA A 7 1.97 6.02 -3.93
N ALA A 8 0.92 5.54 -3.26
CA ALA A 8 -0.46 6.08 -3.37
C ALA A 8 -0.63 7.42 -2.62
N TYR A 9 -1.79 8.08 -2.84
CA TYR A 9 -2.19 9.35 -2.17
C TYR A 9 -1.25 10.52 -2.56
N GLY A 10 -0.60 10.38 -3.72
CA GLY A 10 0.31 11.39 -4.25
C GLY A 10 1.00 10.88 -5.51
N PRO A 11 1.30 11.76 -6.53
CA PRO A 11 1.99 11.35 -7.76
C PRO A 11 3.44 10.89 -7.47
N HIS A 12 3.60 9.57 -7.37
CA HIS A 12 4.92 8.93 -7.21
C HIS A 12 5.67 8.94 -8.56
N GLY A 13 4.92 8.68 -9.63
CA GLY A 13 5.44 8.71 -10.99
C GLY A 13 4.37 8.34 -12.02
N SER A 14 4.79 8.17 -13.29
CA SER A 14 3.91 7.74 -14.39
C SER A 14 3.82 6.20 -14.48
N GLY A 15 4.66 5.51 -13.67
CA GLY A 15 4.71 4.05 -13.63
C GLY A 15 5.87 3.50 -14.44
N GLY A 16 7.05 3.37 -13.78
CA GLY A 16 8.23 2.73 -14.39
C GLY A 16 8.07 1.21 -14.42
N SER A 17 7.22 0.74 -15.35
CA SER A 17 6.81 -0.68 -15.47
C SER A 17 6.27 -0.95 -16.89
N GLY A 18 6.15 -2.24 -17.25
CA GLY A 18 5.60 -2.65 -18.55
C GLY A 18 5.99 -4.09 -18.89
N GLY A 19 6.91 -4.26 -19.86
CA GLY A 19 7.44 -5.58 -20.25
C GLY A 19 6.51 -6.38 -21.18
N SER A 20 5.26 -5.91 -21.33
CA SER A 20 4.18 -6.61 -22.08
C SER A 20 3.92 -8.03 -21.51
N GLY A 21 3.12 -8.08 -20.43
CA GLY A 21 2.76 -9.35 -19.79
C GLY A 21 1.59 -9.15 -18.84
N GLY A 22 1.88 -9.15 -17.52
CA GLY A 22 0.85 -8.94 -16.50
C GLY A 22 1.43 -8.32 -15.24
N SER A 23 0.56 -7.69 -14.44
CA SER A 23 0.93 -7.12 -13.13
C SER A 23 0.65 -8.17 -12.05
N GLN A 24 1.68 -8.57 -11.29
CA GLN A 24 1.55 -9.51 -10.14
C GLN A 24 1.07 -8.74 -8.88
N ASP A 25 -0.08 -8.07 -9.01
CA ASP A 25 -0.63 -7.21 -7.96
C ASP A 25 -1.58 -8.00 -7.06
N LEU A 26 -1.55 -7.69 -5.76
CA LEU A 26 -2.37 -8.37 -4.74
C LEU A 26 -3.03 -7.35 -3.81
N TYR A 27 -4.18 -7.73 -3.23
CA TYR A 27 -4.89 -6.93 -2.21
C TYR A 27 -4.64 -7.56 -0.83
N ALA A 28 -4.08 -6.76 0.09
CA ALA A 28 -3.77 -7.14 1.48
C ALA A 28 -4.43 -6.15 2.44
N THR A 29 -5.10 -6.66 3.47
CA THR A 29 -5.83 -5.85 4.46
C THR A 29 -4.87 -4.97 5.28
N LEU A 30 -5.28 -3.72 5.53
CA LEU A 30 -4.55 -2.76 6.35
C LEU A 30 -5.38 -2.43 7.61
N ASP A 31 -4.80 -2.67 8.79
CA ASP A 31 -5.45 -2.34 10.08
C ASP A 31 -5.08 -0.91 10.48
N VAL A 32 -6.03 0.03 10.36
CA VAL A 32 -5.81 1.44 10.74
C VAL A 32 -6.96 1.92 11.67
N PRO A 33 -6.65 2.58 12.83
CA PRO A 33 -7.68 3.26 13.64
C PRO A 33 -8.13 4.58 12.98
N ALA A 34 -9.34 5.01 13.36
CA ALA A 34 -9.98 6.25 12.84
C ALA A 34 -9.05 7.51 12.93
N PRO A 35 -8.37 7.84 14.11
CA PRO A 35 -7.49 9.03 14.20
C PRO A 35 -6.31 8.96 13.20
N ILE A 36 -5.57 7.83 13.22
CA ILE A 36 -4.36 7.61 12.37
C ILE A 36 -4.71 7.64 10.87
N ALA A 37 -5.97 7.30 10.54
CA ALA A 37 -6.47 7.39 9.16
C ALA A 37 -6.59 8.86 8.71
N VAL A 38 -7.28 9.68 9.52
CA VAL A 38 -7.56 11.10 9.20
C VAL A 38 -6.28 11.98 9.19
N VAL A 39 -5.40 11.81 10.21
CA VAL A 39 -4.21 12.68 10.40
C VAL A 39 -2.91 12.03 9.87
N GLY A 40 -2.90 10.69 9.73
CA GLY A 40 -1.70 9.95 9.32
C GLY A 40 -0.84 9.53 10.52
N GLY A 41 -0.22 8.34 10.43
CA GLY A 41 0.63 7.83 11.51
C GLY A 41 1.28 6.49 11.14
N LYS A 42 1.37 5.54 12.09
CA LYS A 42 1.90 4.17 11.84
C LYS A 42 0.79 3.14 12.07
N VAL A 43 0.76 2.08 11.26
CA VAL A 43 -0.27 1.02 11.32
C VAL A 43 0.35 -0.38 11.11
N ARG A 44 -0.46 -1.43 11.36
CA ARG A 44 -0.09 -2.82 11.08
C ARG A 44 -0.51 -3.21 9.65
N ALA A 45 0.48 -3.47 8.80
CA ALA A 45 0.30 -4.15 7.50
C ALA A 45 0.81 -5.58 7.65
N MET A 46 -0.04 -6.56 7.28
CA MET A 46 0.33 -7.98 7.35
C MET A 46 1.15 -8.35 6.10
N THR A 47 2.47 -8.50 6.30
CA THR A 47 3.46 -8.78 5.24
C THR A 47 4.05 -10.20 5.43
N LEU A 48 4.67 -10.76 4.38
CA LEU A 48 5.29 -12.10 4.39
C LEU A 48 6.40 -12.23 5.48
N GLU A 49 6.89 -11.09 5.99
CA GLU A 49 7.87 -11.03 7.11
C GLU A 49 7.18 -10.65 8.44
N GLY A 50 5.88 -11.01 8.57
CA GLY A 50 5.10 -10.75 9.78
C GLY A 50 4.43 -9.37 9.78
N PRO A 51 3.94 -8.88 10.96
CA PRO A 51 3.34 -7.53 11.09
C PRO A 51 4.43 -6.43 11.04
N VAL A 52 4.30 -5.51 10.07
CA VAL A 52 5.27 -4.41 9.83
C VAL A 52 4.56 -3.05 9.95
N GLU A 53 5.29 -2.01 10.43
CA GLU A 53 4.73 -0.67 10.65
C GLU A 53 4.89 0.21 9.39
N VAL A 54 3.74 0.57 8.77
CA VAL A 54 3.71 1.44 7.58
C VAL A 54 3.28 2.86 7.99
N ALA A 55 4.04 3.87 7.49
CA ALA A 55 3.75 5.28 7.71
C ALA A 55 2.63 5.73 6.74
N VAL A 56 1.41 5.80 7.27
CA VAL A 56 0.21 6.23 6.54
C VAL A 56 0.17 7.78 6.47
N PRO A 57 -0.13 8.37 5.26
CA PRO A 57 -0.36 9.84 5.11
C PRO A 57 -1.76 10.25 5.63
N PRO A 58 -2.07 11.58 5.74
CA PRO A 58 -3.45 12.04 6.07
C PRO A 58 -4.50 11.70 4.98
N ARG A 59 -5.79 12.01 5.29
CA ARG A 59 -6.95 11.89 4.36
C ARG A 59 -7.36 10.42 4.09
N THR A 60 -6.72 9.46 4.79
CA THR A 60 -6.90 8.03 4.53
C THR A 60 -8.31 7.56 4.94
N GLN A 61 -9.00 6.89 4.00
CA GLN A 61 -10.44 6.59 4.09
C GLN A 61 -10.70 5.09 3.88
N ALA A 62 -11.67 4.55 4.65
CA ALA A 62 -12.05 3.13 4.61
C ALA A 62 -12.65 2.77 3.25
N GLY A 63 -12.18 1.66 2.69
CA GLY A 63 -12.62 1.17 1.37
C GLY A 63 -11.66 1.60 0.26
N ARG A 64 -10.76 2.56 0.56
CA ARG A 64 -9.69 2.96 -0.37
C ARG A 64 -8.51 2.01 -0.21
N LYS A 65 -7.86 1.69 -1.33
CA LYS A 65 -6.71 0.79 -1.37
C LYS A 65 -5.46 1.61 -1.72
N LEU A 66 -4.39 1.42 -0.92
CA LEU A 66 -3.11 2.10 -1.15
C LEU A 66 -2.32 1.31 -2.19
N ARG A 67 -2.35 1.78 -3.45
CA ARG A 67 -1.63 1.13 -4.57
C ARG A 67 -0.11 1.38 -4.43
N LEU A 68 0.62 0.37 -3.95
CA LEU A 68 2.07 0.45 -3.74
C LEU A 68 2.78 -0.35 -4.84
N LYS A 69 3.20 0.35 -5.92
CA LYS A 69 3.96 -0.27 -7.02
C LYS A 69 5.30 -0.84 -6.53
N GLY A 70 5.70 -1.97 -7.14
CA GLY A 70 6.96 -2.64 -6.82
C GLY A 70 6.93 -3.39 -5.50
N LYS A 71 5.72 -3.69 -5.01
CA LYS A 71 5.51 -4.36 -3.70
C LYS A 71 4.73 -5.68 -3.84
N GLY A 72 4.16 -5.92 -5.03
CA GLY A 72 3.64 -7.24 -5.40
C GLY A 72 4.76 -8.20 -5.80
N PHE A 73 4.37 -9.37 -6.37
CA PHE A 73 5.36 -10.40 -6.78
C PHE A 73 6.14 -9.96 -8.05
N PRO A 74 7.38 -10.50 -8.30
CA PRO A 74 8.15 -10.21 -9.53
C PRO A 74 7.51 -10.82 -10.81
N GLY A 75 7.81 -10.19 -11.96
CA GLY A 75 7.30 -10.62 -13.27
C GLY A 75 7.95 -9.83 -14.42
N PRO A 76 7.40 -9.94 -15.68
CA PRO A 76 7.87 -9.13 -16.86
C PRO A 76 7.70 -7.61 -16.63
N ALA A 77 6.76 -7.25 -15.74
CA ALA A 77 6.48 -5.86 -15.36
C ALA A 77 7.38 -5.38 -14.20
N GLY A 78 8.53 -6.06 -13.99
CA GLY A 78 9.40 -5.79 -12.85
C GLY A 78 8.84 -6.45 -11.60
N ARG A 79 8.07 -5.68 -10.82
CA ARG A 79 7.19 -6.20 -9.75
C ARG A 79 5.79 -5.62 -9.96
N GLY A 80 4.78 -6.29 -9.37
CA GLY A 80 3.40 -5.80 -9.38
C GLY A 80 3.13 -4.78 -8.27
N ASP A 81 1.84 -4.51 -8.03
CA ASP A 81 1.37 -3.53 -7.01
C ASP A 81 0.97 -4.28 -5.73
N LEU A 82 0.84 -3.54 -4.63
CA LEU A 82 0.32 -4.08 -3.36
C LEU A 82 -0.68 -3.08 -2.80
N TYR A 83 -1.97 -3.45 -2.87
CA TYR A 83 -3.07 -2.61 -2.42
C TYR A 83 -3.34 -2.87 -0.94
N LEU A 84 -3.05 -1.87 -0.09
CA LEU A 84 -3.37 -1.95 1.34
C LEU A 84 -4.82 -1.45 1.52
N GLU A 85 -5.73 -2.41 1.74
CA GLU A 85 -7.17 -2.15 1.81
C GLU A 85 -7.50 -1.59 3.20
N VAL A 86 -7.59 -0.26 3.24
CA VAL A 86 -7.79 0.54 4.46
C VAL A 86 -9.09 0.13 5.20
N ARG A 87 -8.91 -0.51 6.37
CA ARG A 87 -9.99 -0.85 7.30
C ARG A 87 -9.92 0.10 8.51
N ILE A 88 -10.75 1.16 8.47
CA ILE A 88 -10.85 2.13 9.57
C ILE A 88 -11.68 1.55 10.71
N THR A 89 -11.10 1.57 11.91
CA THR A 89 -11.69 1.04 13.15
C THR A 89 -11.75 2.16 14.21
N MET A 1 16.58 1.32 4.08
CA MET A 1 16.35 -0.12 4.36
C MET A 1 14.86 -0.36 4.72
N SER A 2 14.06 -0.58 3.66
CA SER A 2 12.63 -0.89 3.75
C SER A 2 12.12 -1.23 2.35
N GLN A 3 11.64 -2.47 2.18
CA GLN A 3 11.02 -2.92 0.93
C GLN A 3 9.68 -2.20 0.72
N LEU A 4 8.78 -2.37 1.71
CA LEU A 4 7.43 -1.81 1.66
C LEU A 4 7.43 -0.29 1.91
N ARG A 5 6.86 0.46 0.96
CA ARG A 5 6.67 1.92 1.04
C ARG A 5 5.34 2.28 0.36
N ILE A 6 4.69 3.36 0.83
CA ILE A 6 3.40 3.82 0.27
C ILE A 6 3.61 4.87 -0.83
N ALA A 7 3.39 4.44 -2.09
CA ALA A 7 3.51 5.28 -3.30
C ALA A 7 2.19 6.03 -3.58
N ALA A 8 1.08 5.48 -3.04
CA ALA A 8 -0.27 6.06 -3.19
C ALA A 8 -0.42 7.34 -2.35
N TYR A 9 -1.49 8.12 -2.65
CA TYR A 9 -1.88 9.38 -1.92
C TYR A 9 -0.91 10.55 -2.18
N GLY A 10 0.06 10.35 -3.07
CA GLY A 10 0.92 11.43 -3.54
C GLY A 10 1.66 11.05 -4.83
N PRO A 11 0.93 10.62 -5.93
CA PRO A 11 1.57 10.26 -7.20
C PRO A 11 1.84 11.50 -8.08
N HIS A 12 2.52 11.30 -9.20
CA HIS A 12 2.85 12.37 -10.16
C HIS A 12 1.84 12.33 -11.33
N GLY A 13 0.55 12.11 -10.98
CA GLY A 13 -0.54 12.05 -11.96
C GLY A 13 -0.69 10.66 -12.58
N SER A 14 0.41 10.15 -13.18
CA SER A 14 0.46 8.85 -13.85
C SER A 14 1.94 8.41 -14.03
N GLY A 15 2.15 7.33 -14.78
CA GLY A 15 3.49 6.80 -15.06
C GLY A 15 3.47 5.71 -16.13
N GLY A 16 2.26 5.18 -16.42
CA GLY A 16 2.05 4.15 -17.43
C GLY A 16 0.76 3.38 -17.19
N SER A 17 0.74 2.09 -17.56
CA SER A 17 -0.41 1.20 -17.35
C SER A 17 -0.54 0.81 -15.86
N GLY A 18 0.61 0.80 -15.15
CA GLY A 18 0.64 0.43 -13.73
C GLY A 18 1.07 -1.03 -13.52
N GLY A 19 0.79 -1.89 -14.53
CA GLY A 19 1.13 -3.32 -14.48
C GLY A 19 0.15 -4.14 -13.65
N SER A 20 -0.91 -3.48 -13.16
CA SER A 20 -1.95 -4.09 -12.33
C SER A 20 -3.11 -4.60 -13.21
N GLY A 21 -3.41 -5.91 -13.10
CA GLY A 21 -4.50 -6.53 -13.85
C GLY A 21 -4.89 -7.89 -13.29
N GLY A 22 -4.82 -8.02 -11.96
CA GLY A 22 -5.19 -9.25 -11.24
C GLY A 22 -4.25 -10.42 -11.51
N SER A 23 -2.93 -10.18 -11.50
CA SER A 23 -1.91 -11.23 -11.76
C SER A 23 -0.65 -11.00 -10.88
N GLN A 24 0.19 -10.02 -11.25
CA GLN A 24 1.39 -9.65 -10.48
C GLN A 24 0.97 -8.92 -9.20
N ASP A 25 -0.02 -8.04 -9.36
CA ASP A 25 -0.55 -7.22 -8.27
C ASP A 25 -1.45 -8.08 -7.37
N LEU A 26 -1.45 -7.76 -6.08
CA LEU A 26 -2.25 -8.47 -5.06
C LEU A 26 -3.07 -7.49 -4.23
N TYR A 27 -4.02 -8.04 -3.49
CA TYR A 27 -4.84 -7.31 -2.51
C TYR A 27 -4.61 -7.92 -1.13
N ALA A 28 -4.64 -7.06 -0.10
CA ALA A 28 -4.46 -7.45 1.31
C ALA A 28 -5.30 -6.50 2.18
N THR A 29 -5.63 -6.92 3.40
CA THR A 29 -6.44 -6.10 4.33
C THR A 29 -5.50 -5.28 5.25
N LEU A 30 -5.76 -3.97 5.35
CA LEU A 30 -5.02 -3.05 6.24
C LEU A 30 -5.93 -2.58 7.38
N ASP A 31 -5.48 -2.76 8.62
CA ASP A 31 -6.13 -2.19 9.81
C ASP A 31 -5.49 -0.84 10.15
N VAL A 32 -6.31 0.21 10.24
CA VAL A 32 -5.88 1.56 10.64
C VAL A 32 -7.02 2.21 11.47
N PRO A 33 -6.73 2.87 12.65
CA PRO A 33 -7.75 3.61 13.41
C PRO A 33 -8.07 4.95 12.74
N ALA A 34 -9.27 5.50 13.05
CA ALA A 34 -9.77 6.76 12.47
C ALA A 34 -8.78 7.95 12.61
N PRO A 35 -8.18 8.23 13.84
CA PRO A 35 -7.17 9.31 13.99
C PRO A 35 -5.97 9.14 13.05
N ILE A 36 -5.27 7.98 13.10
CA ILE A 36 -4.07 7.70 12.26
C ILE A 36 -4.42 7.77 10.76
N ALA A 37 -5.66 7.42 10.43
CA ALA A 37 -6.17 7.45 9.04
C ALA A 37 -6.18 8.89 8.50
N VAL A 38 -6.83 9.80 9.24
CA VAL A 38 -7.07 11.19 8.77
C VAL A 38 -5.82 12.08 8.92
N VAL A 39 -5.09 11.96 10.05
CA VAL A 39 -3.92 12.83 10.34
C VAL A 39 -2.61 12.19 9.81
N GLY A 40 -2.61 10.87 9.55
CA GLY A 40 -1.40 10.14 9.18
C GLY A 40 -0.63 9.63 10.38
N GLY A 41 0.22 8.62 10.18
CA GLY A 41 1.02 8.04 11.26
C GLY A 41 1.62 6.70 10.88
N LYS A 42 1.61 5.73 11.82
CA LYS A 42 2.10 4.36 11.58
C LYS A 42 1.12 3.35 12.20
N VAL A 43 0.91 2.21 11.52
CA VAL A 43 0.08 1.10 12.04
C VAL A 43 0.83 -0.24 11.92
N ARG A 44 0.36 -1.24 12.67
CA ARG A 44 0.89 -2.60 12.61
C ARG A 44 0.15 -3.36 11.50
N ALA A 45 0.84 -3.56 10.37
CA ALA A 45 0.27 -4.17 9.16
C ALA A 45 0.75 -5.61 9.03
N MET A 46 -0.17 -6.51 8.63
CA MET A 46 0.16 -7.92 8.38
C MET A 46 0.96 -8.03 7.07
N THR A 47 2.20 -8.52 7.18
CA THR A 47 3.15 -8.65 6.06
C THR A 47 3.82 -10.04 6.12
N LEU A 48 4.29 -10.54 4.95
CA LEU A 48 4.92 -11.87 4.82
C LEU A 48 6.24 -12.00 5.63
N GLU A 49 6.86 -10.85 5.95
CA GLU A 49 8.10 -10.81 6.75
C GLU A 49 7.79 -10.61 8.26
N GLY A 50 6.50 -10.52 8.60
CA GLY A 50 6.03 -10.29 9.97
C GLY A 50 5.23 -8.98 10.10
N PRO A 51 4.52 -8.75 11.25
CA PRO A 51 3.79 -7.49 11.50
C PRO A 51 4.78 -6.30 11.66
N VAL A 52 4.63 -5.28 10.80
CA VAL A 52 5.58 -4.14 10.70
C VAL A 52 4.84 -2.80 10.80
N GLU A 53 5.57 -1.72 11.14
CA GLU A 53 5.02 -0.37 11.21
C GLU A 53 5.06 0.30 9.83
N VAL A 54 3.91 0.37 9.18
CA VAL A 54 3.76 0.99 7.84
C VAL A 54 3.27 2.43 8.02
N ALA A 55 4.03 3.40 7.46
CA ALA A 55 3.72 4.82 7.59
C ALA A 55 2.50 5.18 6.72
N VAL A 56 1.34 5.26 7.38
CA VAL A 56 0.05 5.58 6.75
C VAL A 56 0.00 7.09 6.43
N PRO A 57 -0.33 7.49 5.15
CA PRO A 57 -0.47 8.92 4.77
C PRO A 57 -1.71 9.57 5.45
N PRO A 58 -1.88 10.92 5.37
CA PRO A 58 -3.16 11.54 5.79
C PRO A 58 -4.27 11.31 4.75
N ARG A 59 -5.53 11.62 5.14
CA ARG A 59 -6.74 11.53 4.29
C ARG A 59 -7.06 10.08 3.88
N THR A 60 -6.58 9.11 4.69
CA THR A 60 -6.78 7.68 4.45
C THR A 60 -8.21 7.27 4.80
N GLN A 61 -9.07 7.29 3.77
CA GLN A 61 -10.51 6.99 3.89
C GLN A 61 -10.74 5.47 3.76
N ALA A 62 -11.75 4.97 4.50
CA ALA A 62 -12.16 3.55 4.50
C ALA A 62 -12.66 3.13 3.11
N GLY A 63 -12.27 1.92 2.68
CA GLY A 63 -12.72 1.35 1.40
C GLY A 63 -11.76 1.64 0.26
N ARG A 64 -10.84 2.61 0.48
CA ARG A 64 -9.78 2.91 -0.47
C ARG A 64 -8.69 1.83 -0.39
N LYS A 65 -8.08 1.51 -1.53
CA LYS A 65 -6.96 0.57 -1.59
C LYS A 65 -5.68 1.33 -1.92
N LEU A 66 -4.68 1.22 -1.04
CA LEU A 66 -3.38 1.87 -1.22
C LEU A 66 -2.58 1.10 -2.27
N ARG A 67 -2.50 1.63 -3.51
CA ARG A 67 -1.68 1.02 -4.57
C ARG A 67 -0.19 1.22 -4.25
N LEU A 68 0.46 0.16 -3.73
CA LEU A 68 1.90 0.18 -3.39
C LEU A 68 2.66 -0.59 -4.46
N LYS A 69 3.31 0.13 -5.37
CA LYS A 69 3.92 -0.46 -6.57
C LYS A 69 5.28 -1.10 -6.26
N GLY A 70 5.57 -2.23 -6.91
CA GLY A 70 6.84 -2.95 -6.76
C GLY A 70 6.85 -3.90 -5.57
N LYS A 71 5.66 -4.32 -5.09
CA LYS A 71 5.50 -5.13 -3.87
C LYS A 71 4.97 -6.55 -4.16
N GLY A 72 4.22 -6.72 -5.27
CA GLY A 72 3.62 -8.00 -5.65
C GLY A 72 4.64 -9.03 -6.20
N PHE A 73 4.29 -9.70 -7.31
CA PHE A 73 5.16 -10.71 -7.96
C PHE A 73 6.01 -10.05 -9.06
N PRO A 74 7.34 -10.42 -9.17
CA PRO A 74 8.26 -9.81 -10.17
C PRO A 74 7.91 -10.23 -11.62
N GLY A 75 7.77 -9.24 -12.51
CA GLY A 75 7.46 -9.48 -13.92
C GLY A 75 8.28 -8.61 -14.87
N PRO A 76 8.02 -8.66 -16.22
CA PRO A 76 8.72 -7.86 -17.25
C PRO A 76 8.51 -6.34 -17.09
N ALA A 77 7.35 -5.96 -16.54
CA ALA A 77 7.00 -4.55 -16.26
C ALA A 77 7.35 -4.17 -14.80
N GLY A 78 8.18 -5.03 -14.15
CA GLY A 78 8.57 -4.86 -12.76
C GLY A 78 7.71 -5.71 -11.82
N ARG A 79 8.05 -5.71 -10.52
CA ARG A 79 7.24 -6.33 -9.47
C ARG A 79 5.85 -5.67 -9.41
N GLY A 80 4.80 -6.46 -9.09
CA GLY A 80 3.40 -5.97 -9.14
C GLY A 80 3.07 -4.94 -8.08
N ASP A 81 1.79 -4.57 -8.00
CA ASP A 81 1.30 -3.60 -7.00
C ASP A 81 0.76 -4.36 -5.79
N LEU A 82 0.49 -3.65 -4.70
CA LEU A 82 -0.07 -4.24 -3.48
C LEU A 82 -1.08 -3.28 -2.89
N TYR A 83 -2.35 -3.65 -2.98
CA TYR A 83 -3.47 -2.83 -2.56
C TYR A 83 -3.81 -3.14 -1.10
N LEU A 84 -3.52 -2.19 -0.21
CA LEU A 84 -3.89 -2.28 1.21
C LEU A 84 -5.31 -1.69 1.40
N GLU A 85 -6.26 -2.60 1.63
CA GLU A 85 -7.70 -2.29 1.72
C GLU A 85 -7.99 -1.73 3.13
N VAL A 86 -8.12 -0.40 3.18
CA VAL A 86 -8.22 0.39 4.42
C VAL A 86 -9.50 0.06 5.23
N ARG A 87 -9.29 -0.39 6.48
CA ARG A 87 -10.36 -0.65 7.45
C ARG A 87 -10.22 0.35 8.61
N ILE A 88 -11.02 1.43 8.59
CA ILE A 88 -11.00 2.46 9.63
C ILE A 88 -11.71 1.93 10.91
N THR A 89 -10.97 1.89 12.02
CA THR A 89 -11.46 1.42 13.32
C THR A 89 -11.08 2.46 14.41
N MET A 1 15.58 -1.28 2.69
CA MET A 1 14.48 -0.29 2.78
C MET A 1 13.15 -0.87 2.24
N SER A 2 12.88 -2.15 2.57
CA SER A 2 11.68 -2.89 2.11
C SER A 2 10.38 -2.43 2.83
N GLN A 3 10.48 -1.33 3.59
CA GLN A 3 9.35 -0.65 4.23
C GLN A 3 8.29 -0.22 3.19
N LEU A 4 7.02 -0.45 3.53
CA LEU A 4 5.87 -0.02 2.71
C LEU A 4 5.55 1.46 3.01
N ARG A 5 6.32 2.35 2.37
CA ARG A 5 6.10 3.80 2.45
C ARG A 5 4.95 4.13 1.49
N ILE A 6 3.75 4.40 2.04
CA ILE A 6 2.57 4.65 1.24
C ILE A 6 2.60 6.07 0.64
N ALA A 7 2.82 6.15 -0.68
CA ALA A 7 2.77 7.42 -1.44
C ALA A 7 1.42 7.54 -2.20
N ALA A 8 0.46 6.69 -1.80
CA ALA A 8 -0.84 6.52 -2.50
C ALA A 8 -1.78 7.72 -2.29
N TYR A 9 -1.88 8.22 -1.04
CA TYR A 9 -2.63 9.46 -0.76
C TYR A 9 -1.73 10.68 -1.04
N GLY A 10 -1.96 11.27 -2.22
CA GLY A 10 -1.13 12.35 -2.76
C GLY A 10 0.00 11.83 -3.64
N PRO A 11 -0.31 11.08 -4.77
CA PRO A 11 0.74 10.50 -5.63
C PRO A 11 1.33 11.54 -6.61
N HIS A 12 2.66 11.54 -6.76
CA HIS A 12 3.37 12.45 -7.69
C HIS A 12 3.21 11.95 -9.14
N GLY A 13 3.35 10.64 -9.32
CA GLY A 13 3.27 10.00 -10.65
C GLY A 13 2.29 8.84 -10.67
N SER A 14 2.07 8.32 -11.88
CA SER A 14 1.25 7.14 -12.12
C SER A 14 1.73 6.43 -13.40
N GLY A 15 1.33 5.16 -13.58
CA GLY A 15 1.68 4.38 -14.78
C GLY A 15 2.87 3.45 -14.59
N GLY A 16 3.22 2.73 -15.67
CA GLY A 16 4.35 1.80 -15.66
C GLY A 16 5.08 1.85 -17.00
N SER A 17 4.75 0.90 -17.91
CA SER A 17 5.39 0.79 -19.23
C SER A 17 4.49 0.00 -20.21
N GLY A 18 4.22 -1.28 -19.87
CA GLY A 18 3.43 -2.16 -20.72
C GLY A 18 3.39 -3.57 -20.16
N GLY A 19 2.74 -3.73 -18.99
CA GLY A 19 2.63 -5.04 -18.31
C GLY A 19 1.60 -5.95 -18.97
N SER A 20 2.01 -6.60 -20.08
CA SER A 20 1.17 -7.55 -20.82
C SER A 20 0.89 -8.81 -19.98
N GLY A 21 -0.40 -9.09 -19.73
CA GLY A 21 -0.82 -10.18 -18.86
C GLY A 21 -0.48 -9.93 -17.38
N GLY A 22 -0.39 -8.63 -17.01
CA GLY A 22 0.00 -8.21 -15.67
C GLY A 22 -0.97 -8.68 -14.59
N SER A 23 -0.52 -9.66 -13.79
CA SER A 23 -1.32 -10.28 -12.70
C SER A 23 -0.50 -10.30 -11.39
N GLN A 24 0.54 -9.45 -11.33
CA GLN A 24 1.50 -9.40 -10.21
C GLN A 24 0.97 -8.50 -9.06
N ASP A 25 -0.25 -7.97 -9.25
CA ASP A 25 -0.92 -7.07 -8.28
C ASP A 25 -1.44 -7.90 -7.11
N LEU A 26 -1.35 -7.35 -5.89
CA LEU A 26 -1.78 -8.02 -4.64
C LEU A 26 -2.74 -7.13 -3.86
N TYR A 27 -3.50 -7.75 -2.94
CA TYR A 27 -4.39 -7.05 -2.00
C TYR A 27 -4.11 -7.57 -0.59
N ALA A 28 -3.70 -6.66 0.29
CA ALA A 28 -3.35 -6.94 1.69
C ALA A 28 -4.15 -6.01 2.61
N THR A 29 -4.76 -6.58 3.66
CA THR A 29 -5.54 -5.83 4.64
C THR A 29 -4.62 -4.88 5.44
N LEU A 30 -5.03 -3.62 5.52
CA LEU A 30 -4.35 -2.57 6.29
C LEU A 30 -5.29 -2.12 7.40
N ASP A 31 -4.95 -2.44 8.65
CA ASP A 31 -5.75 -2.04 9.81
C ASP A 31 -5.21 -0.73 10.36
N VAL A 32 -5.95 0.34 10.12
CA VAL A 32 -5.59 1.71 10.48
C VAL A 32 -6.72 2.33 11.35
N PRO A 33 -6.42 2.80 12.60
CA PRO A 33 -7.44 3.42 13.47
C PRO A 33 -7.86 4.81 12.96
N ALA A 34 -9.05 5.27 13.36
CA ALA A 34 -9.64 6.57 12.95
C ALA A 34 -8.65 7.78 13.12
N PRO A 35 -7.90 7.95 14.30
CA PRO A 35 -6.86 9.00 14.43
C PRO A 35 -5.80 8.99 13.29
N ILE A 36 -5.16 7.81 13.08
CA ILE A 36 -4.07 7.65 12.10
C ILE A 36 -4.62 7.70 10.66
N ALA A 37 -5.91 7.34 10.51
CA ALA A 37 -6.60 7.40 9.21
C ALA A 37 -6.78 8.84 8.74
N VAL A 38 -7.11 9.75 9.67
CA VAL A 38 -7.35 11.17 9.33
C VAL A 38 -6.01 11.94 9.14
N VAL A 39 -5.13 11.92 10.16
CA VAL A 39 -3.91 12.79 10.20
C VAL A 39 -2.66 12.08 9.60
N GLY A 40 -2.64 10.73 9.65
CA GLY A 40 -1.47 9.95 9.20
C GLY A 40 -0.52 9.55 10.34
N GLY A 41 0.25 8.48 10.11
CA GLY A 41 1.23 8.00 11.09
C GLY A 41 1.80 6.63 10.69
N LYS A 42 1.81 5.67 11.63
CA LYS A 42 2.27 4.28 11.40
C LYS A 42 1.25 3.31 12.04
N VAL A 43 0.98 2.19 11.38
CA VAL A 43 0.10 1.12 11.91
C VAL A 43 0.76 -0.25 11.78
N ARG A 44 0.17 -1.24 12.47
CA ARG A 44 0.53 -2.65 12.33
C ARG A 44 -0.20 -3.21 11.10
N ALA A 45 0.55 -3.47 10.02
CA ALA A 45 0.01 -4.09 8.80
C ALA A 45 0.46 -5.55 8.73
N MET A 46 -0.48 -6.45 8.42
CA MET A 46 -0.22 -7.89 8.36
C MET A 46 0.42 -8.22 7.00
N THR A 47 1.74 -8.45 7.04
CA THR A 47 2.58 -8.74 5.86
C THR A 47 3.08 -10.20 5.94
N LEU A 48 3.57 -10.75 4.80
CA LEU A 48 4.15 -12.13 4.72
C LEU A 48 5.48 -12.23 5.50
N GLU A 49 6.08 -11.08 5.79
CA GLU A 49 7.29 -10.95 6.64
C GLU A 49 6.93 -11.01 8.13
N GLY A 50 5.64 -10.73 8.41
CA GLY A 50 5.12 -10.56 9.77
C GLY A 50 4.39 -9.23 9.91
N PRO A 51 3.78 -8.92 11.09
CA PRO A 51 3.16 -7.60 11.33
C PRO A 51 4.23 -6.49 11.44
N VAL A 52 4.17 -5.47 10.57
CA VAL A 52 5.20 -4.41 10.46
C VAL A 52 4.58 -3.00 10.62
N GLU A 53 5.42 -2.01 10.94
CA GLU A 53 4.99 -0.60 11.07
C GLU A 53 5.00 0.06 9.68
N VAL A 54 3.83 0.28 9.10
CA VAL A 54 3.69 0.87 7.77
C VAL A 54 3.27 2.35 7.88
N ALA A 55 4.01 3.24 7.18
CA ALA A 55 3.74 4.69 7.18
C ALA A 55 2.50 5.01 6.34
N VAL A 56 1.38 5.22 7.05
CA VAL A 56 0.08 5.58 6.46
C VAL A 56 -0.02 7.13 6.34
N PRO A 57 -0.43 7.67 5.14
CA PRO A 57 -0.61 9.13 4.92
C PRO A 57 -1.96 9.63 5.53
N PRO A 58 -2.23 10.97 5.52
CA PRO A 58 -3.59 11.49 5.82
C PRO A 58 -4.65 11.02 4.77
N ARG A 59 -5.92 11.41 5.03
CA ARG A 59 -7.07 11.21 4.11
C ARG A 59 -7.49 9.72 3.97
N THR A 60 -6.85 8.84 4.75
CA THR A 60 -6.99 7.39 4.63
C THR A 60 -8.43 6.93 4.98
N GLN A 61 -9.22 6.75 3.90
CA GLN A 61 -10.67 6.49 3.96
C GLN A 61 -10.99 5.00 3.74
N ALA A 62 -11.99 4.49 4.50
CA ALA A 62 -12.36 3.05 4.51
C ALA A 62 -12.83 2.55 3.13
N GLY A 63 -12.43 1.30 2.80
CA GLY A 63 -12.81 0.64 1.54
C GLY A 63 -11.86 0.93 0.39
N ARG A 64 -11.07 2.02 0.50
CA ARG A 64 -10.09 2.41 -0.53
C ARG A 64 -8.84 1.54 -0.43
N LYS A 65 -8.05 1.50 -1.53
CA LYS A 65 -6.82 0.69 -1.60
C LYS A 65 -5.65 1.55 -2.02
N LEU A 66 -4.49 1.24 -1.45
CA LEU A 66 -3.30 2.07 -1.56
C LEU A 66 -2.31 1.40 -2.50
N ARG A 67 -2.31 1.88 -3.76
CA ARG A 67 -1.53 1.31 -4.85
C ARG A 67 -0.04 1.64 -4.69
N LEU A 68 0.71 0.65 -4.22
CA LEU A 68 2.15 0.74 -4.04
C LEU A 68 2.84 -0.08 -5.15
N LYS A 69 3.22 0.61 -6.24
CA LYS A 69 3.86 -0.02 -7.40
C LYS A 69 5.29 -0.48 -7.07
N GLY A 70 5.65 -1.67 -7.58
CA GLY A 70 6.94 -2.30 -7.29
C GLY A 70 6.97 -3.04 -5.96
N LYS A 71 5.78 -3.34 -5.40
CA LYS A 71 5.63 -3.98 -4.06
C LYS A 71 4.86 -5.33 -4.13
N GLY A 72 4.22 -5.61 -5.28
CA GLY A 72 3.59 -6.93 -5.55
C GLY A 72 4.62 -8.00 -5.94
N PHE A 73 4.18 -9.11 -6.56
CA PHE A 73 5.08 -10.21 -6.97
C PHE A 73 5.98 -9.81 -8.17
N PRO A 74 7.22 -10.37 -8.29
CA PRO A 74 8.09 -10.17 -9.48
C PRO A 74 7.46 -10.77 -10.76
N GLY A 75 7.63 -10.05 -11.88
CA GLY A 75 7.12 -10.45 -13.18
C GLY A 75 7.79 -9.66 -14.32
N PRO A 76 7.22 -9.69 -15.56
CA PRO A 76 7.86 -9.05 -16.75
C PRO A 76 7.95 -7.50 -16.64
N ALA A 77 7.09 -6.92 -15.78
CA ALA A 77 7.03 -5.46 -15.54
C ALA A 77 7.83 -5.06 -14.27
N GLY A 78 8.80 -5.91 -13.89
CA GLY A 78 9.61 -5.71 -12.69
C GLY A 78 8.97 -6.38 -11.47
N ARG A 79 8.23 -5.59 -10.67
CA ARG A 79 7.30 -6.09 -9.64
C ARG A 79 5.95 -5.41 -9.87
N GLY A 80 4.86 -6.08 -9.45
CA GLY A 80 3.50 -5.54 -9.58
C GLY A 80 3.15 -4.55 -8.47
N ASP A 81 1.85 -4.35 -8.22
CA ASP A 81 1.37 -3.39 -7.24
C ASP A 81 0.99 -4.11 -5.95
N LEU A 82 0.95 -3.36 -4.84
CA LEU A 82 0.46 -3.86 -3.56
C LEU A 82 -0.61 -2.89 -3.08
N TYR A 83 -1.86 -3.36 -3.12
CA TYR A 83 -3.02 -2.57 -2.69
C TYR A 83 -3.26 -2.83 -1.20
N LEU A 84 -2.96 -1.84 -0.36
CA LEU A 84 -3.25 -1.91 1.07
C LEU A 84 -4.70 -1.42 1.29
N GLU A 85 -5.60 -2.38 1.54
CA GLU A 85 -7.03 -2.11 1.69
C GLU A 85 -7.33 -1.53 3.08
N VAL A 86 -7.72 -0.26 3.10
CA VAL A 86 -8.01 0.51 4.31
C VAL A 86 -9.20 -0.08 5.10
N ARG A 87 -8.90 -0.49 6.34
CA ARG A 87 -9.88 -0.95 7.32
C ARG A 87 -9.79 -0.02 8.54
N ILE A 88 -10.67 1.00 8.59
CA ILE A 88 -10.66 2.01 9.66
C ILE A 88 -11.30 1.45 10.94
N THR A 89 -10.48 1.28 11.99
CA THR A 89 -10.91 0.80 13.31
C THR A 89 -10.69 1.93 14.35
N MET A 1 13.43 -3.82 10.05
CA MET A 1 12.80 -2.51 9.82
C MET A 1 12.90 -2.11 8.34
N SER A 2 11.74 -1.83 7.73
CA SER A 2 11.62 -1.31 6.36
C SER A 2 10.55 -0.21 6.38
N GLN A 3 10.96 1.00 5.99
CA GLN A 3 10.11 2.19 6.03
C GLN A 3 9.23 2.26 4.76
N LEU A 4 8.16 1.44 4.74
CA LEU A 4 7.15 1.47 3.67
C LEU A 4 6.35 2.78 3.77
N ARG A 5 6.81 3.79 3.01
CA ARG A 5 6.05 5.02 2.80
C ARG A 5 4.99 4.72 1.72
N ILE A 6 3.71 4.90 2.07
CA ILE A 6 2.60 4.61 1.17
C ILE A 6 2.44 5.76 0.14
N ALA A 7 1.83 6.89 0.58
CA ALA A 7 1.56 8.08 -0.27
C ALA A 7 0.83 7.74 -1.59
N ALA A 8 0.05 6.64 -1.59
CA ALA A 8 -0.54 6.03 -2.81
C ALA A 8 -1.72 6.83 -3.39
N TYR A 9 -2.09 7.95 -2.73
CA TYR A 9 -3.05 8.92 -3.26
C TYR A 9 -2.37 9.82 -4.31
N GLY A 10 -1.06 10.04 -4.15
CA GLY A 10 -0.21 10.64 -5.18
C GLY A 10 0.46 9.56 -6.04
N PRO A 11 0.91 9.88 -7.30
CA PRO A 11 1.60 8.89 -8.19
C PRO A 11 2.95 8.41 -7.57
N HIS A 12 2.96 7.15 -7.07
CA HIS A 12 4.16 6.53 -6.45
C HIS A 12 4.31 5.06 -6.92
N GLY A 13 5.56 4.59 -6.93
CA GLY A 13 5.89 3.22 -7.31
C GLY A 13 7.39 2.97 -7.36
N SER A 14 7.80 1.82 -7.92
CA SER A 14 9.23 1.51 -8.17
C SER A 14 9.69 2.16 -9.48
N GLY A 15 8.73 2.40 -10.40
CA GLY A 15 8.98 3.06 -11.69
C GLY A 15 7.96 2.65 -12.74
N GLY A 16 8.38 2.63 -14.01
CA GLY A 16 7.57 2.15 -15.13
C GLY A 16 6.95 3.27 -15.95
N SER A 17 7.41 3.44 -17.20
CA SER A 17 6.87 4.44 -18.13
C SER A 17 5.66 3.84 -18.88
N GLY A 18 4.45 4.27 -18.48
CA GLY A 18 3.19 3.77 -19.09
C GLY A 18 2.64 2.56 -18.34
N GLY A 19 3.42 1.47 -18.32
CA GLY A 19 3.06 0.23 -17.64
C GLY A 19 4.16 -0.26 -16.72
N SER A 20 3.77 -1.00 -15.67
CA SER A 20 4.67 -1.56 -14.65
C SER A 20 4.07 -2.85 -14.04
N GLY A 21 4.94 -3.78 -13.61
CA GLY A 21 4.50 -5.06 -13.06
C GLY A 21 4.02 -6.05 -14.14
N GLY A 22 2.70 -6.09 -14.37
CA GLY A 22 2.07 -6.95 -15.38
C GLY A 22 1.02 -7.88 -14.77
N SER A 23 -0.01 -7.25 -14.14
CA SER A 23 -1.12 -7.96 -13.43
C SER A 23 -0.59 -8.80 -12.24
N GLN A 24 0.64 -8.49 -11.79
CA GLN A 24 1.34 -9.23 -10.71
C GLN A 24 1.03 -8.62 -9.33
N ASP A 25 -0.09 -7.89 -9.25
CA ASP A 25 -0.50 -7.18 -8.04
C ASP A 25 -1.08 -8.15 -7.00
N LEU A 26 -1.02 -7.72 -5.74
CA LEU A 26 -1.58 -8.46 -4.59
C LEU A 26 -2.48 -7.52 -3.77
N TYR A 27 -3.46 -8.10 -3.07
CA TYR A 27 -4.31 -7.38 -2.11
C TYR A 27 -3.94 -7.84 -0.69
N ALA A 28 -4.09 -6.92 0.28
CA ALA A 28 -3.76 -7.16 1.68
C ALA A 28 -4.60 -6.22 2.55
N THR A 29 -5.16 -6.73 3.64
CA THR A 29 -6.01 -5.97 4.55
C THR A 29 -5.13 -5.09 5.47
N LEU A 30 -5.44 -3.79 5.54
CA LEU A 30 -4.66 -2.84 6.35
C LEU A 30 -5.48 -2.42 7.57
N ASP A 31 -4.97 -2.74 8.77
CA ASP A 31 -5.59 -2.39 10.04
C ASP A 31 -5.20 -0.94 10.39
N VAL A 32 -6.13 0.01 10.25
CA VAL A 32 -5.88 1.42 10.58
C VAL A 32 -7.08 2.00 11.35
N PRO A 33 -6.90 2.55 12.59
CA PRO A 33 -7.98 3.25 13.32
C PRO A 33 -8.30 4.62 12.69
N ALA A 34 -9.51 5.14 13.02
CA ALA A 34 -10.03 6.43 12.53
C ALA A 34 -9.04 7.63 12.72
N PRO A 35 -8.45 7.89 13.97
CA PRO A 35 -7.57 9.07 14.18
C PRO A 35 -6.25 8.98 13.38
N ILE A 36 -5.69 7.75 13.23
CA ILE A 36 -4.44 7.52 12.46
C ILE A 36 -4.72 7.65 10.94
N ALA A 37 -5.94 7.29 10.52
CA ALA A 37 -6.35 7.40 9.10
C ALA A 37 -6.42 8.89 8.66
N VAL A 38 -6.97 9.73 9.55
CA VAL A 38 -7.14 11.18 9.29
C VAL A 38 -5.77 11.91 9.27
N VAL A 39 -4.95 11.75 10.34
CA VAL A 39 -3.66 12.49 10.48
C VAL A 39 -2.53 11.85 9.63
N GLY A 40 -2.58 10.52 9.48
CA GLY A 40 -1.52 9.76 8.82
C GLY A 40 -0.42 9.32 9.79
N GLY A 41 -0.40 8.03 10.14
CA GLY A 41 0.63 7.47 11.04
C GLY A 41 0.93 6.01 10.71
N LYS A 42 1.81 5.38 11.51
CA LYS A 42 2.27 3.99 11.26
C LYS A 42 1.30 2.98 11.89
N VAL A 43 0.82 2.01 11.10
CA VAL A 43 -0.18 1.00 11.55
C VAL A 43 0.34 -0.43 11.33
N ARG A 44 -0.37 -1.41 11.93
CA ARG A 44 -0.07 -2.83 11.77
C ARG A 44 -0.46 -3.30 10.34
N ALA A 45 0.56 -3.53 9.50
CA ALA A 45 0.42 -4.23 8.22
C ALA A 45 0.99 -5.63 8.39
N MET A 46 0.12 -6.64 8.26
CA MET A 46 0.51 -8.05 8.38
C MET A 46 1.30 -8.46 7.11
N THR A 47 2.62 -8.60 7.30
CA THR A 47 3.60 -8.85 6.22
C THR A 47 4.17 -10.27 6.37
N LEU A 48 4.78 -10.82 5.30
CA LEU A 48 5.37 -12.19 5.28
C LEU A 48 6.44 -12.41 6.38
N GLU A 49 7.06 -11.31 6.86
CA GLU A 49 8.07 -11.36 7.94
C GLU A 49 7.42 -11.28 9.34
N GLY A 50 6.18 -10.76 9.40
CA GLY A 50 5.45 -10.53 10.65
C GLY A 50 4.69 -9.21 10.64
N PRO A 51 4.10 -8.77 11.79
CA PRO A 51 3.38 -7.49 11.87
C PRO A 51 4.37 -6.30 11.95
N VAL A 52 4.33 -5.43 10.95
CA VAL A 52 5.22 -4.26 10.85
C VAL A 52 4.40 -2.98 10.93
N GLU A 53 5.08 -1.84 11.13
CA GLU A 53 4.44 -0.52 11.20
C GLU A 53 4.77 0.28 9.92
N VAL A 54 3.75 0.38 9.05
CA VAL A 54 3.84 1.01 7.73
C VAL A 54 3.26 2.42 7.79
N ALA A 55 4.02 3.40 7.23
CA ALA A 55 3.67 4.83 7.28
C ALA A 55 2.50 5.13 6.32
N VAL A 56 1.30 5.23 6.92
CA VAL A 56 0.05 5.61 6.23
C VAL A 56 0.01 7.13 6.02
N PRO A 57 -0.44 7.65 4.81
CA PRO A 57 -0.55 9.10 4.55
C PRO A 57 -1.75 9.73 5.29
N PRO A 58 -1.87 11.10 5.35
CA PRO A 58 -3.13 11.74 5.82
C PRO A 58 -4.28 11.52 4.83
N ARG A 59 -5.51 11.93 5.22
CA ARG A 59 -6.72 11.91 4.36
C ARG A 59 -7.11 10.47 3.95
N THR A 60 -6.59 9.48 4.68
CA THR A 60 -6.83 8.06 4.44
C THR A 60 -8.24 7.68 4.92
N GLN A 61 -8.98 6.94 4.06
CA GLN A 61 -10.43 6.77 4.20
C GLN A 61 -10.84 5.32 3.90
N ALA A 62 -11.84 4.82 4.65
CA ALA A 62 -12.35 3.44 4.56
C ALA A 62 -12.89 3.14 3.16
N GLY A 63 -12.40 2.03 2.57
CA GLY A 63 -12.83 1.58 1.23
C GLY A 63 -11.80 1.90 0.15
N ARG A 64 -10.92 2.89 0.42
CA ARG A 64 -9.83 3.25 -0.49
C ARG A 64 -8.69 2.20 -0.40
N LYS A 65 -8.08 1.90 -1.54
CA LYS A 65 -6.96 0.95 -1.64
C LYS A 65 -5.66 1.71 -1.92
N LEU A 66 -4.66 1.45 -1.08
CA LEU A 66 -3.35 2.07 -1.17
C LEU A 66 -2.47 1.21 -2.07
N ARG A 67 -2.39 1.60 -3.35
CA ARG A 67 -1.72 0.84 -4.41
C ARG A 67 -0.22 1.19 -4.46
N LEU A 68 0.60 0.26 -3.97
CA LEU A 68 2.06 0.42 -3.91
C LEU A 68 2.68 -0.36 -5.09
N LYS A 69 2.95 0.35 -6.21
CA LYS A 69 3.53 -0.26 -7.42
C LYS A 69 4.98 -0.72 -7.15
N GLY A 70 5.35 -1.88 -7.71
CA GLY A 70 6.67 -2.47 -7.51
C GLY A 70 6.85 -3.16 -6.15
N LYS A 71 5.73 -3.67 -5.58
CA LYS A 71 5.71 -4.35 -4.26
C LYS A 71 5.05 -5.75 -4.30
N GLY A 72 4.31 -6.05 -5.39
CA GLY A 72 3.72 -7.38 -5.62
C GLY A 72 4.75 -8.42 -6.12
N PHE A 73 4.26 -9.44 -6.85
CA PHE A 73 5.13 -10.49 -7.45
C PHE A 73 5.93 -9.94 -8.66
N PRO A 74 7.18 -10.45 -8.91
CA PRO A 74 7.96 -10.11 -10.13
C PRO A 74 7.24 -10.49 -11.45
N GLY A 75 7.40 -9.66 -12.48
CA GLY A 75 6.70 -9.83 -13.78
C GLY A 75 7.46 -9.19 -14.94
N PRO A 76 6.84 -9.10 -16.17
CA PRO A 76 7.52 -8.59 -17.40
C PRO A 76 8.03 -7.14 -17.26
N ALA A 77 7.21 -6.30 -16.61
CA ALA A 77 7.51 -4.86 -16.44
C ALA A 77 7.98 -4.55 -14.99
N GLY A 78 8.48 -5.59 -14.30
CA GLY A 78 8.93 -5.48 -12.89
C GLY A 78 7.93 -6.10 -11.93
N ARG A 79 8.02 -5.75 -10.63
CA ARG A 79 7.09 -6.25 -9.60
C ARG A 79 5.74 -5.52 -9.73
N GLY A 80 4.64 -6.23 -9.41
CA GLY A 80 3.28 -5.67 -9.49
C GLY A 80 2.97 -4.71 -8.33
N ASP A 81 1.69 -4.54 -8.04
CA ASP A 81 1.22 -3.57 -7.03
C ASP A 81 0.97 -4.28 -5.69
N LEU A 82 0.74 -3.49 -4.63
CA LEU A 82 0.31 -4.00 -3.33
C LEU A 82 -0.80 -3.08 -2.81
N TYR A 83 -2.04 -3.56 -2.85
CA TYR A 83 -3.22 -2.80 -2.44
C TYR A 83 -3.47 -3.04 -0.95
N LEU A 84 -3.17 -2.03 -0.12
CA LEU A 84 -3.47 -2.05 1.30
C LEU A 84 -4.88 -1.46 1.48
N GLU A 85 -5.85 -2.35 1.72
CA GLU A 85 -7.27 -2.00 1.79
C GLU A 85 -7.55 -1.35 3.15
N VAL A 86 -7.74 -0.01 3.14
CA VAL A 86 -7.99 0.78 4.34
C VAL A 86 -9.27 0.32 5.07
N ARG A 87 -9.05 -0.39 6.19
CA ARG A 87 -10.12 -0.80 7.09
C ARG A 87 -10.05 0.10 8.33
N ILE A 88 -10.92 1.15 8.33
CA ILE A 88 -11.00 2.11 9.43
C ILE A 88 -11.72 1.45 10.62
N THR A 89 -10.97 1.27 11.70
CA THR A 89 -11.40 0.61 12.94
C THR A 89 -11.05 1.55 14.13
N MET A 1 10.32 5.70 9.35
CA MET A 1 10.45 4.79 8.19
C MET A 1 9.10 4.10 7.89
N SER A 2 9.04 3.49 6.70
CA SER A 2 7.89 2.70 6.25
C SER A 2 8.39 1.68 5.22
N GLN A 3 8.24 0.38 5.53
CA GLN A 3 8.61 -0.71 4.61
C GLN A 3 7.81 -0.59 3.29
N LEU A 4 6.53 -0.24 3.46
CA LEU A 4 5.59 -0.03 2.35
C LEU A 4 5.38 1.47 2.15
N ARG A 5 6.20 2.08 1.26
CA ARG A 5 6.09 3.52 0.91
C ARG A 5 4.75 3.76 0.20
N ILE A 6 3.84 4.48 0.89
CA ILE A 6 2.46 4.66 0.40
C ILE A 6 2.39 5.79 -0.64
N ALA A 7 2.34 7.06 -0.17
CA ALA A 7 2.29 8.26 -1.05
C ALA A 7 1.15 8.17 -2.10
N ALA A 8 0.07 7.45 -1.73
CA ALA A 8 -1.08 7.20 -2.60
C ALA A 8 -2.07 8.40 -2.59
N TYR A 9 -3.18 8.24 -3.35
CA TYR A 9 -4.20 9.28 -3.60
C TYR A 9 -3.61 10.42 -4.47
N GLY A 10 -2.70 10.01 -5.36
CA GLY A 10 -2.00 10.91 -6.28
C GLY A 10 -0.96 10.16 -7.10
N PRO A 11 -0.21 10.84 -8.02
CA PRO A 11 0.91 10.22 -8.76
C PRO A 11 2.04 9.82 -7.79
N HIS A 12 2.23 8.50 -7.59
CA HIS A 12 3.30 7.96 -6.72
C HIS A 12 4.68 8.23 -7.35
N GLY A 13 4.78 7.99 -8.67
CA GLY A 13 6.01 8.23 -9.45
C GLY A 13 6.54 6.96 -10.10
N SER A 14 5.70 5.92 -10.15
CA SER A 14 6.09 4.56 -10.63
C SER A 14 6.12 4.48 -12.17
N GLY A 15 6.89 3.50 -12.70
CA GLY A 15 7.05 3.32 -14.16
C GLY A 15 7.65 1.95 -14.49
N GLY A 16 6.78 1.01 -14.90
CA GLY A 16 7.19 -0.35 -15.28
C GLY A 16 5.99 -1.21 -15.65
N SER A 17 5.71 -1.30 -16.96
CA SER A 17 4.54 -2.01 -17.51
C SER A 17 4.95 -2.80 -18.76
N GLY A 18 4.35 -3.99 -18.96
CA GLY A 18 4.62 -4.84 -20.11
C GLY A 18 4.17 -6.27 -19.87
N GLY A 19 5.04 -7.06 -19.22
CA GLY A 19 4.76 -8.46 -18.90
C GLY A 19 4.12 -8.63 -17.52
N SER A 20 2.79 -8.46 -17.45
CA SER A 20 2.02 -8.61 -16.19
C SER A 20 0.98 -9.72 -16.33
N GLY A 21 0.80 -10.50 -15.25
CA GLY A 21 -0.17 -11.59 -15.20
C GLY A 21 0.05 -12.50 -13.99
N GLY A 22 -0.89 -13.44 -13.77
CA GLY A 22 -0.83 -14.39 -12.66
C GLY A 22 -1.38 -13.79 -11.37
N SER A 23 -0.47 -13.31 -10.51
CA SER A 23 -0.82 -12.72 -9.20
C SER A 23 0.25 -11.69 -8.78
N GLN A 24 0.81 -10.95 -9.75
CA GLN A 24 1.83 -9.89 -9.48
C GLN A 24 1.27 -8.80 -8.55
N ASP A 25 0.03 -8.36 -8.81
CA ASP A 25 -0.68 -7.40 -7.93
C ASP A 25 -1.48 -8.18 -6.86
N LEU A 26 -1.40 -7.73 -5.59
CA LEU A 26 -1.95 -8.45 -4.42
C LEU A 26 -2.77 -7.47 -3.55
N TYR A 27 -4.01 -7.87 -3.21
CA TYR A 27 -4.87 -7.11 -2.27
C TYR A 27 -4.67 -7.67 -0.85
N ALA A 28 -4.20 -6.81 0.07
CA ALA A 28 -3.93 -7.15 1.47
C ALA A 28 -4.59 -6.10 2.38
N THR A 29 -5.37 -6.57 3.35
CA THR A 29 -6.13 -5.71 4.28
C THR A 29 -5.19 -4.95 5.23
N LEU A 30 -5.42 -3.63 5.33
CA LEU A 30 -4.70 -2.72 6.21
C LEU A 30 -5.65 -2.27 7.32
N ASP A 31 -5.34 -2.62 8.57
CA ASP A 31 -6.12 -2.20 9.74
C ASP A 31 -5.51 -0.90 10.29
N VAL A 32 -6.25 0.19 10.11
CA VAL A 32 -5.84 1.54 10.52
C VAL A 32 -7.00 2.19 11.31
N PRO A 33 -6.78 2.64 12.59
CA PRO A 33 -7.84 3.32 13.37
C PRO A 33 -8.20 4.70 12.80
N ALA A 34 -9.43 5.16 13.11
CA ALA A 34 -9.97 6.46 12.66
C ALA A 34 -8.99 7.68 12.88
N PRO A 35 -8.33 7.85 14.09
CA PRO A 35 -7.34 8.95 14.30
C PRO A 35 -6.17 8.88 13.28
N ILE A 36 -5.52 7.70 13.18
CA ILE A 36 -4.32 7.50 12.31
C ILE A 36 -4.69 7.62 10.81
N ALA A 37 -5.93 7.26 10.48
CA ALA A 37 -6.45 7.32 9.11
C ALA A 37 -6.55 8.79 8.62
N VAL A 38 -7.25 9.61 9.40
CA VAL A 38 -7.55 11.01 9.02
C VAL A 38 -6.28 11.90 9.10
N VAL A 39 -5.59 11.91 10.26
CA VAL A 39 -4.46 12.84 10.50
C VAL A 39 -3.09 12.25 10.07
N GLY A 40 -2.97 10.91 10.03
CA GLY A 40 -1.69 10.25 9.71
C GLY A 40 -0.96 9.76 10.95
N GLY A 41 -0.31 8.59 10.82
CA GLY A 41 0.51 8.00 11.89
C GLY A 41 1.21 6.75 11.42
N LYS A 42 1.31 5.72 12.29
CA LYS A 42 1.89 4.41 11.94
C LYS A 42 0.97 3.29 12.44
N VAL A 43 0.86 2.21 11.66
CA VAL A 43 0.12 0.99 12.05
C VAL A 43 1.00 -0.25 11.84
N ARG A 44 0.53 -1.38 12.36
CA ARG A 44 1.12 -2.70 12.15
C ARG A 44 0.31 -3.42 11.05
N ALA A 45 0.95 -3.64 9.89
CA ALA A 45 0.33 -4.29 8.73
C ALA A 45 0.82 -5.75 8.66
N MET A 46 -0.06 -6.65 8.22
CA MET A 46 0.26 -8.08 8.10
C MET A 46 0.78 -8.36 6.68
N THR A 47 2.11 -8.53 6.57
CA THR A 47 2.82 -8.78 5.31
C THR A 47 3.52 -10.16 5.39
N LEU A 48 3.95 -10.73 4.23
CA LEU A 48 4.74 -11.99 4.18
C LEU A 48 6.08 -11.88 4.97
N GLU A 49 6.52 -10.62 5.19
CA GLU A 49 7.73 -10.28 5.97
C GLU A 49 7.46 -10.29 7.50
N GLY A 50 6.24 -10.68 7.89
CA GLY A 50 5.79 -10.65 9.29
C GLY A 50 4.97 -9.42 9.60
N PRO A 51 4.76 -9.06 10.90
CA PRO A 51 4.10 -7.80 11.28
C PRO A 51 5.08 -6.61 11.05
N VAL A 52 4.70 -5.68 10.16
CA VAL A 52 5.59 -4.58 9.72
C VAL A 52 5.01 -3.20 10.09
N GLU A 53 5.90 -2.21 10.27
CA GLU A 53 5.53 -0.84 10.62
C GLU A 53 5.42 0.00 9.34
N VAL A 54 4.19 0.41 9.00
CA VAL A 54 3.89 1.21 7.82
C VAL A 54 3.41 2.60 8.26
N ALA A 55 4.20 3.64 7.91
CA ALA A 55 3.83 5.04 8.15
C ALA A 55 2.68 5.44 7.21
N VAL A 56 1.47 5.46 7.77
CA VAL A 56 0.25 5.85 7.05
C VAL A 56 0.19 7.39 6.95
N PRO A 57 0.13 7.98 5.70
CA PRO A 57 -0.08 9.45 5.51
C PRO A 57 -1.55 9.85 5.83
N PRO A 58 -1.90 11.16 5.92
CA PRO A 58 -3.31 11.62 6.12
C PRO A 58 -4.27 11.27 4.95
N ARG A 59 -5.56 11.60 5.15
CA ARG A 59 -6.66 11.48 4.13
C ARG A 59 -7.05 10.02 3.83
N THR A 60 -6.57 9.09 4.68
CA THR A 60 -6.73 7.64 4.48
C THR A 60 -8.19 7.21 4.76
N GLN A 61 -8.99 7.17 3.68
CA GLN A 61 -10.45 6.94 3.71
C GLN A 61 -10.78 5.44 3.56
N ALA A 62 -11.78 4.96 4.35
CA ALA A 62 -12.19 3.55 4.40
C ALA A 62 -12.74 3.06 3.05
N GLY A 63 -12.35 1.83 2.69
CA GLY A 63 -12.77 1.20 1.43
C GLY A 63 -11.78 1.42 0.30
N ARG A 64 -10.96 2.50 0.41
CA ARG A 64 -9.89 2.79 -0.56
C ARG A 64 -8.74 1.80 -0.39
N LYS A 65 -8.12 1.46 -1.51
CA LYS A 65 -6.90 0.65 -1.54
C LYS A 65 -5.71 1.58 -1.84
N LEU A 66 -4.60 1.35 -1.16
CA LEU A 66 -3.36 2.08 -1.39
C LEU A 66 -2.55 1.30 -2.42
N ARG A 67 -2.60 1.72 -3.68
CA ARG A 67 -1.87 1.05 -4.78
C ARG A 67 -0.38 1.35 -4.67
N LEU A 68 0.37 0.37 -4.13
CA LEU A 68 1.81 0.50 -3.90
C LEU A 68 2.53 -0.27 -5.01
N LYS A 69 2.78 0.43 -6.11
CA LYS A 69 3.37 -0.15 -7.32
C LYS A 69 4.83 -0.55 -7.06
N GLY A 70 5.15 -1.80 -7.42
CA GLY A 70 6.47 -2.37 -7.17
C GLY A 70 6.61 -2.98 -5.76
N LYS A 71 5.48 -3.44 -5.19
CA LYS A 71 5.45 -4.05 -3.83
C LYS A 71 4.80 -5.46 -3.82
N GLY A 72 4.23 -5.89 -4.95
CA GLY A 72 3.67 -7.25 -5.11
C GLY A 72 4.72 -8.27 -5.55
N PHE A 73 4.28 -9.37 -6.20
CA PHE A 73 5.20 -10.41 -6.72
C PHE A 73 5.98 -9.87 -7.95
N PRO A 74 7.32 -10.20 -8.07
CA PRO A 74 8.12 -9.82 -9.26
C PRO A 74 7.65 -10.56 -10.53
N GLY A 75 7.89 -9.92 -11.68
CA GLY A 75 7.56 -10.48 -12.99
C GLY A 75 8.35 -9.79 -14.11
N PRO A 76 8.03 -10.05 -15.41
CA PRO A 76 8.70 -9.40 -16.57
C PRO A 76 8.50 -7.86 -16.59
N ALA A 77 7.34 -7.38 -16.11
CA ALA A 77 7.02 -5.94 -16.00
C ALA A 77 7.53 -5.34 -14.67
N GLY A 78 8.21 -6.16 -13.87
CA GLY A 78 8.66 -5.79 -12.53
C GLY A 78 7.74 -6.33 -11.46
N ARG A 79 7.90 -5.85 -10.22
CA ARG A 79 7.01 -6.18 -9.09
C ARG A 79 5.64 -5.50 -9.31
N GLY A 80 4.55 -6.23 -8.99
CA GLY A 80 3.18 -5.71 -9.16
C GLY A 80 2.77 -4.72 -8.08
N ASP A 81 1.46 -4.45 -7.99
CA ASP A 81 0.91 -3.41 -7.09
C ASP A 81 0.36 -4.07 -5.83
N LEU A 82 0.76 -3.59 -4.66
CA LEU A 82 0.24 -4.08 -3.38
C LEU A 82 -0.84 -3.12 -2.90
N TYR A 83 -2.10 -3.55 -2.98
CA TYR A 83 -3.26 -2.74 -2.61
C TYR A 83 -3.53 -2.93 -1.11
N LEU A 84 -3.24 -1.90 -0.30
CA LEU A 84 -3.55 -1.92 1.14
C LEU A 84 -4.98 -1.43 1.33
N GLU A 85 -5.88 -2.37 1.62
CA GLU A 85 -7.32 -2.13 1.72
C GLU A 85 -7.61 -1.45 3.07
N VAL A 86 -7.65 -0.11 3.05
CA VAL A 86 -7.91 0.74 4.22
C VAL A 86 -9.21 0.33 4.92
N ARG A 87 -9.05 -0.20 6.14
CA ARG A 87 -10.16 -0.56 7.01
C ARG A 87 -10.07 0.30 8.26
N ILE A 88 -10.89 1.35 8.32
CA ILE A 88 -10.92 2.30 9.42
C ILE A 88 -11.64 1.67 10.62
N THR A 89 -10.84 1.31 11.62
CA THR A 89 -11.28 0.66 12.86
C THR A 89 -10.89 1.57 14.06
N MET A 1 14.35 6.46 7.34
CA MET A 1 13.66 7.38 6.39
C MET A 1 12.47 6.65 5.74
N SER A 2 12.78 5.64 4.90
CA SER A 2 11.78 4.85 4.18
C SER A 2 11.17 3.75 5.09
N GLN A 3 10.37 4.18 6.07
CA GLN A 3 9.62 3.31 7.00
C GLN A 3 8.26 2.94 6.38
N LEU A 4 8.34 2.39 5.15
CA LEU A 4 7.18 2.02 4.33
C LEU A 4 6.23 3.21 4.17
N ARG A 5 6.78 4.30 3.60
CA ARG A 5 6.02 5.52 3.29
C ARG A 5 5.04 5.22 2.16
N ILE A 6 3.76 5.00 2.51
CA ILE A 6 2.68 4.70 1.56
C ILE A 6 2.52 5.85 0.54
N ALA A 7 2.00 7.01 1.03
CA ALA A 7 1.84 8.25 0.22
C ALA A 7 1.05 8.00 -1.10
N ALA A 8 0.14 7.00 -1.07
CA ALA A 8 -0.61 6.52 -2.26
C ALA A 8 -1.57 7.58 -2.82
N TYR A 9 -2.11 8.42 -1.92
CA TYR A 9 -2.88 9.60 -2.30
C TYR A 9 -1.90 10.67 -2.81
N GLY A 10 -1.61 10.60 -4.11
CA GLY A 10 -0.70 11.54 -4.75
C GLY A 10 -0.66 11.37 -6.27
N PRO A 11 -0.32 12.45 -7.04
CA PRO A 11 -0.25 12.39 -8.53
C PRO A 11 0.86 11.42 -9.04
N HIS A 12 1.80 11.06 -8.16
CA HIS A 12 2.97 10.22 -8.49
C HIS A 12 2.63 8.71 -8.54
N GLY A 13 1.32 8.36 -8.53
CA GLY A 13 0.86 6.97 -8.69
C GLY A 13 1.16 6.38 -10.08
N SER A 14 1.22 7.27 -11.08
CA SER A 14 1.62 6.91 -12.46
C SER A 14 3.16 6.91 -12.57
N GLY A 15 3.71 5.93 -13.32
CA GLY A 15 5.17 5.80 -13.49
C GLY A 15 5.56 4.44 -14.03
N GLY A 16 4.72 3.42 -13.74
CA GLY A 16 4.99 2.03 -14.15
C GLY A 16 4.82 1.82 -15.65
N SER A 17 5.48 0.78 -16.19
CA SER A 17 5.49 0.47 -17.64
C SER A 17 4.06 0.16 -18.17
N GLY A 18 3.30 -0.62 -17.41
CA GLY A 18 1.93 -0.99 -17.77
C GLY A 18 1.19 -1.64 -16.60
N GLY A 19 -0.14 -1.45 -16.57
CA GLY A 19 -0.99 -2.00 -15.50
C GLY A 19 -1.72 -3.25 -15.96
N SER A 20 -0.95 -4.34 -16.19
CA SER A 20 -1.48 -5.63 -16.65
C SER A 20 -0.77 -6.76 -15.87
N GLY A 21 -1.56 -7.57 -15.13
CA GLY A 21 -1.05 -8.72 -14.41
C GLY A 21 -2.13 -9.77 -14.21
N GLY A 22 -3.12 -9.43 -13.36
CA GLY A 22 -4.18 -10.37 -12.95
C GLY A 22 -3.70 -11.39 -11.92
N SER A 23 -2.49 -11.19 -11.40
CA SER A 23 -1.84 -12.14 -10.46
C SER A 23 -0.81 -11.39 -9.59
N GLN A 24 0.06 -10.61 -10.25
CA GLN A 24 1.16 -9.87 -9.60
C GLN A 24 0.61 -8.72 -8.75
N ASP A 25 -0.40 -8.04 -9.28
CA ASP A 25 -1.15 -7.01 -8.55
C ASP A 25 -2.12 -7.71 -7.58
N LEU A 26 -2.13 -7.25 -6.33
CA LEU A 26 -2.87 -7.91 -5.23
C LEU A 26 -3.67 -6.88 -4.42
N TYR A 27 -4.57 -7.39 -3.57
CA TYR A 27 -5.26 -6.59 -2.54
C TYR A 27 -4.93 -7.22 -1.18
N ALA A 28 -4.43 -6.40 -0.24
CA ALA A 28 -4.10 -6.84 1.13
C ALA A 28 -4.85 -5.96 2.13
N THR A 29 -5.59 -6.60 3.06
CA THR A 29 -6.40 -5.93 4.07
C THR A 29 -5.52 -5.17 5.07
N LEU A 30 -5.70 -3.85 5.12
CA LEU A 30 -4.95 -2.96 6.02
C LEU A 30 -5.92 -2.45 7.11
N ASP A 31 -5.74 -2.87 8.35
CA ASP A 31 -6.52 -2.36 9.48
C ASP A 31 -5.79 -1.10 10.03
N VAL A 32 -6.53 -0.01 10.15
CA VAL A 32 -6.03 1.30 10.59
C VAL A 32 -7.10 1.97 11.47
N PRO A 33 -6.78 2.44 12.72
CA PRO A 33 -7.75 3.16 13.56
C PRO A 33 -8.07 4.55 12.97
N ALA A 34 -9.27 5.07 13.31
CA ALA A 34 -9.77 6.39 12.87
C ALA A 34 -8.72 7.54 13.03
N PRO A 35 -8.06 7.74 14.24
CA PRO A 35 -7.07 8.84 14.40
C PRO A 35 -5.86 8.72 13.44
N ILE A 36 -5.27 7.51 13.36
CA ILE A 36 -4.07 7.23 12.54
C ILE A 36 -4.40 7.34 11.03
N ALA A 37 -5.66 7.10 10.66
CA ALA A 37 -6.14 7.23 9.28
C ALA A 37 -6.20 8.71 8.85
N VAL A 38 -6.80 9.55 9.72
CA VAL A 38 -7.02 11.00 9.44
C VAL A 38 -5.68 11.77 9.39
N VAL A 39 -4.84 11.57 10.40
CA VAL A 39 -3.57 12.32 10.53
C VAL A 39 -2.45 11.67 9.69
N GLY A 40 -2.53 10.34 9.50
CA GLY A 40 -1.49 9.58 8.82
C GLY A 40 -0.34 9.27 9.76
N GLY A 41 -0.45 8.15 10.50
CA GLY A 41 0.56 7.72 11.46
C GLY A 41 1.26 6.45 11.00
N LYS A 42 1.22 5.39 11.85
CA LYS A 42 1.79 4.06 11.53
C LYS A 42 0.81 2.97 11.99
N VAL A 43 0.81 1.83 11.28
CA VAL A 43 -0.06 0.66 11.64
C VAL A 43 0.73 -0.66 11.55
N ARG A 44 0.18 -1.72 12.16
CA ARG A 44 0.75 -3.08 12.09
C ARG A 44 0.18 -3.79 10.84
N ALA A 45 1.01 -3.96 9.81
CA ALA A 45 0.61 -4.63 8.56
C ALA A 45 1.31 -5.98 8.43
N MET A 46 0.64 -6.92 7.71
CA MET A 46 1.16 -8.27 7.45
C MET A 46 2.10 -8.22 6.25
N THR A 47 3.39 -8.44 6.52
CA THR A 47 4.46 -8.38 5.51
C THR A 47 5.27 -9.70 5.58
N LEU A 48 6.25 -9.88 4.67
CA LEU A 48 7.04 -11.13 4.56
C LEU A 48 7.80 -11.49 5.86
N GLU A 49 8.37 -10.46 6.50
CA GLU A 49 9.10 -10.60 7.79
C GLU A 49 8.15 -10.65 9.00
N GLY A 50 6.84 -10.48 8.72
CA GLY A 50 5.80 -10.50 9.76
C GLY A 50 5.18 -9.13 9.98
N PRO A 51 4.66 -8.84 11.22
CA PRO A 51 4.07 -7.52 11.55
C PRO A 51 5.12 -6.38 11.53
N VAL A 52 4.84 -5.31 10.77
CA VAL A 52 5.74 -4.13 10.65
C VAL A 52 4.95 -2.83 10.89
N GLU A 53 5.67 -1.73 11.17
CA GLU A 53 5.06 -0.39 11.33
C GLU A 53 5.13 0.40 9.99
N VAL A 54 3.97 0.51 9.32
CA VAL A 54 3.86 1.11 7.99
C VAL A 54 3.35 2.55 8.11
N ALA A 55 4.08 3.50 7.51
CA ALA A 55 3.75 4.93 7.59
C ALA A 55 2.57 5.27 6.65
N VAL A 56 1.38 5.37 7.28
CA VAL A 56 0.09 5.69 6.64
C VAL A 56 0.07 7.18 6.15
N PRO A 57 -0.53 7.52 4.96
CA PRO A 57 -0.70 8.93 4.52
C PRO A 57 -1.86 9.62 5.29
N PRO A 58 -1.97 10.97 5.30
CA PRO A 58 -3.15 11.65 5.87
C PRO A 58 -4.38 11.48 4.96
N ARG A 59 -5.58 11.70 5.54
CA ARG A 59 -6.89 11.66 4.84
C ARG A 59 -7.27 10.22 4.39
N THR A 60 -6.57 9.21 4.94
CA THR A 60 -6.78 7.79 4.61
C THR A 60 -8.22 7.36 5.00
N GLN A 61 -9.03 7.04 3.97
CA GLN A 61 -10.49 6.84 4.10
C GLN A 61 -10.86 5.37 3.85
N ALA A 62 -11.81 4.85 4.64
CA ALA A 62 -12.26 3.45 4.56
C ALA A 62 -12.90 3.14 3.21
N GLY A 63 -12.67 1.91 2.73
CA GLY A 63 -13.19 1.45 1.45
C GLY A 63 -12.27 1.79 0.27
N ARG A 64 -11.42 2.82 0.43
CA ARG A 64 -10.40 3.19 -0.55
C ARG A 64 -9.20 2.24 -0.41
N LYS A 65 -8.49 1.99 -1.52
CA LYS A 65 -7.28 1.14 -1.54
C LYS A 65 -6.06 1.99 -1.90
N LEU A 66 -4.93 1.67 -1.25
CA LEU A 66 -3.68 2.39 -1.40
C LEU A 66 -2.77 1.63 -2.36
N ARG A 67 -2.73 2.09 -3.64
CA ARG A 67 -1.97 1.40 -4.70
C ARG A 67 -0.47 1.68 -4.53
N LEU A 68 0.30 0.63 -4.22
CA LEU A 68 1.76 0.72 -4.02
C LEU A 68 2.47 -0.20 -5.02
N LYS A 69 3.01 0.40 -6.09
CA LYS A 69 3.67 -0.34 -7.18
C LYS A 69 4.96 -1.03 -6.71
N GLY A 70 5.17 -2.26 -7.19
CA GLY A 70 6.37 -3.04 -6.86
C GLY A 70 6.29 -3.80 -5.55
N LYS A 71 5.09 -3.86 -4.93
CA LYS A 71 4.90 -4.52 -3.62
C LYS A 71 4.21 -5.89 -3.75
N GLY A 72 3.59 -6.15 -4.92
CA GLY A 72 3.00 -7.46 -5.24
C GLY A 72 4.04 -8.47 -5.73
N PHE A 73 3.57 -9.55 -6.40
CA PHE A 73 4.44 -10.63 -6.92
C PHE A 73 5.38 -10.12 -8.05
N PRO A 74 6.60 -10.74 -8.23
CA PRO A 74 7.53 -10.38 -9.31
C PRO A 74 6.96 -10.68 -10.73
N GLY A 75 7.02 -9.67 -11.60
CA GLY A 75 6.60 -9.80 -13.00
C GLY A 75 7.78 -10.04 -13.94
N PRO A 76 7.66 -9.70 -15.25
CA PRO A 76 8.76 -9.86 -16.24
C PRO A 76 10.03 -9.06 -15.85
N ALA A 77 9.89 -7.72 -15.76
CA ALA A 77 10.99 -6.80 -15.38
C ALA A 77 10.63 -5.95 -14.14
N GLY A 78 9.33 -5.97 -13.77
CA GLY A 78 8.82 -5.18 -12.64
C GLY A 78 7.75 -5.94 -11.87
N ARG A 79 7.71 -5.71 -10.54
CA ARG A 79 6.72 -6.34 -9.64
C ARG A 79 5.33 -5.68 -9.82
N GLY A 80 4.28 -6.37 -9.34
CA GLY A 80 2.91 -5.84 -9.39
C GLY A 80 2.62 -4.82 -8.30
N ASP A 81 1.44 -4.22 -8.35
CA ASP A 81 1.02 -3.13 -7.43
C ASP A 81 0.04 -3.67 -6.38
N LEU A 82 0.33 -3.35 -5.10
CA LEU A 82 -0.40 -3.87 -3.95
C LEU A 82 -1.35 -2.79 -3.43
N TYR A 83 -2.64 -3.09 -3.48
CA TYR A 83 -3.70 -2.22 -2.99
C TYR A 83 -3.93 -2.54 -1.51
N LEU A 84 -3.59 -1.61 -0.62
CA LEU A 84 -3.85 -1.76 0.82
C LEU A 84 -5.27 -1.26 1.11
N GLU A 85 -6.14 -2.21 1.46
CA GLU A 85 -7.56 -1.96 1.68
C GLU A 85 -7.75 -1.27 3.03
N VAL A 86 -7.95 0.04 2.99
CA VAL A 86 -8.18 0.84 4.21
C VAL A 86 -9.45 0.37 4.94
N ARG A 87 -9.25 -0.24 6.12
CA ARG A 87 -10.33 -0.69 7.00
C ARG A 87 -10.26 0.17 8.26
N ILE A 88 -11.03 1.28 8.29
CA ILE A 88 -10.99 2.22 9.43
C ILE A 88 -11.77 1.62 10.61
N THR A 89 -11.03 1.41 11.70
CA THR A 89 -11.51 0.78 12.94
C THR A 89 -11.02 1.65 14.13
N MET A 1 14.04 -3.34 8.86
CA MET A 1 13.46 -2.11 8.28
C MET A 1 12.10 -2.40 7.67
N SER A 2 11.07 -1.63 8.10
CA SER A 2 9.76 -1.60 7.44
C SER A 2 9.74 -0.41 6.47
N GLN A 3 9.42 0.80 7.01
CA GLN A 3 9.40 2.06 6.26
C GLN A 3 8.43 2.03 5.05
N LEU A 4 7.44 1.07 5.04
CA LEU A 4 6.50 0.89 3.89
C LEU A 4 5.65 2.16 3.67
N ARG A 5 6.19 3.09 2.88
CA ARG A 5 5.52 4.35 2.55
C ARG A 5 4.47 4.11 1.46
N ILE A 6 3.28 4.70 1.67
CA ILE A 6 2.14 4.50 0.77
C ILE A 6 2.22 5.49 -0.42
N ALA A 7 1.95 6.80 -0.15
CA ALA A 7 1.97 7.89 -1.16
C ALA A 7 0.96 7.68 -2.32
N ALA A 8 0.12 6.63 -2.23
CA ALA A 8 -0.79 6.20 -3.31
C ALA A 8 -1.94 7.19 -3.53
N TYR A 9 -2.23 8.02 -2.50
CA TYR A 9 -3.21 9.12 -2.62
C TYR A 9 -2.64 10.23 -3.52
N GLY A 10 -3.14 10.27 -4.75
CA GLY A 10 -2.67 11.20 -5.77
C GLY A 10 -2.74 10.56 -7.15
N PRO A 11 -2.43 11.30 -8.26
CA PRO A 11 -2.38 10.72 -9.62
C PRO A 11 -1.27 9.64 -9.78
N HIS A 12 -0.18 9.75 -8.99
CA HIS A 12 0.93 8.76 -9.01
C HIS A 12 1.48 8.59 -7.58
N GLY A 13 1.60 7.32 -7.13
CA GLY A 13 2.27 6.98 -5.87
C GLY A 13 3.76 6.77 -6.08
N SER A 14 4.16 5.51 -6.35
CA SER A 14 5.52 5.16 -6.76
C SER A 14 5.63 5.32 -8.30
N GLY A 15 6.59 6.14 -8.76
CA GLY A 15 6.74 6.45 -10.20
C GLY A 15 7.75 5.56 -10.92
N GLY A 16 7.87 4.29 -10.49
CA GLY A 16 8.72 3.30 -11.16
C GLY A 16 8.14 2.92 -12.52
N SER A 17 8.56 3.64 -13.57
CA SER A 17 8.04 3.49 -14.93
C SER A 17 8.32 2.08 -15.49
N GLY A 18 7.33 1.19 -15.32
CA GLY A 18 7.35 -0.17 -15.86
C GLY A 18 6.19 -0.45 -16.80
N GLY A 19 5.36 0.59 -17.03
CA GLY A 19 4.14 0.47 -17.82
C GLY A 19 3.07 -0.34 -17.09
N SER A 20 3.15 -1.68 -17.23
CA SER A 20 2.25 -2.65 -16.58
C SER A 20 2.78 -4.07 -16.80
N GLY A 21 2.44 -4.99 -15.87
CA GLY A 21 2.82 -6.39 -16.00
C GLY A 21 1.62 -7.30 -16.25
N GLY A 22 0.52 -7.06 -15.50
CA GLY A 22 -0.74 -7.79 -15.66
C GLY A 22 -1.41 -8.09 -14.33
N SER A 23 -1.82 -9.35 -14.13
CA SER A 23 -2.52 -9.83 -12.91
C SER A 23 -1.53 -10.13 -11.75
N GLN A 24 -0.36 -9.49 -11.79
CA GLN A 24 0.69 -9.65 -10.77
C GLN A 24 0.42 -8.79 -9.51
N ASP A 25 -0.73 -8.09 -9.51
CA ASP A 25 -1.20 -7.32 -8.35
C ASP A 25 -1.89 -8.24 -7.32
N LEU A 26 -1.98 -7.76 -6.07
CA LEU A 26 -2.68 -8.47 -4.97
C LEU A 26 -3.46 -7.46 -4.13
N TYR A 27 -4.57 -7.92 -3.53
CA TYR A 27 -5.36 -7.12 -2.57
C TYR A 27 -5.13 -7.68 -1.15
N ALA A 28 -4.65 -6.81 -0.25
CA ALA A 28 -4.41 -7.17 1.16
C ALA A 28 -5.07 -6.14 2.07
N THR A 29 -5.73 -6.59 3.13
CA THR A 29 -6.37 -5.71 4.11
C THR A 29 -5.32 -4.97 4.96
N LEU A 30 -5.48 -3.65 5.10
CA LEU A 30 -4.64 -2.81 5.96
C LEU A 30 -5.47 -2.38 7.17
N ASP A 31 -4.96 -2.68 8.36
CA ASP A 31 -5.59 -2.28 9.62
C ASP A 31 -5.05 -0.89 10.01
N VAL A 32 -5.96 0.11 10.08
CA VAL A 32 -5.60 1.49 10.47
C VAL A 32 -6.72 2.06 11.38
N PRO A 33 -6.40 2.56 12.61
CA PRO A 33 -7.40 3.23 13.48
C PRO A 33 -7.78 4.62 12.95
N ALA A 34 -9.00 5.08 13.31
CA ALA A 34 -9.57 6.38 12.87
C ALA A 34 -8.63 7.60 13.12
N PRO A 35 -7.97 7.77 14.34
CA PRO A 35 -6.98 8.86 14.56
C PRO A 35 -5.83 8.86 13.54
N ILE A 36 -5.16 7.69 13.39
CA ILE A 36 -3.99 7.52 12.48
C ILE A 36 -4.42 7.67 11.01
N ALA A 37 -5.68 7.34 10.71
CA ALA A 37 -6.23 7.46 9.35
C ALA A 37 -6.32 8.96 8.94
N VAL A 38 -6.90 9.78 9.83
CA VAL A 38 -7.09 11.21 9.58
C VAL A 38 -5.75 11.98 9.56
N VAL A 39 -4.88 11.71 10.56
CA VAL A 39 -3.64 12.48 10.75
C VAL A 39 -2.47 11.94 9.91
N GLY A 40 -2.48 10.64 9.64
CA GLY A 40 -1.37 9.96 8.97
C GLY A 40 -0.24 9.57 9.92
N GLY A 41 0.00 8.25 10.07
CA GLY A 41 1.12 7.73 10.89
C GLY A 41 1.39 6.26 10.59
N LYS A 42 2.35 5.65 11.30
CA LYS A 42 2.74 4.24 11.03
C LYS A 42 1.73 3.27 11.68
N VAL A 43 1.33 2.22 10.93
CA VAL A 43 0.39 1.18 11.42
C VAL A 43 0.99 -0.22 11.28
N ARG A 44 0.33 -1.19 11.91
CA ARG A 44 0.66 -2.61 11.79
C ARG A 44 0.01 -3.21 10.51
N ALA A 45 0.81 -3.93 9.71
CA ALA A 45 0.32 -4.67 8.52
C ALA A 45 0.90 -6.08 8.48
N MET A 46 0.23 -6.97 7.73
CA MET A 46 0.62 -8.39 7.63
C MET A 46 1.66 -8.58 6.50
N THR A 47 2.82 -9.16 6.86
CA THR A 47 3.91 -9.47 5.92
C THR A 47 4.60 -10.78 6.37
N LEU A 48 5.33 -11.41 5.43
CA LEU A 48 6.11 -12.65 5.70
C LEU A 48 7.25 -12.41 6.73
N GLU A 49 7.60 -11.12 6.91
CA GLU A 49 8.61 -10.66 7.90
C GLU A 49 7.92 -10.24 9.22
N GLY A 50 6.64 -10.63 9.40
CA GLY A 50 5.87 -10.31 10.61
C GLY A 50 5.10 -9.00 10.49
N PRO A 51 4.60 -8.44 11.64
CA PRO A 51 3.92 -7.11 11.65
C PRO A 51 4.91 -5.97 11.31
N VAL A 52 4.62 -5.25 10.21
CA VAL A 52 5.50 -4.18 9.69
C VAL A 52 4.83 -2.81 9.83
N GLU A 53 5.66 -1.76 10.01
CA GLU A 53 5.20 -0.36 10.11
C GLU A 53 4.98 0.23 8.70
N VAL A 54 3.72 0.56 8.39
CA VAL A 54 3.32 1.15 7.11
C VAL A 54 2.92 2.62 7.32
N ALA A 55 3.68 3.54 6.70
CA ALA A 55 3.48 4.99 6.84
C ALA A 55 2.20 5.43 6.08
N VAL A 56 1.12 5.62 6.86
CA VAL A 56 -0.18 6.08 6.37
C VAL A 56 -0.16 7.60 6.09
N PRO A 57 -0.72 8.08 4.92
CA PRO A 57 -0.88 9.54 4.63
C PRO A 57 -2.08 10.12 5.41
N PRO A 58 -2.32 11.47 5.43
CA PRO A 58 -3.57 12.02 5.99
C PRO A 58 -4.77 11.74 5.07
N ARG A 59 -6.00 11.99 5.59
CA ARG A 59 -7.28 11.90 4.83
C ARG A 59 -7.60 10.44 4.40
N THR A 60 -6.99 9.48 5.11
CA THR A 60 -7.14 8.04 4.83
C THR A 60 -8.56 7.57 5.20
N GLN A 61 -9.32 7.18 4.16
CA GLN A 61 -10.77 6.90 4.25
C GLN A 61 -11.04 5.42 3.96
N ALA A 62 -12.00 4.83 4.70
CA ALA A 62 -12.33 3.40 4.60
C ALA A 62 -12.88 3.03 3.22
N GLY A 63 -12.35 1.92 2.66
CA GLY A 63 -12.77 1.42 1.35
C GLY A 63 -11.82 1.82 0.23
N ARG A 64 -10.94 2.81 0.49
CA ARG A 64 -9.91 3.25 -0.47
C ARG A 64 -8.75 2.23 -0.50
N LYS A 65 -8.43 1.71 -1.70
CA LYS A 65 -7.27 0.83 -1.91
C LYS A 65 -6.03 1.68 -2.23
N LEU A 66 -4.88 1.22 -1.73
CA LEU A 66 -3.61 1.95 -1.80
C LEU A 66 -2.68 1.22 -2.79
N ARG A 67 -2.55 1.80 -4.00
CA ARG A 67 -1.75 1.22 -5.08
C ARG A 67 -0.23 1.29 -4.76
N LEU A 68 0.35 0.13 -4.37
CA LEU A 68 1.78 0.03 -3.98
C LEU A 68 2.51 -0.97 -4.90
N LYS A 69 3.14 -0.43 -5.97
CA LYS A 69 3.91 -1.25 -6.93
C LYS A 69 5.22 -1.77 -6.29
N GLY A 70 5.73 -2.90 -6.83
CA GLY A 70 6.96 -3.52 -6.33
C GLY A 70 6.76 -4.40 -5.10
N LYS A 71 5.50 -4.81 -4.84
CA LYS A 71 5.14 -5.61 -3.64
C LYS A 71 4.55 -7.00 -4.04
N GLY A 72 3.68 -7.02 -5.08
CA GLY A 72 2.98 -8.26 -5.53
C GLY A 72 3.88 -9.28 -6.23
N PHE A 73 3.28 -10.13 -7.10
CA PHE A 73 4.03 -11.18 -7.86
C PHE A 73 5.06 -10.54 -8.83
N PRO A 74 6.31 -11.08 -8.93
CA PRO A 74 7.42 -10.46 -9.73
C PRO A 74 7.06 -10.26 -11.22
N GLY A 75 7.24 -9.00 -11.68
CA GLY A 75 6.98 -8.62 -13.07
C GLY A 75 8.16 -7.92 -13.74
N PRO A 76 7.98 -7.32 -14.96
CA PRO A 76 9.08 -6.67 -15.71
C PRO A 76 9.56 -5.35 -15.04
N ALA A 77 8.77 -4.87 -14.07
CA ALA A 77 9.08 -3.68 -13.26
C ALA A 77 9.60 -4.06 -11.87
N GLY A 78 10.15 -5.29 -11.76
CA GLY A 78 10.60 -5.86 -10.49
C GLY A 78 9.54 -6.79 -9.92
N ARG A 79 8.60 -6.23 -9.15
CA ARG A 79 7.42 -6.96 -8.66
C ARG A 79 6.15 -6.21 -9.06
N GLY A 80 5.01 -6.86 -8.79
CA GLY A 80 3.70 -6.32 -9.13
C GLY A 80 3.16 -5.38 -8.08
N ASP A 81 1.84 -5.20 -8.08
CA ASP A 81 1.17 -4.17 -7.27
C ASP A 81 0.59 -4.78 -6.00
N LEU A 82 0.30 -3.94 -5.01
CA LEU A 82 -0.38 -4.33 -3.78
C LEU A 82 -1.34 -3.23 -3.38
N TYR A 83 -2.63 -3.50 -3.53
CA TYR A 83 -3.69 -2.59 -3.11
C TYR A 83 -4.04 -2.89 -1.65
N LEU A 84 -3.65 -1.97 -0.74
CA LEU A 84 -3.96 -2.09 0.68
C LEU A 84 -5.33 -1.47 0.94
N GLU A 85 -6.27 -2.31 1.35
CA GLU A 85 -7.65 -1.92 1.62
C GLU A 85 -7.73 -1.23 2.99
N VAL A 86 -7.83 0.12 2.98
CA VAL A 86 -8.00 0.91 4.20
C VAL A 86 -9.24 0.46 4.98
N ARG A 87 -9.01 -0.14 6.15
CA ARG A 87 -10.06 -0.49 7.09
C ARG A 87 -9.90 0.37 8.34
N ILE A 88 -10.75 1.42 8.43
CA ILE A 88 -10.77 2.33 9.57
C ILE A 88 -11.49 1.64 10.74
N THR A 89 -10.69 1.19 11.71
CA THR A 89 -11.19 0.58 12.93
C THR A 89 -11.53 1.70 13.95
N MET A 1 11.54 6.08 7.30
CA MET A 1 10.94 5.47 6.09
C MET A 1 10.07 4.27 6.48
N SER A 2 9.55 3.57 5.46
CA SER A 2 8.76 2.34 5.63
C SER A 2 9.00 1.43 4.43
N GLN A 3 8.88 0.11 4.66
CA GLN A 3 8.94 -0.90 3.61
C GLN A 3 7.72 -0.75 2.68
N LEU A 4 6.53 -0.69 3.29
CA LEU A 4 5.29 -0.38 2.57
C LEU A 4 5.09 1.14 2.55
N ARG A 5 5.94 1.81 1.76
CA ARG A 5 5.89 3.26 1.53
C ARG A 5 4.68 3.53 0.62
N ILE A 6 3.60 4.07 1.20
CA ILE A 6 2.39 4.37 0.45
C ILE A 6 2.60 5.60 -0.46
N ALA A 7 2.84 5.32 -1.76
CA ALA A 7 2.89 6.33 -2.82
C ALA A 7 1.49 6.48 -3.47
N ALA A 8 0.45 6.34 -2.65
CA ALA A 8 -0.96 6.51 -3.03
C ALA A 8 -1.58 7.62 -2.16
N TYR A 9 -2.87 7.94 -2.42
CA TYR A 9 -3.55 9.18 -1.94
C TYR A 9 -2.94 10.43 -2.61
N GLY A 10 -2.24 10.22 -3.75
CA GLY A 10 -1.56 11.28 -4.49
C GLY A 10 -2.24 11.58 -5.82
N PRO A 11 -1.48 11.68 -6.95
CA PRO A 11 -2.04 11.99 -8.28
C PRO A 11 -2.55 10.74 -9.04
N HIS A 12 -3.25 10.99 -10.17
CA HIS A 12 -3.80 9.94 -11.05
C HIS A 12 -3.34 10.18 -12.49
N GLY A 13 -2.68 9.16 -13.09
CA GLY A 13 -2.16 9.25 -14.45
C GLY A 13 -0.98 8.34 -14.67
N SER A 14 -0.17 8.15 -13.59
CA SER A 14 0.96 7.23 -13.57
C SER A 14 0.44 5.78 -13.68
N GLY A 15 0.56 5.21 -14.87
CA GLY A 15 0.01 3.89 -15.20
C GLY A 15 -0.38 3.84 -16.65
N GLY A 16 0.61 4.06 -17.54
CA GLY A 16 0.41 4.09 -18.99
C GLY A 16 1.38 3.20 -19.75
N SER A 17 2.37 2.64 -19.05
CA SER A 17 3.34 1.70 -19.65
C SER A 17 2.67 0.33 -19.90
N GLY A 18 3.16 -0.42 -20.89
CA GLY A 18 2.58 -1.71 -21.28
C GLY A 18 3.07 -2.85 -20.41
N GLY A 19 2.47 -2.98 -19.20
CA GLY A 19 2.77 -4.07 -18.26
C GLY A 19 2.26 -5.42 -18.79
N SER A 20 3.19 -6.32 -19.15
CA SER A 20 2.87 -7.64 -19.72
C SER A 20 3.55 -8.76 -18.89
N GLY A 21 2.76 -9.44 -18.05
CA GLY A 21 3.26 -10.53 -17.22
C GLY A 21 2.13 -11.38 -16.66
N GLY A 22 1.07 -10.72 -16.17
CA GLY A 22 -0.10 -11.37 -15.57
C GLY A 22 -0.35 -10.85 -14.15
N SER A 23 -0.56 -11.78 -13.20
CA SER A 23 -0.91 -11.44 -11.81
C SER A 23 0.34 -11.23 -10.92
N GLN A 24 1.07 -10.14 -11.21
CA GLN A 24 2.06 -9.58 -10.26
C GLN A 24 1.35 -8.56 -9.35
N ASP A 25 0.19 -8.09 -9.83
CA ASP A 25 -0.73 -7.17 -9.14
C ASP A 25 -1.50 -7.96 -8.07
N LEU A 26 -1.54 -7.43 -6.84
CA LEU A 26 -2.15 -8.09 -5.66
C LEU A 26 -3.00 -7.10 -4.86
N TYR A 27 -3.86 -7.66 -3.99
CA TYR A 27 -4.62 -6.91 -2.99
C TYR A 27 -4.27 -7.44 -1.59
N ALA A 28 -4.43 -6.56 -0.58
CA ALA A 28 -4.15 -6.87 0.83
C ALA A 28 -5.03 -5.97 1.71
N THR A 29 -5.03 -6.25 3.02
CA THR A 29 -5.81 -5.50 4.00
C THR A 29 -4.85 -4.62 4.84
N LEU A 30 -5.22 -3.34 4.99
CA LEU A 30 -4.46 -2.38 5.79
C LEU A 30 -5.23 -2.05 7.06
N ASP A 31 -4.69 -2.45 8.21
CA ASP A 31 -5.25 -2.07 9.51
C ASP A 31 -4.72 -0.67 9.87
N VAL A 32 -5.61 0.31 9.99
CA VAL A 32 -5.25 1.72 10.30
C VAL A 32 -6.26 2.29 11.33
N PRO A 33 -5.82 2.74 12.54
CA PRO A 33 -6.73 3.29 13.56
C PRO A 33 -7.31 4.65 13.15
N ALA A 34 -8.45 5.01 13.78
CA ALA A 34 -9.20 6.24 13.49
C ALA A 34 -8.33 7.54 13.55
N PRO A 35 -7.47 7.78 14.62
CA PRO A 35 -6.55 8.95 14.66
C PRO A 35 -5.63 9.03 13.42
N ILE A 36 -4.91 7.92 13.16
CA ILE A 36 -3.93 7.85 12.05
C ILE A 36 -4.62 7.92 10.68
N ALA A 37 -5.88 7.46 10.63
CA ALA A 37 -6.71 7.52 9.42
C ALA A 37 -6.98 8.98 9.03
N VAL A 38 -7.28 9.82 10.03
CA VAL A 38 -7.58 11.25 9.80
C VAL A 38 -6.30 12.06 9.47
N VAL A 39 -5.31 12.03 10.38
CA VAL A 39 -4.16 12.96 10.36
C VAL A 39 -2.94 12.37 9.60
N GLY A 40 -2.80 11.03 9.60
CA GLY A 40 -1.66 10.35 8.98
C GLY A 40 -0.57 9.96 9.97
N GLY A 41 0.08 8.81 9.73
CA GLY A 41 1.15 8.27 10.57
C GLY A 41 1.50 6.84 10.14
N LYS A 42 2.29 6.10 10.97
CA LYS A 42 2.60 4.68 10.68
C LYS A 42 1.67 3.74 11.45
N VAL A 43 1.23 2.69 10.76
CA VAL A 43 0.31 1.66 11.31
C VAL A 43 0.98 0.29 11.25
N ARG A 44 0.38 -0.72 11.90
CA ARG A 44 0.85 -2.10 11.83
C ARG A 44 -0.03 -2.91 10.85
N ALA A 45 0.57 -3.32 9.71
CA ALA A 45 -0.04 -4.25 8.75
C ALA A 45 0.62 -5.63 8.87
N MET A 46 -0.01 -6.65 8.26
CA MET A 46 0.50 -8.03 8.29
C MET A 46 1.19 -8.38 6.96
N THR A 47 2.39 -8.97 7.07
CA THR A 47 3.23 -9.36 5.93
C THR A 47 3.73 -10.82 6.18
N LEU A 48 4.31 -11.46 5.13
CA LEU A 48 4.81 -12.86 5.19
C LEU A 48 5.82 -13.08 6.33
N GLU A 49 6.69 -12.08 6.56
CA GLU A 49 7.74 -12.14 7.58
C GLU A 49 7.19 -11.87 9.00
N GLY A 50 5.96 -11.32 9.06
CA GLY A 50 5.30 -10.95 10.31
C GLY A 50 4.70 -9.54 10.24
N PRO A 51 4.34 -8.93 11.40
CA PRO A 51 3.77 -7.57 11.45
C PRO A 51 4.85 -6.48 11.20
N VAL A 52 4.55 -5.57 10.25
CA VAL A 52 5.44 -4.45 9.86
C VAL A 52 4.70 -3.11 9.99
N GLU A 53 5.46 -2.02 10.08
CA GLU A 53 4.91 -0.66 10.00
C GLU A 53 4.76 -0.22 8.54
N VAL A 54 3.73 0.59 8.30
CA VAL A 54 3.35 1.13 6.98
C VAL A 54 3.15 2.65 7.11
N ALA A 55 3.87 3.45 6.31
CA ALA A 55 3.74 4.92 6.33
C ALA A 55 2.45 5.32 5.58
N VAL A 56 1.40 5.58 6.36
CA VAL A 56 0.05 5.89 5.87
C VAL A 56 -0.17 7.41 5.82
N PRO A 57 -0.52 7.99 4.63
CA PRO A 57 -0.85 9.43 4.50
C PRO A 57 -2.21 9.76 5.14
N PRO A 58 -2.52 11.07 5.41
CA PRO A 58 -3.87 11.49 5.92
C PRO A 58 -5.03 11.11 4.97
N ARG A 59 -6.27 11.41 5.42
CA ARG A 59 -7.52 11.25 4.62
C ARG A 59 -7.83 9.76 4.33
N THR A 60 -7.26 8.86 5.14
CA THR A 60 -7.34 7.41 4.91
C THR A 60 -8.78 6.91 5.16
N GLN A 61 -9.59 6.94 4.09
CA GLN A 61 -11.04 6.66 4.12
C GLN A 61 -11.30 5.15 3.98
N ALA A 62 -12.15 4.60 4.88
CA ALA A 62 -12.46 3.16 4.97
C ALA A 62 -13.05 2.61 3.66
N GLY A 63 -12.36 1.62 3.08
CA GLY A 63 -12.81 0.94 1.86
C GLY A 63 -12.07 1.33 0.60
N ARG A 64 -11.15 2.31 0.69
CA ARG A 64 -10.27 2.68 -0.43
C ARG A 64 -9.04 1.76 -0.46
N LYS A 65 -8.40 1.63 -1.64
CA LYS A 65 -7.30 0.67 -1.88
C LYS A 65 -6.11 1.42 -2.45
N LEU A 66 -4.94 1.17 -1.86
CA LEU A 66 -3.73 1.99 -2.07
C LEU A 66 -2.72 1.21 -2.91
N ARG A 67 -2.66 1.57 -4.21
CA ARG A 67 -1.87 0.89 -5.24
C ARG A 67 -0.35 1.12 -5.01
N LEU A 68 0.37 0.11 -4.48
CA LEU A 68 1.80 0.23 -4.12
C LEU A 68 2.69 -0.72 -4.92
N LYS A 69 3.34 -0.22 -5.98
CA LYS A 69 4.39 -0.94 -6.71
C LYS A 69 5.55 -1.40 -5.80
N GLY A 70 6.03 -2.61 -6.11
CA GLY A 70 7.21 -3.20 -5.48
C GLY A 70 6.84 -4.21 -4.41
N LYS A 71 5.56 -4.21 -3.98
CA LYS A 71 5.10 -5.01 -2.83
C LYS A 71 4.41 -6.33 -3.27
N GLY A 72 3.95 -6.36 -4.54
CA GLY A 72 3.32 -7.55 -5.13
C GLY A 72 4.31 -8.63 -5.55
N PHE A 73 3.85 -9.56 -6.42
CA PHE A 73 4.68 -10.69 -6.91
C PHE A 73 5.60 -10.24 -8.06
N PRO A 74 6.78 -10.92 -8.30
CA PRO A 74 7.73 -10.60 -9.43
C PRO A 74 7.04 -10.43 -10.81
N GLY A 75 7.38 -9.32 -11.49
CA GLY A 75 6.80 -9.00 -12.81
C GLY A 75 7.83 -8.44 -13.80
N PRO A 76 7.38 -8.06 -15.04
CA PRO A 76 8.29 -7.65 -16.16
C PRO A 76 9.08 -6.36 -15.88
N ALA A 77 8.45 -5.41 -15.17
CA ALA A 77 9.05 -4.10 -14.84
C ALA A 77 9.45 -4.02 -13.36
N GLY A 78 9.37 -5.17 -12.68
CA GLY A 78 9.61 -5.27 -11.23
C GLY A 78 8.45 -5.95 -10.53
N ARG A 79 8.60 -6.19 -9.21
CA ARG A 79 7.51 -6.76 -8.37
C ARG A 79 6.30 -5.82 -8.43
N GLY A 80 5.13 -6.38 -8.73
CA GLY A 80 3.91 -5.61 -9.03
C GLY A 80 3.36 -4.83 -7.86
N ASP A 81 2.06 -4.53 -7.93
CA ASP A 81 1.42 -3.62 -6.98
C ASP A 81 0.75 -4.41 -5.86
N LEU A 82 0.49 -3.71 -4.76
CA LEU A 82 -0.25 -4.25 -3.61
C LEU A 82 -1.21 -3.17 -3.14
N TYR A 83 -2.51 -3.45 -3.26
CA TYR A 83 -3.57 -2.49 -2.91
C TYR A 83 -3.96 -2.71 -1.44
N LEU A 84 -3.59 -1.76 -0.59
CA LEU A 84 -3.86 -1.82 0.85
C LEU A 84 -5.25 -1.25 1.14
N GLU A 85 -6.18 -2.16 1.47
CA GLU A 85 -7.60 -1.84 1.67
C GLU A 85 -7.83 -1.32 3.10
N VAL A 86 -8.10 -0.01 3.18
CA VAL A 86 -8.23 0.76 4.43
C VAL A 86 -9.31 0.17 5.38
N ARG A 87 -8.86 -0.22 6.59
CA ARG A 87 -9.71 -0.62 7.71
C ARG A 87 -9.54 0.40 8.83
N ILE A 88 -10.45 1.38 8.91
CA ILE A 88 -10.44 2.36 9.99
C ILE A 88 -10.95 1.68 11.27
N THR A 89 -10.03 1.35 12.17
CA THR A 89 -10.35 0.79 13.48
C THR A 89 -10.47 1.95 14.50
N MET A 1 15.17 -3.39 8.04
CA MET A 1 14.54 -2.42 8.99
C MET A 1 13.83 -1.27 8.26
N SER A 2 13.76 -1.34 6.91
CA SER A 2 13.08 -0.32 6.08
C SER A 2 11.57 -0.26 6.39
N GLN A 3 11.06 0.97 6.59
CA GLN A 3 9.62 1.21 6.81
C GLN A 3 8.88 1.22 5.47
N LEU A 4 7.74 0.53 5.40
CA LEU A 4 6.91 0.46 4.18
C LEU A 4 6.06 1.75 4.11
N ARG A 5 6.49 2.71 3.27
CA ARG A 5 5.73 3.96 3.06
C ARG A 5 4.70 3.77 1.95
N ILE A 6 3.54 4.42 2.13
CA ILE A 6 2.45 4.39 1.15
C ILE A 6 2.64 5.53 0.10
N ALA A 7 2.37 6.79 0.54
CA ALA A 7 2.41 8.01 -0.31
C ALA A 7 1.30 8.04 -1.41
N ALA A 8 0.57 6.90 -1.59
CA ALA A 8 -0.43 6.71 -2.66
C ALA A 8 -1.71 7.57 -2.47
N TYR A 9 -1.78 8.32 -1.33
CA TYR A 9 -2.82 9.36 -1.12
C TYR A 9 -2.38 10.70 -1.73
N GLY A 10 -1.27 10.71 -2.48
CA GLY A 10 -0.76 11.91 -3.14
C GLY A 10 -0.40 11.68 -4.60
N PRO A 11 0.25 12.69 -5.28
CA PRO A 11 0.71 12.57 -6.70
C PRO A 11 1.69 11.39 -6.90
N HIS A 12 2.71 11.36 -6.04
CA HIS A 12 3.70 10.27 -6.00
C HIS A 12 3.16 9.10 -5.16
N GLY A 13 2.85 7.97 -5.80
CA GLY A 13 2.55 6.73 -5.08
C GLY A 13 3.83 5.98 -4.77
N SER A 14 4.13 4.96 -5.59
CA SER A 14 5.42 4.23 -5.54
C SER A 14 5.86 3.95 -6.98
N GLY A 15 7.18 3.80 -7.18
CA GLY A 15 7.78 3.66 -8.51
C GLY A 15 7.68 2.25 -9.09
N GLY A 16 8.68 1.84 -9.89
CA GLY A 16 8.69 0.52 -10.53
C GLY A 16 9.86 0.35 -11.46
N SER A 17 9.88 -0.78 -12.21
CA SER A 17 10.95 -1.12 -13.17
C SER A 17 10.78 -0.33 -14.49
N GLY A 18 9.58 0.23 -14.72
CA GLY A 18 9.32 1.13 -15.84
C GLY A 18 8.37 0.58 -16.89
N GLY A 19 7.97 -0.71 -16.75
CA GLY A 19 7.04 -1.35 -17.69
C GLY A 19 5.72 -1.69 -17.02
N SER A 20 4.59 -1.51 -17.75
CA SER A 20 3.25 -1.83 -17.23
C SER A 20 2.97 -3.33 -17.48
N GLY A 21 3.48 -4.17 -16.56
CA GLY A 21 3.32 -5.62 -16.64
C GLY A 21 3.62 -6.28 -15.32
N GLY A 22 2.75 -6.01 -14.33
CA GLY A 22 2.86 -6.57 -12.98
C GLY A 22 1.54 -7.17 -12.50
N SER A 23 1.04 -8.17 -13.25
CA SER A 23 -0.16 -8.96 -12.88
C SER A 23 0.09 -9.85 -11.63
N GLN A 24 1.35 -9.85 -11.14
CA GLN A 24 1.75 -10.51 -9.88
C GLN A 24 1.43 -9.63 -8.64
N ASP A 25 0.41 -8.76 -8.78
CA ASP A 25 -0.02 -7.82 -7.74
C ASP A 25 -0.81 -8.55 -6.64
N LEU A 26 -0.79 -7.98 -5.43
CA LEU A 26 -1.38 -8.61 -4.24
C LEU A 26 -2.25 -7.58 -3.49
N TYR A 27 -3.18 -8.10 -2.67
CA TYR A 27 -4.01 -7.30 -1.76
C TYR A 27 -3.65 -7.67 -0.32
N ALA A 28 -3.28 -6.67 0.47
CA ALA A 28 -2.91 -6.83 1.87
C ALA A 28 -3.79 -5.91 2.71
N THR A 29 -4.42 -6.46 3.75
CA THR A 29 -5.27 -5.70 4.65
C THR A 29 -4.42 -4.71 5.49
N LEU A 30 -4.81 -3.45 5.45
CA LEU A 30 -4.18 -2.37 6.22
C LEU A 30 -5.14 -2.00 7.34
N ASP A 31 -4.77 -2.34 8.58
CA ASP A 31 -5.57 -2.06 9.77
C ASP A 31 -5.14 -0.72 10.34
N VAL A 32 -6.07 0.25 10.37
CA VAL A 32 -5.79 1.62 10.84
C VAL A 32 -6.94 2.13 11.74
N PRO A 33 -6.65 2.72 12.94
CA PRO A 33 -7.70 3.36 13.77
C PRO A 33 -8.09 4.74 13.21
N ALA A 34 -9.30 5.20 13.59
CA ALA A 34 -9.91 6.46 13.11
C ALA A 34 -9.00 7.70 13.34
N PRO A 35 -8.38 7.92 14.57
CA PRO A 35 -7.42 9.04 14.78
C PRO A 35 -6.27 9.05 13.75
N ILE A 36 -5.55 7.89 13.64
CA ILE A 36 -4.37 7.76 12.76
C ILE A 36 -4.79 7.78 11.26
N ALA A 37 -6.07 7.48 11.00
CA ALA A 37 -6.64 7.52 9.64
C ALA A 37 -6.76 8.98 9.16
N VAL A 38 -7.33 9.84 10.02
CA VAL A 38 -7.56 11.26 9.70
C VAL A 38 -6.23 12.03 9.55
N VAL A 39 -5.37 11.98 10.58
CA VAL A 39 -4.13 12.78 10.64
C VAL A 39 -2.93 12.09 9.94
N GLY A 40 -2.89 10.75 10.00
CA GLY A 40 -1.73 9.97 9.49
C GLY A 40 -0.83 9.49 10.63
N GLY A 41 0.09 8.56 10.32
CA GLY A 41 1.05 8.03 11.28
C GLY A 41 1.68 6.73 10.79
N LYS A 42 1.71 5.71 11.67
CA LYS A 42 2.16 4.34 11.34
C LYS A 42 1.20 3.34 12.01
N VAL A 43 0.87 2.27 11.29
CA VAL A 43 -0.02 1.19 11.80
C VAL A 43 0.53 -0.20 11.43
N ARG A 44 -0.04 -1.24 12.06
CA ARG A 44 0.34 -2.63 11.79
C ARG A 44 -0.49 -3.18 10.61
N ALA A 45 0.20 -3.47 9.49
CA ALA A 45 -0.39 -4.12 8.31
C ALA A 45 0.08 -5.58 8.21
N MET A 46 -0.70 -6.40 7.49
CA MET A 46 -0.40 -7.82 7.27
C MET A 46 0.38 -7.95 5.95
N THR A 47 1.68 -8.30 6.05
CA THR A 47 2.61 -8.39 4.91
C THR A 47 3.28 -9.78 4.87
N LEU A 48 3.89 -10.14 3.72
CA LEU A 48 4.61 -11.44 3.53
C LEU A 48 5.82 -11.60 4.49
N GLU A 49 6.29 -10.49 5.10
CA GLU A 49 7.39 -10.49 6.07
C GLU A 49 6.87 -10.51 7.53
N GLY A 50 5.55 -10.70 7.68
CA GLY A 50 4.89 -10.66 8.98
C GLY A 50 4.16 -9.34 9.22
N PRO A 51 3.79 -9.01 10.50
CA PRO A 51 3.16 -7.72 10.83
C PRO A 51 4.21 -6.58 10.83
N VAL A 52 4.03 -5.59 9.94
CA VAL A 52 4.99 -4.47 9.75
C VAL A 52 4.32 -3.13 10.06
N GLU A 53 5.13 -2.11 10.40
CA GLU A 53 4.66 -0.74 10.59
C GLU A 53 4.74 0.01 9.26
N VAL A 54 3.57 0.28 8.68
CA VAL A 54 3.41 0.99 7.42
C VAL A 54 3.09 2.47 7.70
N ALA A 55 3.87 3.36 7.05
CA ALA A 55 3.68 4.82 7.12
C ALA A 55 2.38 5.21 6.38
N VAL A 56 1.34 5.51 7.16
CA VAL A 56 0.02 5.93 6.65
C VAL A 56 -0.03 7.47 6.53
N PRO A 57 -0.38 8.02 5.31
CA PRO A 57 -0.59 9.49 5.12
C PRO A 57 -1.98 9.95 5.66
N PRO A 58 -2.28 11.28 5.72
CA PRO A 58 -3.65 11.77 6.11
C PRO A 58 -4.74 11.45 5.06
N ARG A 59 -6.00 11.78 5.44
CA ARG A 59 -7.24 11.62 4.63
C ARG A 59 -7.59 10.15 4.38
N THR A 60 -6.97 9.25 5.15
CA THR A 60 -7.13 7.81 5.01
C THR A 60 -8.59 7.40 5.31
N GLN A 61 -9.35 7.19 4.22
CA GLN A 61 -10.80 6.89 4.24
C GLN A 61 -11.05 5.39 4.03
N ALA A 62 -11.99 4.83 4.84
CA ALA A 62 -12.34 3.40 4.83
C ALA A 62 -12.93 2.98 3.47
N GLY A 63 -12.43 1.86 2.95
CA GLY A 63 -12.88 1.32 1.67
C GLY A 63 -12.00 1.77 0.49
N ARG A 64 -10.98 2.60 0.77
CA ARG A 64 -9.96 2.94 -0.23
C ARG A 64 -8.84 1.89 -0.20
N LYS A 65 -8.19 1.70 -1.35
CA LYS A 65 -7.09 0.73 -1.53
C LYS A 65 -5.94 1.43 -2.24
N LEU A 66 -4.71 1.15 -1.79
CA LEU A 66 -3.54 1.99 -2.05
C LEU A 66 -2.50 1.21 -2.85
N ARG A 67 -2.32 1.57 -4.14
CA ARG A 67 -1.45 0.86 -5.06
C ARG A 67 0.03 1.20 -4.79
N LEU A 68 0.78 0.24 -4.24
CA LEU A 68 2.22 0.38 -3.98
C LEU A 68 2.98 -0.47 -5.00
N LYS A 69 3.31 0.12 -6.16
CA LYS A 69 3.99 -0.58 -7.25
C LYS A 69 5.41 -0.99 -6.85
N GLY A 70 5.77 -2.24 -7.19
CA GLY A 70 7.05 -2.83 -6.81
C GLY A 70 6.97 -3.67 -5.53
N LYS A 71 5.77 -3.75 -4.90
CA LYS A 71 5.59 -4.47 -3.60
C LYS A 71 4.86 -5.82 -3.74
N GLY A 72 4.31 -6.10 -4.92
CA GLY A 72 3.82 -7.46 -5.28
C GLY A 72 4.96 -8.33 -5.81
N PHE A 73 4.64 -9.60 -6.16
CA PHE A 73 5.63 -10.59 -6.67
C PHE A 73 6.32 -10.10 -7.98
N PRO A 74 7.58 -10.57 -8.28
CA PRO A 74 8.29 -10.20 -9.53
C PRO A 74 7.56 -10.70 -10.81
N GLY A 75 7.34 -9.77 -11.77
CA GLY A 75 6.70 -10.08 -13.05
C GLY A 75 7.61 -9.80 -14.25
N PRO A 76 7.10 -9.95 -15.51
CA PRO A 76 7.89 -9.75 -16.76
C PRO A 76 8.47 -8.32 -16.88
N ALA A 77 7.61 -7.31 -16.63
CA ALA A 77 7.99 -5.88 -16.73
C ALA A 77 8.32 -5.30 -15.35
N GLY A 78 8.68 -6.19 -14.41
CA GLY A 78 9.02 -5.82 -13.04
C GLY A 78 7.99 -6.31 -12.04
N ARG A 79 8.26 -6.02 -10.75
CA ARG A 79 7.41 -6.44 -9.63
C ARG A 79 6.02 -5.79 -9.74
N GLY A 80 4.99 -6.57 -9.36
CA GLY A 80 3.61 -6.09 -9.30
C GLY A 80 3.40 -5.10 -8.17
N ASP A 81 2.16 -4.68 -7.96
CA ASP A 81 1.81 -3.68 -6.92
C ASP A 81 1.16 -4.34 -5.72
N LEU A 82 0.96 -3.55 -4.66
CA LEU A 82 0.35 -4.02 -3.40
C LEU A 82 -0.76 -3.04 -3.02
N TYR A 83 -2.02 -3.52 -3.06
CA TYR A 83 -3.19 -2.75 -2.67
C TYR A 83 -3.41 -2.91 -1.16
N LEU A 84 -3.16 -1.82 -0.40
CA LEU A 84 -3.41 -1.78 1.04
C LEU A 84 -4.85 -1.36 1.29
N GLU A 85 -5.66 -2.31 1.79
CA GLU A 85 -7.09 -2.13 2.04
C GLU A 85 -7.28 -1.36 3.35
N VAL A 86 -7.56 -0.05 3.23
CA VAL A 86 -7.85 0.81 4.39
C VAL A 86 -9.07 0.30 5.18
N ARG A 87 -8.80 -0.21 6.39
CA ARG A 87 -9.82 -0.68 7.33
C ARG A 87 -9.78 0.21 8.56
N ILE A 88 -10.63 1.26 8.57
CA ILE A 88 -10.72 2.19 9.70
C ILE A 88 -11.54 1.54 10.83
N THR A 89 -10.94 1.50 12.02
CA THR A 89 -11.55 0.91 13.22
C THR A 89 -11.90 2.05 14.22
N MET A 1 16.82 2.41 4.79
CA MET A 1 16.20 1.17 4.27
C MET A 1 14.80 1.50 3.73
N SER A 2 14.45 0.90 2.58
CA SER A 2 13.17 1.15 1.92
C SER A 2 12.04 0.48 2.71
N GLN A 3 11.45 1.27 3.63
CA GLN A 3 10.31 0.83 4.47
C GLN A 3 9.03 0.79 3.61
N LEU A 4 8.04 -0.02 4.02
CA LEU A 4 6.76 -0.11 3.31
C LEU A 4 6.02 1.25 3.46
N ARG A 5 6.07 2.05 2.40
CA ARG A 5 5.48 3.40 2.36
C ARG A 5 4.38 3.45 1.29
N ILE A 6 3.34 4.24 1.56
CA ILE A 6 2.19 4.37 0.65
C ILE A 6 2.46 5.48 -0.39
N ALA A 7 2.93 5.04 -1.59
CA ALA A 7 3.09 5.89 -2.77
C ALA A 7 1.75 5.91 -3.56
N ALA A 8 0.72 6.43 -2.88
CA ALA A 8 -0.68 6.47 -3.40
C ALA A 8 -1.44 7.63 -2.70
N TYR A 9 -2.79 7.65 -2.87
CA TYR A 9 -3.71 8.69 -2.36
C TYR A 9 -3.68 9.97 -3.22
N GLY A 10 -2.52 10.64 -3.28
CA GLY A 10 -2.37 11.90 -4.02
C GLY A 10 -1.73 11.69 -5.39
N PRO A 11 -2.52 11.65 -6.52
CA PRO A 11 -1.96 11.46 -7.90
C PRO A 11 -1.20 12.70 -8.42
N HIS A 12 -1.29 13.83 -7.70
CA HIS A 12 -0.55 15.06 -8.03
C HIS A 12 0.93 14.91 -7.58
N GLY A 13 1.74 14.33 -8.47
CA GLY A 13 3.15 14.07 -8.20
C GLY A 13 3.82 13.35 -9.35
N SER A 14 5.01 13.80 -9.75
CA SER A 14 5.75 13.25 -10.90
C SER A 14 6.49 11.96 -10.48
N GLY A 15 6.99 11.21 -11.49
CA GLY A 15 7.60 9.89 -11.26
C GLY A 15 6.59 8.75 -11.33
N GLY A 16 5.42 9.03 -11.96
CA GLY A 16 4.34 8.05 -12.11
C GLY A 16 4.43 7.29 -13.43
N SER A 17 5.61 6.67 -13.65
CA SER A 17 5.88 5.87 -14.86
C SER A 17 5.42 4.41 -14.64
N GLY A 18 5.32 3.65 -15.73
CA GLY A 18 4.88 2.25 -15.71
C GLY A 18 4.86 1.65 -17.12
N GLY A 19 4.30 0.44 -17.25
CA GLY A 19 4.21 -0.27 -18.53
C GLY A 19 4.36 -1.78 -18.32
N SER A 20 3.64 -2.29 -17.30
CA SER A 20 3.70 -3.71 -16.90
C SER A 20 2.84 -4.56 -17.87
N GLY A 21 3.50 -5.47 -18.60
CA GLY A 21 2.82 -6.40 -19.52
C GLY A 21 2.18 -7.57 -18.76
N GLY A 22 1.08 -7.28 -18.06
CA GLY A 22 0.37 -8.25 -17.21
C GLY A 22 0.08 -7.65 -15.85
N SER A 23 -0.86 -8.26 -15.12
CA SER A 23 -1.29 -7.82 -13.79
C SER A 23 -0.81 -8.83 -12.72
N GLN A 24 0.40 -8.59 -12.18
CA GLN A 24 1.02 -9.40 -11.09
C GLN A 24 0.79 -8.69 -9.72
N ASP A 25 -0.41 -8.14 -9.58
CA ASP A 25 -0.84 -7.42 -8.37
C ASP A 25 -1.45 -8.39 -7.33
N LEU A 26 -1.54 -7.91 -6.08
CA LEU A 26 -2.14 -8.66 -4.96
C LEU A 26 -2.98 -7.72 -4.07
N TYR A 27 -3.70 -8.30 -3.12
CA TYR A 27 -4.47 -7.56 -2.09
C TYR A 27 -3.92 -7.90 -0.70
N ALA A 28 -3.93 -6.90 0.19
CA ALA A 28 -3.49 -7.03 1.59
C ALA A 28 -4.35 -6.13 2.48
N THR A 29 -4.69 -6.64 3.67
CA THR A 29 -5.48 -5.90 4.65
C THR A 29 -4.57 -4.88 5.37
N LEU A 30 -5.03 -3.62 5.41
CA LEU A 30 -4.35 -2.51 6.09
C LEU A 30 -5.16 -2.19 7.34
N ASP A 31 -4.57 -2.47 8.51
CA ASP A 31 -5.21 -2.27 9.81
C ASP A 31 -4.81 -0.87 10.31
N VAL A 32 -5.71 0.11 10.16
CA VAL A 32 -5.49 1.51 10.56
C VAL A 32 -6.62 1.94 11.54
N PRO A 33 -6.31 2.57 12.71
CA PRO A 33 -7.34 3.16 13.60
C PRO A 33 -7.79 4.55 13.09
N ALA A 34 -8.94 5.02 13.62
CA ALA A 34 -9.52 6.37 13.32
C ALA A 34 -8.49 7.55 13.51
N PRO A 35 -7.72 7.65 14.66
CA PRO A 35 -6.76 8.77 14.88
C PRO A 35 -5.67 8.85 13.77
N ILE A 36 -4.98 7.73 13.51
CA ILE A 36 -3.88 7.65 12.52
C ILE A 36 -4.45 7.75 11.07
N ALA A 37 -5.74 7.42 10.89
CA ALA A 37 -6.43 7.53 9.59
C ALA A 37 -6.61 9.00 9.19
N VAL A 38 -7.03 9.84 10.15
CA VAL A 38 -7.29 11.28 9.89
C VAL A 38 -5.96 12.04 9.67
N VAL A 39 -5.05 11.98 10.68
CA VAL A 39 -3.82 12.83 10.71
C VAL A 39 -2.65 12.19 9.89
N GLY A 40 -2.66 10.85 9.77
CA GLY A 40 -1.53 10.10 9.18
C GLY A 40 -0.63 9.48 10.25
N GLY A 41 0.43 8.80 9.80
CA GLY A 41 1.39 8.15 10.70
C GLY A 41 1.83 6.78 10.17
N LYS A 42 1.95 5.78 11.06
CA LYS A 42 2.28 4.38 10.67
C LYS A 42 1.34 3.43 11.41
N VAL A 43 0.99 2.31 10.73
CA VAL A 43 0.06 1.29 11.28
C VAL A 43 0.53 -0.14 10.99
N ARG A 44 -0.14 -1.11 11.63
CA ARG A 44 0.06 -2.55 11.37
C ARG A 44 -0.59 -2.93 10.01
N ALA A 45 0.15 -3.68 9.19
CA ALA A 45 -0.38 -4.34 7.99
C ALA A 45 0.33 -5.68 7.83
N MET A 46 -0.37 -6.67 7.25
CA MET A 46 0.22 -8.00 7.03
C MET A 46 0.92 -8.02 5.65
N THR A 47 2.16 -8.51 5.65
CA THR A 47 3.05 -8.55 4.48
C THR A 47 3.88 -9.87 4.54
N LEU A 48 4.66 -10.19 3.49
CA LEU A 48 5.61 -11.34 3.49
C LEU A 48 6.68 -11.20 4.62
N GLU A 49 6.88 -9.96 5.09
CA GLU A 49 7.77 -9.62 6.24
C GLU A 49 7.02 -9.73 7.59
N GLY A 50 5.85 -10.41 7.58
CA GLY A 50 4.99 -10.51 8.76
C GLY A 50 4.21 -9.22 9.01
N PRO A 51 3.76 -8.94 10.27
CA PRO A 51 3.15 -7.63 10.61
C PRO A 51 4.23 -6.52 10.59
N VAL A 52 4.04 -5.52 9.71
CA VAL A 52 4.99 -4.41 9.49
C VAL A 52 4.31 -3.06 9.82
N GLU A 53 5.14 -2.01 9.93
CA GLU A 53 4.67 -0.64 10.16
C GLU A 53 4.74 0.13 8.82
N VAL A 54 3.57 0.39 8.24
CA VAL A 54 3.42 1.04 6.93
C VAL A 54 3.23 2.55 7.10
N ALA A 55 3.99 3.36 6.34
CA ALA A 55 3.89 4.82 6.34
C ALA A 55 2.61 5.23 5.63
N VAL A 56 1.59 5.52 6.43
CA VAL A 56 0.26 5.95 5.99
C VAL A 56 0.18 7.48 5.91
N PRO A 57 -0.26 8.07 4.74
CA PRO A 57 -0.50 9.54 4.62
C PRO A 57 -1.79 9.96 5.38
N PRO A 58 -2.07 11.29 5.55
CA PRO A 58 -3.37 11.76 6.08
C PRO A 58 -4.52 11.49 5.07
N ARG A 59 -5.76 11.86 5.50
CA ARG A 59 -7.01 11.72 4.68
C ARG A 59 -7.35 10.26 4.36
N THR A 60 -6.78 9.33 5.15
CA THR A 60 -6.97 7.89 4.95
C THR A 60 -8.44 7.51 5.20
N GLN A 61 -9.15 7.21 4.10
CA GLN A 61 -10.59 6.93 4.07
C GLN A 61 -10.83 5.40 4.01
N ALA A 62 -11.83 4.94 4.77
CA ALA A 62 -12.20 3.52 4.90
C ALA A 62 -12.82 2.98 3.61
N GLY A 63 -12.28 1.85 3.13
CA GLY A 63 -12.77 1.19 1.92
C GLY A 63 -11.98 1.55 0.67
N ARG A 64 -10.82 2.22 0.84
CA ARG A 64 -9.91 2.55 -0.26
C ARG A 64 -8.85 1.44 -0.46
N LYS A 65 -8.27 1.39 -1.68
CA LYS A 65 -7.26 0.38 -2.10
C LYS A 65 -6.07 1.10 -2.71
N LEU A 66 -4.92 0.92 -2.08
CA LEU A 66 -3.74 1.74 -2.32
C LEU A 66 -2.73 0.93 -3.11
N ARG A 67 -2.69 1.18 -4.42
CA ARG A 67 -1.81 0.49 -5.37
C ARG A 67 -0.34 0.89 -5.13
N LEU A 68 0.42 0.00 -4.47
CA LEU A 68 1.82 0.24 -4.08
C LEU A 68 2.76 -0.68 -4.88
N LYS A 69 3.36 -0.11 -5.94
CA LYS A 69 4.31 -0.83 -6.81
C LYS A 69 5.59 -1.17 -6.04
N GLY A 70 6.15 -2.36 -6.33
CA GLY A 70 7.30 -2.89 -5.60
C GLY A 70 6.91 -3.68 -4.35
N LYS A 71 5.61 -4.03 -4.21
CA LYS A 71 5.06 -4.71 -3.00
C LYS A 71 4.20 -5.95 -3.35
N GLY A 72 3.63 -5.97 -4.57
CA GLY A 72 2.82 -7.12 -5.05
C GLY A 72 3.68 -8.31 -5.45
N PHE A 73 3.11 -9.21 -6.27
CA PHE A 73 3.77 -10.46 -6.66
C PHE A 73 4.96 -10.16 -7.59
N PRO A 74 6.18 -10.79 -7.38
CA PRO A 74 7.37 -10.55 -8.24
C PRO A 74 7.04 -10.73 -9.73
N GLY A 75 7.41 -9.73 -10.55
CA GLY A 75 7.02 -9.69 -11.95
C GLY A 75 8.02 -8.91 -12.82
N PRO A 76 7.61 -8.48 -14.06
CA PRO A 76 8.49 -7.76 -15.02
C PRO A 76 8.92 -6.35 -14.52
N ALA A 77 8.19 -5.83 -13.51
CA ALA A 77 8.50 -4.54 -12.84
C ALA A 77 9.35 -4.75 -11.57
N GLY A 78 10.03 -5.92 -11.47
CA GLY A 78 10.71 -6.36 -10.25
C GLY A 78 9.72 -7.07 -9.34
N ARG A 79 8.84 -6.27 -8.72
CA ARG A 79 7.64 -6.73 -8.02
C ARG A 79 6.42 -5.97 -8.57
N GLY A 80 5.24 -6.54 -8.33
CA GLY A 80 3.99 -5.94 -8.75
C GLY A 80 3.49 -4.89 -7.77
N ASP A 81 2.20 -4.62 -7.80
CA ASP A 81 1.56 -3.59 -6.99
C ASP A 81 0.60 -4.23 -5.99
N LEU A 82 0.69 -3.80 -4.72
CA LEU A 82 -0.09 -4.36 -3.62
C LEU A 82 -1.16 -3.35 -3.24
N TYR A 83 -2.44 -3.75 -3.31
CA TYR A 83 -3.58 -2.90 -2.94
C TYR A 83 -3.84 -3.05 -1.44
N LEU A 84 -3.62 -1.98 -0.68
CA LEU A 84 -3.90 -1.96 0.75
C LEU A 84 -5.38 -1.57 0.97
N GLU A 85 -6.18 -2.58 1.37
CA GLU A 85 -7.59 -2.44 1.70
C GLU A 85 -7.68 -1.77 3.09
N VAL A 86 -7.89 -0.45 3.05
CA VAL A 86 -7.96 0.42 4.24
C VAL A 86 -9.16 0.02 5.13
N ARG A 87 -8.84 -0.57 6.29
CA ARG A 87 -9.82 -0.90 7.31
C ARG A 87 -9.62 0.04 8.50
N ILE A 88 -10.38 1.16 8.51
CA ILE A 88 -10.38 2.10 9.63
C ILE A 88 -11.18 1.51 10.80
N THR A 89 -10.59 1.56 11.99
CA THR A 89 -11.16 1.10 13.25
C THR A 89 -10.98 2.24 14.30
N MET A 1 19.46 -1.47 7.40
CA MET A 1 18.33 -0.52 7.33
C MET A 1 17.42 -0.92 6.16
N SER A 2 16.15 -1.28 6.48
CA SER A 2 15.13 -1.71 5.49
C SER A 2 13.74 -1.29 5.98
N GLN A 3 13.11 -0.34 5.26
CA GLN A 3 11.75 0.16 5.59
C GLN A 3 10.88 0.19 4.33
N LEU A 4 9.57 -0.05 4.52
CA LEU A 4 8.58 -0.10 3.44
C LEU A 4 8.20 1.33 3.01
N ARG A 5 8.86 1.82 1.95
CA ARG A 5 8.63 3.15 1.39
C ARG A 5 7.32 3.19 0.60
N ILE A 6 6.24 3.49 1.33
CA ILE A 6 4.88 3.57 0.76
C ILE A 6 4.68 4.89 -0.02
N ALA A 7 4.13 4.77 -1.23
CA ALA A 7 3.78 5.90 -2.09
C ALA A 7 2.41 5.63 -2.74
N ALA A 8 1.34 6.11 -2.08
CA ALA A 8 -0.07 5.92 -2.51
C ALA A 8 -0.83 7.25 -2.48
N TYR A 9 -2.13 7.21 -2.88
CA TYR A 9 -2.99 8.39 -3.06
C TYR A 9 -2.39 9.34 -4.13
N GLY A 10 -1.78 8.73 -5.16
CA GLY A 10 -1.15 9.43 -6.27
C GLY A 10 0.05 8.66 -6.80
N PRO A 11 0.43 8.85 -8.11
CA PRO A 11 1.59 8.14 -8.72
C PRO A 11 2.95 8.64 -8.16
N HIS A 12 4.02 7.88 -8.43
CA HIS A 12 5.37 8.19 -7.93
C HIS A 12 6.46 7.60 -8.85
N GLY A 13 6.39 6.28 -9.12
CA GLY A 13 7.36 5.64 -10.04
C GLY A 13 7.55 4.15 -9.79
N SER A 14 7.37 3.34 -10.86
CA SER A 14 7.73 1.92 -10.96
C SER A 14 7.30 1.40 -12.35
N GLY A 15 8.27 1.03 -13.20
CA GLY A 15 7.96 0.47 -14.51
C GLY A 15 9.21 0.24 -15.35
N GLY A 16 10.24 -0.37 -14.72
CA GLY A 16 11.50 -0.64 -15.39
C GLY A 16 12.27 -1.75 -14.71
N SER A 17 11.64 -2.93 -14.63
CA SER A 17 12.21 -4.15 -14.02
C SER A 17 11.65 -5.39 -14.75
N GLY A 18 12.39 -6.50 -14.67
CA GLY A 18 11.95 -7.80 -15.21
C GLY A 18 11.30 -8.69 -14.15
N GLY A 19 10.96 -9.93 -14.52
CA GLY A 19 10.34 -10.90 -13.60
C GLY A 19 9.63 -12.02 -14.35
N SER A 20 8.66 -12.67 -13.67
CA SER A 20 7.89 -13.79 -14.24
C SER A 20 6.40 -13.70 -13.84
N GLY A 21 5.57 -13.21 -14.78
CA GLY A 21 4.13 -13.10 -14.57
C GLY A 21 3.52 -11.98 -15.39
N GLY A 22 2.36 -11.47 -14.95
CA GLY A 22 1.72 -10.31 -15.57
C GLY A 22 2.05 -9.03 -14.82
N SER A 23 1.02 -8.44 -14.18
CA SER A 23 1.16 -7.25 -13.32
C SER A 23 1.62 -7.66 -11.93
N GLN A 24 1.09 -8.81 -11.44
CA GLN A 24 1.49 -9.47 -10.17
C GLN A 24 1.15 -8.62 -8.94
N ASP A 25 0.02 -7.92 -9.05
CA ASP A 25 -0.53 -7.05 -8.01
C ASP A 25 -1.54 -7.80 -7.14
N LEU A 26 -1.48 -7.56 -5.81
CA LEU A 26 -2.34 -8.24 -4.80
C LEU A 26 -3.13 -7.20 -3.99
N TYR A 27 -4.13 -7.68 -3.25
CA TYR A 27 -4.81 -6.91 -2.18
C TYR A 27 -4.34 -7.48 -0.83
N ALA A 28 -4.31 -6.63 0.20
CA ALA A 28 -3.88 -7.00 1.55
C ALA A 28 -4.63 -6.12 2.57
N THR A 29 -5.25 -6.77 3.57
CA THR A 29 -6.03 -6.09 4.60
C THR A 29 -5.11 -5.20 5.47
N LEU A 30 -5.44 -3.90 5.50
CA LEU A 30 -4.69 -2.87 6.22
C LEU A 30 -5.49 -2.43 7.44
N ASP A 31 -4.97 -2.75 8.63
CA ASP A 31 -5.55 -2.29 9.90
C ASP A 31 -4.98 -0.89 10.21
N VAL A 32 -5.84 0.13 10.16
CA VAL A 32 -5.47 1.53 10.39
C VAL A 32 -6.57 2.22 11.22
N PRO A 33 -6.25 2.76 12.45
CA PRO A 33 -7.25 3.45 13.28
C PRO A 33 -7.64 4.80 12.68
N ALA A 34 -8.82 5.29 13.07
CA ALA A 34 -9.43 6.55 12.58
C ALA A 34 -8.48 7.78 12.69
N PRO A 35 -7.77 8.04 13.88
CA PRO A 35 -6.86 9.22 14.01
C PRO A 35 -5.68 9.15 13.01
N ILE A 36 -5.06 7.94 12.89
CA ILE A 36 -3.91 7.72 11.99
C ILE A 36 -4.36 7.76 10.52
N ALA A 37 -5.62 7.39 10.27
CA ALA A 37 -6.23 7.40 8.94
C ALA A 37 -6.30 8.85 8.39
N VAL A 38 -6.78 9.78 9.24
CA VAL A 38 -6.90 11.21 8.88
C VAL A 38 -5.51 11.86 8.70
N VAL A 39 -4.68 11.80 9.75
CA VAL A 39 -3.41 12.56 9.82
C VAL A 39 -2.29 11.89 8.99
N GLY A 40 -2.44 10.58 8.73
CA GLY A 40 -1.37 9.78 8.12
C GLY A 40 -0.30 9.40 9.14
N GLY A 41 0.10 8.12 9.16
CA GLY A 41 1.12 7.64 10.11
C GLY A 41 1.32 6.14 10.00
N LYS A 42 2.16 5.60 10.90
CA LYS A 42 2.49 4.17 10.91
C LYS A 42 1.38 3.35 11.57
N VAL A 43 1.14 2.15 11.02
CA VAL A 43 0.16 1.18 11.53
C VAL A 43 0.73 -0.25 11.47
N ARG A 44 -0.01 -1.17 12.12
CA ARG A 44 0.21 -2.61 12.02
C ARG A 44 -0.23 -3.14 10.64
N ALA A 45 0.71 -3.69 9.87
CA ALA A 45 0.40 -4.42 8.63
C ALA A 45 0.68 -5.92 8.84
N MET A 46 -0.24 -6.77 8.33
CA MET A 46 -0.12 -8.22 8.44
C MET A 46 0.75 -8.74 7.28
N THR A 47 2.00 -9.07 7.61
CA THR A 47 3.03 -9.51 6.66
C THR A 47 3.55 -10.91 7.07
N LEU A 48 4.33 -11.58 6.19
CA LEU A 48 4.98 -12.88 6.47
C LEU A 48 5.85 -12.82 7.75
N GLU A 49 6.35 -11.60 8.06
CA GLU A 49 7.19 -11.32 9.24
C GLU A 49 6.35 -10.90 10.46
N GLY A 50 5.04 -11.17 10.41
CA GLY A 50 4.12 -10.78 11.48
C GLY A 50 3.67 -9.32 11.35
N PRO A 51 3.36 -8.62 12.48
CA PRO A 51 2.97 -7.19 12.43
C PRO A 51 4.20 -6.28 12.19
N VAL A 52 4.17 -5.49 11.08
CA VAL A 52 5.31 -4.61 10.68
C VAL A 52 4.88 -3.14 10.65
N GLU A 53 5.90 -2.26 10.55
CA GLU A 53 5.74 -0.81 10.42
C GLU A 53 5.33 -0.49 8.97
N VAL A 54 4.14 0.06 8.79
CA VAL A 54 3.65 0.52 7.47
C VAL A 54 3.23 2.00 7.59
N ALA A 55 3.97 2.87 6.88
CA ALA A 55 3.72 4.32 6.89
C ALA A 55 2.57 4.65 5.94
N VAL A 56 1.37 4.82 6.50
CA VAL A 56 0.15 5.13 5.75
C VAL A 56 0.11 6.65 5.43
N PRO A 57 -0.15 7.05 4.13
CA PRO A 57 -0.39 8.47 3.75
C PRO A 57 -1.64 9.07 4.46
N PRO A 58 -1.87 10.43 4.43
CA PRO A 58 -3.10 11.04 5.00
C PRO A 58 -4.36 10.72 4.18
N ARG A 59 -5.52 11.25 4.65
CA ARG A 59 -6.84 11.21 3.94
C ARG A 59 -7.33 9.76 3.72
N THR A 60 -6.75 8.83 4.49
CA THR A 60 -6.99 7.40 4.35
C THR A 60 -8.42 7.06 4.78
N GLN A 61 -9.28 6.83 3.77
CA GLN A 61 -10.72 6.60 3.94
C GLN A 61 -11.03 5.11 3.77
N ALA A 62 -11.99 4.62 4.60
CA ALA A 62 -12.42 3.21 4.66
C ALA A 62 -12.94 2.71 3.31
N GLY A 63 -12.42 1.55 2.86
CA GLY A 63 -12.85 0.91 1.61
C GLY A 63 -11.97 1.25 0.43
N ARG A 64 -11.05 2.23 0.60
CA ARG A 64 -10.04 2.58 -0.42
C ARG A 64 -8.89 1.56 -0.37
N LYS A 65 -8.17 1.41 -1.50
CA LYS A 65 -7.08 0.41 -1.64
C LYS A 65 -5.85 1.11 -2.20
N LEU A 66 -4.78 1.10 -1.40
CA LEU A 66 -3.62 1.96 -1.60
C LEU A 66 -2.63 1.25 -2.50
N ARG A 67 -2.56 1.67 -3.78
CA ARG A 67 -1.68 1.06 -4.78
C ARG A 67 -0.21 1.39 -4.45
N LEU A 68 0.48 0.40 -3.86
CA LEU A 68 1.91 0.51 -3.57
C LEU A 68 2.68 -0.15 -4.71
N LYS A 69 3.04 0.67 -5.71
CA LYS A 69 3.79 0.17 -6.87
C LYS A 69 5.16 -0.36 -6.41
N GLY A 70 5.62 -1.47 -7.01
CA GLY A 70 6.91 -2.05 -6.67
C GLY A 70 6.92 -2.75 -5.30
N LYS A 71 5.78 -3.38 -4.93
CA LYS A 71 5.63 -4.12 -3.64
C LYS A 71 5.09 -5.56 -3.86
N GLY A 72 4.33 -5.77 -4.95
CA GLY A 72 3.95 -7.13 -5.39
C GLY A 72 5.11 -7.88 -6.06
N PHE A 73 4.80 -8.98 -6.76
CA PHE A 73 5.85 -9.84 -7.39
C PHE A 73 6.41 -9.16 -8.66
N PRO A 74 7.70 -9.39 -9.04
CA PRO A 74 8.29 -8.82 -10.28
C PRO A 74 7.60 -9.33 -11.57
N GLY A 75 7.73 -8.55 -12.65
CA GLY A 75 7.09 -8.86 -13.93
C GLY A 75 7.73 -8.06 -15.07
N PRO A 76 7.31 -8.31 -16.35
CA PRO A 76 7.90 -7.63 -17.54
C PRO A 76 7.52 -6.13 -17.64
N ALA A 77 6.54 -5.70 -16.81
CA ALA A 77 6.05 -4.31 -16.76
C ALA A 77 6.59 -3.57 -15.50
N GLY A 78 7.61 -4.15 -14.84
CA GLY A 78 8.21 -3.58 -13.63
C GLY A 78 8.08 -4.53 -12.46
N ARG A 79 7.47 -4.08 -11.36
CA ARG A 79 7.08 -4.93 -10.22
C ARG A 79 5.59 -4.69 -9.93
N GLY A 80 5.00 -5.63 -9.19
CA GLY A 80 3.57 -5.61 -8.85
C GLY A 80 3.20 -4.51 -7.87
N ASP A 81 1.89 -4.34 -7.69
CA ASP A 81 1.31 -3.32 -6.82
C ASP A 81 0.67 -3.99 -5.60
N LEU A 82 0.89 -3.45 -4.41
CA LEU A 82 0.27 -3.97 -3.18
C LEU A 82 -0.84 -3.01 -2.78
N TYR A 83 -2.09 -3.43 -2.94
CA TYR A 83 -3.26 -2.62 -2.61
C TYR A 83 -3.63 -2.86 -1.15
N LEU A 84 -3.40 -1.84 -0.31
CA LEU A 84 -3.71 -1.90 1.12
C LEU A 84 -5.17 -1.47 1.33
N GLU A 85 -6.00 -2.47 1.62
CA GLU A 85 -7.45 -2.29 1.80
C GLU A 85 -7.73 -1.70 3.18
N VAL A 86 -8.02 -0.39 3.18
CA VAL A 86 -8.22 0.42 4.37
C VAL A 86 -9.39 -0.11 5.24
N ARG A 87 -9.01 -0.55 6.44
CA ARG A 87 -9.95 -0.93 7.50
C ARG A 87 -9.80 0.09 8.63
N ILE A 88 -10.65 1.14 8.61
CA ILE A 88 -10.62 2.19 9.62
C ILE A 88 -11.25 1.65 10.93
N THR A 89 -10.38 1.44 11.93
CA THR A 89 -10.77 0.98 13.26
C THR A 89 -10.45 2.12 14.29
N MET A 1 16.99 -1.24 3.92
CA MET A 1 15.71 -1.31 4.68
C MET A 1 14.53 -1.12 3.72
N SER A 2 13.45 -1.89 3.92
CA SER A 2 12.21 -1.74 3.17
C SER A 2 11.45 -0.50 3.66
N GLN A 3 11.52 0.61 2.88
CA GLN A 3 10.90 1.91 3.24
C GLN A 3 9.36 1.85 3.21
N LEU A 4 8.82 0.82 2.51
CA LEU A 4 7.37 0.53 2.45
C LEU A 4 6.59 1.74 1.90
N ARG A 5 7.15 2.32 0.82
CA ARG A 5 6.59 3.49 0.15
C ARG A 5 5.17 3.22 -0.35
N ILE A 6 4.22 3.96 0.22
CA ILE A 6 2.84 3.98 -0.24
C ILE A 6 2.75 4.86 -1.50
N ALA A 7 2.54 4.22 -2.67
CA ALA A 7 2.40 4.89 -3.98
C ALA A 7 0.94 5.37 -4.20
N ALA A 8 0.34 5.89 -3.12
CA ALA A 8 -1.07 6.30 -3.06
C ALA A 8 -1.23 7.39 -1.97
N TYR A 9 -2.38 8.11 -2.03
CA TYR A 9 -2.64 9.37 -1.30
C TYR A 9 -1.68 10.51 -1.74
N GLY A 10 -1.02 10.31 -2.89
CA GLY A 10 -0.03 11.26 -3.41
C GLY A 10 0.25 11.01 -4.89
N PRO A 11 1.11 11.87 -5.54
CA PRO A 11 1.45 11.75 -6.98
C PRO A 11 2.10 10.38 -7.31
N HIS A 12 1.47 9.66 -8.26
CA HIS A 12 1.95 8.33 -8.71
C HIS A 12 2.02 8.33 -10.26
N GLY A 13 3.24 8.18 -10.80
CA GLY A 13 3.48 8.13 -12.25
C GLY A 13 3.04 6.80 -12.85
N SER A 14 2.92 6.75 -14.19
CA SER A 14 2.49 5.54 -14.92
C SER A 14 3.58 4.43 -14.91
N GLY A 15 4.85 4.87 -14.95
CA GLY A 15 5.99 3.96 -15.03
C GLY A 15 6.38 3.67 -16.47
N GLY A 16 5.41 3.15 -17.25
CA GLY A 16 5.60 2.79 -18.65
C GLY A 16 4.98 1.43 -18.97
N SER A 17 5.40 0.83 -20.10
CA SER A 17 4.97 -0.52 -20.51
C SER A 17 6.00 -1.58 -20.01
N GLY A 18 5.94 -2.82 -20.54
CA GLY A 18 6.89 -3.87 -20.17
C GLY A 18 6.27 -5.26 -20.19
N GLY A 19 4.94 -5.32 -20.05
CA GLY A 19 4.21 -6.58 -20.06
C GLY A 19 2.70 -6.36 -20.01
N SER A 20 2.11 -6.03 -21.17
CA SER A 20 0.67 -5.76 -21.33
C SER A 20 -0.19 -7.03 -21.08
N GLY A 21 -1.40 -6.83 -20.55
CA GLY A 21 -2.33 -7.93 -20.26
C GLY A 21 -2.30 -8.33 -18.79
N GLY A 22 -2.80 -7.42 -17.91
CA GLY A 22 -2.84 -7.66 -16.46
C GLY A 22 -1.46 -7.66 -15.80
N SER A 23 -1.41 -8.10 -14.53
CA SER A 23 -0.15 -8.21 -13.76
C SER A 23 -0.27 -9.26 -12.66
N GLN A 24 0.89 -9.67 -12.11
CA GLN A 24 0.97 -10.61 -10.98
C GLN A 24 0.94 -9.83 -9.64
N ASP A 25 -0.13 -9.00 -9.53
CA ASP A 25 -0.39 -8.12 -8.37
C ASP A 25 -1.22 -8.87 -7.32
N LEU A 26 -1.30 -8.30 -6.12
CA LEU A 26 -2.06 -8.87 -4.99
C LEU A 26 -2.92 -7.80 -4.33
N TYR A 27 -3.87 -8.27 -3.51
CA TYR A 27 -4.67 -7.47 -2.58
C TYR A 27 -4.33 -7.90 -1.15
N ALA A 28 -4.53 -6.98 -0.20
CA ALA A 28 -4.25 -7.21 1.22
C ALA A 28 -5.01 -6.19 2.07
N THR A 29 -5.36 -6.57 3.29
CA THR A 29 -6.05 -5.69 4.24
C THR A 29 -5.04 -4.77 4.95
N LEU A 30 -5.38 -3.48 5.06
CA LEU A 30 -4.64 -2.51 5.86
C LEU A 30 -5.55 -2.06 7.00
N ASP A 31 -5.18 -2.40 8.24
CA ASP A 31 -5.92 -1.98 9.43
C ASP A 31 -5.33 -0.67 9.96
N VAL A 32 -6.20 0.35 10.09
CA VAL A 32 -5.86 1.68 10.60
C VAL A 32 -7.05 2.20 11.43
N PRO A 33 -6.84 2.71 12.69
CA PRO A 33 -7.92 3.39 13.43
C PRO A 33 -8.15 4.82 12.89
N ALA A 34 -9.37 5.34 13.11
CA ALA A 34 -9.79 6.69 12.65
C ALA A 34 -8.84 7.85 13.10
N PRO A 35 -8.32 7.90 14.41
CA PRO A 35 -7.34 8.96 14.80
C PRO A 35 -6.08 8.96 13.90
N ILE A 36 -5.45 7.76 13.75
CA ILE A 36 -4.21 7.59 12.96
C ILE A 36 -4.49 7.79 11.44
N ALA A 37 -5.74 7.54 11.04
CA ALA A 37 -6.19 7.69 9.63
C ALA A 37 -6.26 9.18 9.23
N VAL A 38 -6.94 9.98 10.05
CA VAL A 38 -7.18 11.42 9.79
C VAL A 38 -5.86 12.22 9.86
N VAL A 39 -5.09 12.03 10.95
CA VAL A 39 -3.83 12.77 11.18
C VAL A 39 -2.70 12.22 10.29
N GLY A 40 -2.75 10.91 10.02
CA GLY A 40 -1.69 10.21 9.31
C GLY A 40 -0.54 9.86 10.24
N GLY A 41 -0.45 8.59 10.65
CA GLY A 41 0.61 8.12 11.55
C GLY A 41 1.27 6.85 11.03
N LYS A 42 1.39 5.84 11.92
CA LYS A 42 1.98 4.52 11.60
C LYS A 42 1.04 3.43 12.14
N VAL A 43 0.89 2.33 11.38
CA VAL A 43 -0.01 1.21 11.76
C VAL A 43 0.72 -0.14 11.65
N ARG A 44 0.11 -1.18 12.23
CA ARG A 44 0.53 -2.56 12.03
C ARG A 44 -0.08 -3.09 10.72
N ALA A 45 0.77 -3.50 9.78
CA ALA A 45 0.34 -4.16 8.53
C ALA A 45 0.93 -5.58 8.47
N MET A 46 0.10 -6.55 8.06
CA MET A 46 0.51 -7.96 7.94
C MET A 46 1.36 -8.14 6.67
N THR A 47 2.63 -8.52 6.86
CA THR A 47 3.62 -8.73 5.78
C THR A 47 4.24 -10.15 5.93
N LEU A 48 5.02 -10.59 4.91
CA LEU A 48 5.71 -11.90 4.91
C LEU A 48 6.67 -12.06 6.13
N GLU A 49 7.29 -10.93 6.54
CA GLU A 49 8.24 -10.89 7.69
C GLU A 49 7.51 -10.74 9.04
N GLY A 50 6.16 -10.71 9.00
CA GLY A 50 5.33 -10.57 10.21
C GLY A 50 4.67 -9.20 10.30
N PRO A 51 4.18 -8.78 11.50
CA PRO A 51 3.59 -7.43 11.69
C PRO A 51 4.67 -6.32 11.59
N VAL A 52 4.51 -5.41 10.62
CA VAL A 52 5.45 -4.29 10.40
C VAL A 52 4.77 -2.95 10.68
N GLU A 53 5.55 -1.88 10.84
CA GLU A 53 5.02 -0.51 11.04
C GLU A 53 5.17 0.30 9.73
N VAL A 54 4.02 0.58 9.10
CA VAL A 54 3.94 1.32 7.82
C VAL A 54 3.45 2.75 8.10
N ALA A 55 4.21 3.75 7.63
CA ALA A 55 3.84 5.16 7.75
C ALA A 55 2.69 5.49 6.78
N VAL A 56 1.47 5.53 7.32
CA VAL A 56 0.23 5.80 6.56
C VAL A 56 -0.03 7.33 6.52
N PRO A 57 -0.12 7.96 5.29
CA PRO A 57 -0.35 9.43 5.12
C PRO A 57 -1.70 9.93 5.71
N PRO A 58 -1.96 11.27 5.84
CA PRO A 58 -3.25 11.79 6.37
C PRO A 58 -4.44 11.59 5.41
N ARG A 59 -5.65 11.84 5.97
CA ARG A 59 -6.95 11.80 5.25
C ARG A 59 -7.31 10.39 4.76
N THR A 60 -6.71 9.37 5.41
CA THR A 60 -6.89 7.96 5.07
C THR A 60 -8.33 7.51 5.36
N GLN A 61 -9.13 7.36 4.29
CA GLN A 61 -10.58 7.08 4.37
C GLN A 61 -10.87 5.59 4.10
N ALA A 62 -11.85 5.03 4.85
CA ALA A 62 -12.25 3.61 4.76
C ALA A 62 -12.87 3.30 3.39
N GLY A 63 -12.59 2.08 2.89
CA GLY A 63 -13.11 1.61 1.61
C GLY A 63 -12.21 1.98 0.43
N ARG A 64 -11.21 2.84 0.69
CA ARG A 64 -10.15 3.17 -0.28
C ARG A 64 -9.12 2.03 -0.34
N LYS A 65 -8.44 1.91 -1.49
CA LYS A 65 -7.41 0.87 -1.76
C LYS A 65 -6.18 1.55 -2.34
N LEU A 66 -5.01 1.14 -1.84
CA LEU A 66 -3.75 1.83 -2.11
C LEU A 66 -2.88 0.98 -3.01
N ARG A 67 -2.82 1.37 -4.30
CA ARG A 67 -1.99 0.69 -5.29
C ARG A 67 -0.51 0.99 -5.00
N LEU A 68 0.16 0.02 -4.37
CA LEU A 68 1.58 0.10 -4.06
C LEU A 68 2.33 -0.67 -5.14
N LYS A 69 2.85 0.06 -6.12
CA LYS A 69 3.53 -0.54 -7.28
C LYS A 69 4.94 -1.02 -6.90
N GLY A 70 5.35 -2.18 -7.45
CA GLY A 70 6.66 -2.76 -7.15
C GLY A 70 6.71 -3.47 -5.80
N LYS A 71 5.57 -4.08 -5.40
CA LYS A 71 5.42 -4.78 -4.09
C LYS A 71 4.94 -6.24 -4.27
N GLY A 72 4.10 -6.47 -5.31
CA GLY A 72 3.61 -7.84 -5.66
C GLY A 72 4.72 -8.77 -6.16
N PHE A 73 4.35 -9.85 -6.88
CA PHE A 73 5.35 -10.83 -7.36
C PHE A 73 6.19 -10.22 -8.50
N PRO A 74 7.52 -10.58 -8.64
CA PRO A 74 8.38 -10.11 -9.76
C PRO A 74 7.83 -10.53 -11.16
N GLY A 75 8.20 -9.77 -12.20
CA GLY A 75 7.74 -10.03 -13.57
C GLY A 75 8.58 -9.30 -14.65
N PRO A 76 8.17 -9.36 -15.96
CA PRO A 76 8.91 -8.72 -17.09
C PRO A 76 9.06 -7.19 -16.95
N ALA A 77 8.05 -6.54 -16.37
CA ALA A 77 8.02 -5.07 -16.14
C ALA A 77 8.37 -4.72 -14.68
N GLY A 78 9.07 -5.66 -13.99
CA GLY A 78 9.37 -5.54 -12.56
C GLY A 78 8.30 -6.21 -11.71
N ARG A 79 8.28 -5.89 -10.41
CA ARG A 79 7.28 -6.46 -9.47
C ARG A 79 5.87 -5.89 -9.78
N GLY A 80 4.84 -6.65 -9.35
CA GLY A 80 3.45 -6.26 -9.51
C GLY A 80 3.02 -5.23 -8.46
N ASP A 81 1.71 -5.03 -8.33
CA ASP A 81 1.12 -4.05 -7.41
C ASP A 81 0.66 -4.73 -6.12
N LEU A 82 0.33 -3.93 -5.10
CA LEU A 82 -0.25 -4.41 -3.84
C LEU A 82 -1.29 -3.41 -3.36
N TYR A 83 -2.57 -3.78 -3.44
CA TYR A 83 -3.69 -2.92 -3.04
C TYR A 83 -4.01 -3.14 -1.56
N LEU A 84 -3.66 -2.14 -0.72
CA LEU A 84 -3.99 -2.14 0.71
C LEU A 84 -5.37 -1.52 0.91
N GLU A 85 -6.36 -2.36 1.24
CA GLU A 85 -7.73 -1.95 1.49
C GLU A 85 -7.83 -1.35 2.89
N VAL A 86 -7.89 -0.01 2.93
CA VAL A 86 -8.06 0.78 4.16
C VAL A 86 -9.34 0.36 4.92
N ARG A 87 -9.12 -0.22 6.10
CA ARG A 87 -10.19 -0.64 7.02
C ARG A 87 -10.06 0.18 8.30
N ILE A 88 -10.89 1.23 8.42
CA ILE A 88 -10.88 2.13 9.57
C ILE A 88 -11.63 1.50 10.76
N THR A 89 -10.94 1.45 11.91
CA THR A 89 -11.47 0.97 13.18
C THR A 89 -11.23 2.06 14.27
N MET A 1 16.41 -5.11 2.55
CA MET A 1 16.61 -5.14 1.09
C MET A 1 15.93 -3.93 0.45
N SER A 2 14.64 -3.71 0.79
CA SER A 2 13.83 -2.61 0.25
C SER A 2 12.74 -2.19 1.25
N GLN A 3 12.77 -0.90 1.67
CA GLN A 3 11.73 -0.31 2.54
C GLN A 3 10.39 -0.25 1.78
N LEU A 4 9.29 -0.51 2.50
CA LEU A 4 7.95 -0.63 1.91
C LEU A 4 7.35 0.77 1.65
N ARG A 5 7.78 1.36 0.51
CA ARG A 5 7.36 2.71 0.08
C ARG A 5 5.88 2.68 -0.37
N ILE A 6 5.06 3.58 0.16
CA ILE A 6 3.62 3.65 -0.16
C ILE A 6 3.43 4.29 -1.56
N ALA A 7 3.68 5.61 -1.66
CA ALA A 7 3.49 6.41 -2.89
C ALA A 7 2.02 6.36 -3.38
N ALA A 8 1.09 6.31 -2.40
CA ALA A 8 -0.37 6.34 -2.62
C ALA A 8 -0.98 7.40 -1.68
N TYR A 9 -2.22 7.85 -2.01
CA TYR A 9 -2.81 9.13 -1.54
C TYR A 9 -2.03 10.31 -2.15
N GLY A 10 -0.77 10.48 -1.71
CA GLY A 10 0.19 11.34 -2.40
C GLY A 10 1.07 10.49 -3.33
N PRO A 11 0.74 10.37 -4.66
CA PRO A 11 1.48 9.49 -5.59
C PRO A 11 2.73 10.18 -6.17
N HIS A 12 3.53 9.40 -6.91
CA HIS A 12 4.78 9.88 -7.55
C HIS A 12 4.91 9.31 -8.98
N GLY A 13 6.05 9.60 -9.64
CA GLY A 13 6.35 9.15 -11.00
C GLY A 13 6.31 7.63 -11.15
N SER A 14 5.51 7.16 -12.11
CA SER A 14 5.20 5.74 -12.31
C SER A 14 5.67 5.27 -13.69
N GLY A 15 6.34 4.12 -13.71
CA GLY A 15 6.81 3.47 -14.94
C GLY A 15 6.58 1.97 -14.92
N GLY A 16 5.70 1.52 -14.00
CA GLY A 16 5.39 0.10 -13.83
C GLY A 16 4.23 -0.37 -14.69
N SER A 17 4.24 0.05 -15.97
CA SER A 17 3.24 -0.37 -16.95
C SER A 17 3.69 -1.67 -17.64
N GLY A 18 2.93 -2.75 -17.41
CA GLY A 18 3.23 -4.06 -17.96
C GLY A 18 1.96 -4.85 -18.24
N GLY A 19 2.00 -5.75 -19.24
CA GLY A 19 0.86 -6.59 -19.61
C GLY A 19 0.95 -7.99 -19.01
N SER A 20 0.05 -8.88 -19.46
CA SER A 20 0.00 -10.31 -19.06
C SER A 20 -0.22 -10.48 -17.53
N GLY A 21 -1.50 -10.57 -17.13
CA GLY A 21 -1.88 -10.74 -15.73
C GLY A 21 -1.45 -12.10 -15.16
N GLY A 22 -0.22 -12.15 -14.63
CA GLY A 22 0.35 -13.37 -14.03
C GLY A 22 0.40 -13.29 -12.51
N SER A 23 -0.62 -12.62 -11.92
CA SER A 23 -0.80 -12.47 -10.45
C SER A 23 0.33 -11.65 -9.80
N GLN A 24 0.84 -10.63 -10.54
CA GLN A 24 1.85 -9.68 -10.01
C GLN A 24 1.23 -8.84 -8.88
N ASP A 25 0.25 -8.01 -9.25
CA ASP A 25 -0.45 -7.14 -8.30
C ASP A 25 -1.52 -7.95 -7.55
N LEU A 26 -1.56 -7.81 -6.21
CA LEU A 26 -2.54 -8.50 -5.33
C LEU A 26 -3.07 -7.51 -4.28
N TYR A 27 -4.04 -7.97 -3.48
CA TYR A 27 -4.64 -7.17 -2.39
C TYR A 27 -4.14 -7.66 -1.03
N ALA A 28 -4.35 -6.82 -0.01
CA ALA A 28 -4.03 -7.12 1.40
C ALA A 28 -4.73 -6.08 2.27
N THR A 29 -5.47 -6.54 3.29
CA THR A 29 -6.23 -5.66 4.18
C THR A 29 -5.29 -4.84 5.10
N LEU A 30 -5.60 -3.55 5.26
CA LEU A 30 -4.90 -2.64 6.17
C LEU A 30 -5.92 -2.06 7.15
N ASP A 31 -5.81 -2.41 8.43
CA ASP A 31 -6.66 -1.85 9.48
C ASP A 31 -5.97 -0.60 10.08
N VAL A 32 -6.71 0.52 10.13
CA VAL A 32 -6.20 1.81 10.61
C VAL A 32 -7.28 2.50 11.47
N PRO A 33 -6.99 2.92 12.75
CA PRO A 33 -7.99 3.65 13.57
C PRO A 33 -8.27 5.05 13.01
N ALA A 34 -9.49 5.56 13.29
CA ALA A 34 -9.97 6.88 12.81
C ALA A 34 -8.97 8.05 13.08
N PRO A 35 -8.33 8.20 14.32
CA PRO A 35 -7.32 9.26 14.55
C PRO A 35 -6.10 9.12 13.58
N ILE A 36 -5.50 7.91 13.52
CA ILE A 36 -4.31 7.62 12.66
C ILE A 36 -4.67 7.77 11.16
N ALA A 37 -5.95 7.55 10.83
CA ALA A 37 -6.46 7.65 9.45
C ALA A 37 -6.50 9.12 8.98
N VAL A 38 -7.07 10.00 9.81
CA VAL A 38 -7.24 11.43 9.49
C VAL A 38 -5.87 12.15 9.43
N VAL A 39 -5.07 12.03 10.53
CA VAL A 39 -3.78 12.74 10.66
C VAL A 39 -2.70 12.08 9.77
N GLY A 40 -2.71 10.75 9.69
CA GLY A 40 -1.65 9.99 9.04
C GLY A 40 -0.52 9.64 9.99
N GLY A 41 -0.74 8.59 10.81
CA GLY A 41 0.26 8.10 11.77
C GLY A 41 1.00 6.86 11.23
N LYS A 42 1.02 5.75 12.01
CA LYS A 42 1.58 4.45 11.58
C LYS A 42 0.65 3.31 12.02
N VAL A 43 0.63 2.20 11.26
CA VAL A 43 -0.17 1.00 11.57
C VAL A 43 0.63 -0.28 11.31
N ARG A 44 0.07 -1.42 11.75
CA ARG A 44 0.68 -2.75 11.58
C ARG A 44 0.08 -3.45 10.34
N ALA A 45 0.93 -3.71 9.32
CA ALA A 45 0.57 -4.58 8.19
C ALA A 45 1.33 -5.90 8.30
N MET A 46 0.81 -6.96 7.68
CA MET A 46 1.45 -8.28 7.67
C MET A 46 2.23 -8.47 6.36
N THR A 47 3.53 -8.70 6.51
CA THR A 47 4.47 -9.01 5.42
C THR A 47 4.92 -10.49 5.60
N LEU A 48 5.69 -11.03 4.65
CA LEU A 48 6.04 -12.48 4.60
C LEU A 48 6.78 -12.98 5.86
N GLU A 49 7.63 -12.12 6.44
CA GLU A 49 8.44 -12.46 7.63
C GLU A 49 7.69 -12.09 8.93
N GLY A 50 6.67 -11.21 8.84
CA GLY A 50 5.87 -10.80 10.00
C GLY A 50 5.38 -9.35 9.91
N PRO A 51 5.03 -8.72 11.08
CA PRO A 51 4.41 -7.36 11.12
C PRO A 51 5.42 -6.21 10.84
N VAL A 52 4.95 -5.17 10.15
CA VAL A 52 5.77 -3.98 9.77
C VAL A 52 4.99 -2.68 10.09
N GLU A 53 5.74 -1.58 10.17
CA GLU A 53 5.18 -0.24 10.43
C GLU A 53 4.97 0.50 9.09
N VAL A 54 3.70 0.70 8.75
CA VAL A 54 3.26 1.41 7.54
C VAL A 54 2.95 2.86 7.93
N ALA A 55 3.78 3.81 7.44
CA ALA A 55 3.60 5.23 7.74
C ALA A 55 2.41 5.77 6.94
N VAL A 56 1.25 5.80 7.61
CA VAL A 56 -0.04 6.15 6.99
C VAL A 56 -0.04 7.62 6.50
N PRO A 57 -0.49 7.90 5.24
CA PRO A 57 -0.71 9.29 4.76
C PRO A 57 -1.95 9.95 5.41
N PRO A 58 -2.15 11.31 5.30
CA PRO A 58 -3.40 11.97 5.77
C PRO A 58 -4.59 11.68 4.84
N ARG A 59 -5.82 12.01 5.34
CA ARG A 59 -7.10 11.89 4.59
C ARG A 59 -7.44 10.41 4.28
N THR A 60 -6.82 9.48 5.03
CA THR A 60 -6.98 8.05 4.81
C THR A 60 -8.42 7.60 5.15
N GLN A 61 -9.23 7.43 4.09
CA GLN A 61 -10.67 7.12 4.14
C GLN A 61 -10.91 5.62 3.86
N ALA A 62 -11.91 5.05 4.56
CA ALA A 62 -12.27 3.63 4.45
C ALA A 62 -12.91 3.33 3.09
N GLY A 63 -12.63 2.13 2.58
CA GLY A 63 -13.13 1.67 1.28
C GLY A 63 -12.14 1.93 0.14
N ARG A 64 -11.11 2.75 0.43
CA ARG A 64 -10.02 3.03 -0.52
C ARG A 64 -8.94 1.94 -0.42
N LYS A 65 -8.19 1.75 -1.52
CA LYS A 65 -7.11 0.74 -1.64
C LYS A 65 -5.86 1.43 -2.19
N LEU A 66 -4.70 1.07 -1.63
CA LEU A 66 -3.44 1.75 -1.93
C LEU A 66 -2.53 0.84 -2.74
N ARG A 67 -2.48 1.08 -4.06
CA ARG A 67 -1.66 0.31 -4.99
C ARG A 67 -0.16 0.66 -4.78
N LEU A 68 0.56 -0.24 -4.10
CA LEU A 68 1.99 -0.03 -3.73
C LEU A 68 2.88 -0.91 -4.60
N LYS A 69 3.60 -0.30 -5.55
CA LYS A 69 4.56 -1.03 -6.43
C LYS A 69 5.70 -1.71 -5.63
N GLY A 70 6.21 -2.82 -6.18
CA GLY A 70 7.40 -3.49 -5.65
C GLY A 70 7.13 -4.36 -4.43
N LYS A 71 5.88 -4.82 -4.28
CA LYS A 71 5.45 -5.60 -3.10
C LYS A 71 4.95 -6.99 -3.56
N GLY A 72 4.15 -6.97 -4.65
CA GLY A 72 3.61 -8.20 -5.25
C GLY A 72 4.64 -8.93 -6.10
N PHE A 73 4.20 -10.03 -6.74
CA PHE A 73 5.09 -10.97 -7.46
C PHE A 73 5.79 -10.33 -8.67
N PRO A 74 7.03 -10.79 -9.07
CA PRO A 74 7.80 -10.20 -10.20
C PRO A 74 7.09 -10.42 -11.56
N GLY A 75 7.33 -9.50 -12.51
CA GLY A 75 6.70 -9.55 -13.83
C GLY A 75 7.32 -8.58 -14.83
N PRO A 76 6.56 -8.16 -15.91
CA PRO A 76 7.08 -7.27 -16.99
C PRO A 76 7.45 -5.86 -16.46
N ALA A 77 6.73 -5.43 -15.42
CA ALA A 77 6.95 -4.15 -14.73
C ALA A 77 8.03 -4.25 -13.64
N GLY A 78 8.84 -5.34 -13.70
CA GLY A 78 9.84 -5.64 -12.69
C GLY A 78 9.25 -6.46 -11.57
N ARG A 79 8.46 -5.78 -10.73
CA ARG A 79 7.68 -6.40 -9.62
C ARG A 79 6.22 -5.98 -9.71
N GLY A 80 5.38 -6.64 -8.91
CA GLY A 80 3.95 -6.33 -8.83
C GLY A 80 3.61 -5.35 -7.72
N ASP A 81 2.33 -4.98 -7.67
CA ASP A 81 1.78 -4.00 -6.74
C ASP A 81 1.10 -4.72 -5.56
N LEU A 82 0.72 -3.98 -4.51
CA LEU A 82 -0.08 -4.51 -3.39
C LEU A 82 -1.08 -3.43 -2.95
N TYR A 83 -2.38 -3.73 -3.04
CA TYR A 83 -3.46 -2.81 -2.69
C TYR A 83 -3.78 -2.98 -1.20
N LEU A 84 -3.43 -1.98 -0.39
CA LEU A 84 -3.73 -1.98 1.04
C LEU A 84 -5.14 -1.41 1.25
N GLU A 85 -6.07 -2.32 1.61
CA GLU A 85 -7.49 -2.04 1.74
C GLU A 85 -7.74 -1.31 3.06
N VAL A 86 -7.84 0.02 2.99
CA VAL A 86 -8.10 0.88 4.15
C VAL A 86 -9.46 0.52 4.79
N ARG A 87 -9.40 -0.16 5.94
CA ARG A 87 -10.56 -0.49 6.77
C ARG A 87 -10.38 0.24 8.10
N ILE A 88 -11.10 1.35 8.27
CA ILE A 88 -10.96 2.23 9.45
C ILE A 88 -11.74 1.67 10.64
N THR A 89 -11.07 1.61 11.81
CA THR A 89 -11.66 1.16 13.09
C THR A 89 -11.18 2.13 14.21
N MET A 1 18.50 1.70 4.65
CA MET A 1 17.22 1.11 5.11
C MET A 1 16.31 0.76 3.92
N SER A 2 15.19 0.08 4.19
CA SER A 2 14.19 -0.25 3.17
C SER A 2 12.81 -0.38 3.85
N GLN A 3 11.94 0.63 3.64
CA GLN A 3 10.60 0.67 4.26
C GLN A 3 9.50 0.32 3.24
N LEU A 4 8.36 -0.16 3.75
CA LEU A 4 7.17 -0.53 2.96
C LEU A 4 6.14 0.62 2.95
N ARG A 5 6.66 1.86 3.11
CA ARG A 5 5.91 3.14 3.11
C ARG A 5 4.88 3.29 1.96
N ILE A 6 3.78 4.01 2.24
CA ILE A 6 2.69 4.29 1.28
C ILE A 6 2.94 5.63 0.56
N ALA A 7 3.32 5.55 -0.73
CA ALA A 7 3.46 6.73 -1.60
C ALA A 7 2.10 7.15 -2.20
N ALA A 8 1.06 6.32 -1.94
CA ALA A 8 -0.33 6.58 -2.39
C ALA A 8 -1.01 7.66 -1.50
N TYR A 9 -2.30 7.97 -1.82
CA TYR A 9 -2.98 9.22 -1.39
C TYR A 9 -2.30 10.44 -2.03
N GLY A 10 -1.89 10.25 -3.30
CA GLY A 10 -1.31 11.29 -4.12
C GLY A 10 -1.45 10.95 -5.61
N PRO A 11 -2.70 11.01 -6.21
CA PRO A 11 -2.95 10.78 -7.67
C PRO A 11 -2.23 11.78 -8.62
N HIS A 12 -1.55 12.81 -8.04
CA HIS A 12 -0.66 13.71 -8.79
C HIS A 12 0.53 12.94 -9.41
N GLY A 13 0.30 12.34 -10.59
CA GLY A 13 1.28 11.46 -11.23
C GLY A 13 0.98 11.23 -12.70
N SER A 14 1.81 11.82 -13.58
CA SER A 14 1.73 11.65 -15.05
C SER A 14 2.92 10.81 -15.54
N GLY A 15 3.36 9.86 -14.70
CA GLY A 15 4.50 8.99 -14.99
C GLY A 15 4.42 7.64 -14.29
N GLY A 16 5.30 6.70 -14.73
CA GLY A 16 5.36 5.35 -14.16
C GLY A 16 4.27 4.40 -14.68
N SER A 17 3.50 4.83 -15.70
CA SER A 17 2.35 4.05 -16.21
C SER A 17 2.80 2.77 -16.96
N GLY A 18 2.91 1.67 -16.18
CA GLY A 18 3.32 0.36 -16.67
C GLY A 18 3.23 -0.69 -15.56
N GLY A 19 3.20 -1.98 -15.93
CA GLY A 19 3.10 -3.07 -14.94
C GLY A 19 1.73 -3.15 -14.27
N SER A 20 0.69 -3.41 -15.08
CA SER A 20 -0.70 -3.55 -14.62
C SER A 20 -1.28 -4.90 -15.09
N GLY A 21 -1.69 -5.76 -14.14
CA GLY A 21 -2.26 -7.08 -14.43
C GLY A 21 -1.26 -8.23 -14.17
N GLY A 22 -1.80 -9.43 -13.90
CA GLY A 22 -1.00 -10.64 -13.64
C GLY A 22 -0.89 -10.96 -12.14
N SER A 23 -0.11 -12.01 -11.82
CA SER A 23 0.11 -12.48 -10.43
C SER A 23 0.97 -11.48 -9.61
N GLN A 24 1.57 -10.52 -10.33
CA GLN A 24 2.40 -9.45 -9.75
C GLN A 24 1.54 -8.58 -8.82
N ASP A 25 0.28 -8.39 -9.23
CA ASP A 25 -0.73 -7.63 -8.47
C ASP A 25 -1.22 -8.46 -7.28
N LEU A 26 -1.26 -7.82 -6.09
CA LEU A 26 -1.74 -8.44 -4.85
C LEU A 26 -2.65 -7.45 -4.09
N TYR A 27 -3.53 -8.00 -3.25
CA TYR A 27 -4.37 -7.22 -2.31
C TYR A 27 -4.01 -7.61 -0.87
N ALA A 28 -4.07 -6.64 0.04
CA ALA A 28 -3.78 -6.85 1.46
C ALA A 28 -4.60 -5.86 2.31
N THR A 29 -5.18 -6.36 3.40
CA THR A 29 -5.92 -5.54 4.36
C THR A 29 -4.96 -4.60 5.13
N LEU A 30 -5.37 -3.35 5.33
CA LEU A 30 -4.65 -2.36 6.14
C LEU A 30 -5.56 -1.93 7.28
N ASP A 31 -5.20 -2.29 8.50
CA ASP A 31 -6.00 -1.97 9.70
C ASP A 31 -5.47 -0.69 10.32
N VAL A 32 -6.30 0.35 10.36
CA VAL A 32 -5.94 1.69 10.86
C VAL A 32 -7.15 2.30 11.62
N PRO A 33 -6.96 2.81 12.88
CA PRO A 33 -8.05 3.49 13.62
C PRO A 33 -8.39 4.87 13.00
N ALA A 34 -9.65 5.34 13.23
CA ALA A 34 -10.13 6.65 12.75
C ALA A 34 -9.18 7.85 13.05
N PRO A 35 -8.62 8.02 14.32
CA PRO A 35 -7.65 9.10 14.60
C PRO A 35 -6.40 9.06 13.68
N ILE A 36 -5.69 7.90 13.65
CA ILE A 36 -4.45 7.73 12.85
C ILE A 36 -4.74 7.82 11.34
N ALA A 37 -5.96 7.43 10.93
CA ALA A 37 -6.37 7.42 9.53
C ALA A 37 -6.48 8.85 8.98
N VAL A 38 -7.24 9.69 9.68
CA VAL A 38 -7.51 11.07 9.25
C VAL A 38 -6.22 11.92 9.32
N VAL A 39 -5.57 11.97 10.49
CA VAL A 39 -4.40 12.85 10.72
C VAL A 39 -3.10 12.30 10.07
N GLY A 40 -3.07 10.97 9.84
CA GLY A 40 -1.88 10.30 9.29
C GLY A 40 -0.94 9.78 10.37
N GLY A 41 -0.39 8.58 10.18
CA GLY A 41 0.51 7.97 11.15
C GLY A 41 1.17 6.69 10.64
N LYS A 42 1.40 5.72 11.55
CA LYS A 42 1.98 4.41 11.21
C LYS A 42 1.16 3.30 11.89
N VAL A 43 0.80 2.24 11.14
CA VAL A 43 0.06 1.09 11.69
C VAL A 43 0.71 -0.23 11.27
N ARG A 44 0.32 -1.30 11.95
CA ARG A 44 0.73 -2.68 11.63
C ARG A 44 -0.02 -3.19 10.39
N ALA A 45 0.70 -3.94 9.54
CA ALA A 45 0.13 -4.64 8.38
C ALA A 45 0.79 -6.00 8.20
N MET A 46 0.09 -6.93 7.52
CA MET A 46 0.59 -8.28 7.25
C MET A 46 1.54 -8.28 6.03
N THR A 47 2.71 -8.89 6.21
CA THR A 47 3.73 -9.07 5.15
C THR A 47 4.41 -10.45 5.36
N LEU A 48 5.17 -10.92 4.35
CA LEU A 48 5.98 -12.16 4.44
C LEU A 48 6.98 -12.14 5.62
N GLU A 49 7.42 -10.93 6.01
CA GLU A 49 8.32 -10.71 7.16
C GLU A 49 7.56 -10.67 8.50
N GLY A 50 6.30 -11.11 8.49
CA GLY A 50 5.42 -11.04 9.65
C GLY A 50 4.74 -9.69 9.74
N PRO A 51 4.43 -9.18 10.98
CA PRO A 51 3.86 -7.83 11.16
C PRO A 51 4.93 -6.73 10.92
N VAL A 52 4.62 -5.75 10.07
CA VAL A 52 5.50 -4.60 9.77
C VAL A 52 4.79 -3.29 10.11
N GLU A 53 5.58 -2.23 10.36
CA GLU A 53 5.04 -0.88 10.63
C GLU A 53 5.09 -0.05 9.34
N VAL A 54 3.92 0.14 8.72
CA VAL A 54 3.77 0.84 7.44
C VAL A 54 3.39 2.32 7.70
N ALA A 55 4.11 3.25 7.04
CA ALA A 55 3.84 4.69 7.14
C ALA A 55 2.63 5.06 6.28
N VAL A 56 1.48 5.25 6.96
CA VAL A 56 0.21 5.60 6.34
C VAL A 56 0.05 7.15 6.30
N PRO A 57 -0.22 7.75 5.10
CA PRO A 57 -0.42 9.22 4.94
C PRO A 57 -1.71 9.72 5.64
N PRO A 58 -1.96 11.07 5.72
CA PRO A 58 -3.30 11.60 6.10
C PRO A 58 -4.37 11.30 5.02
N ARG A 59 -5.62 11.78 5.29
CA ARG A 59 -6.81 11.64 4.40
C ARG A 59 -7.30 10.17 4.28
N THR A 60 -6.69 9.26 5.05
CA THR A 60 -6.91 7.81 4.91
C THR A 60 -8.35 7.44 5.31
N GLN A 61 -9.13 6.97 4.31
CA GLN A 61 -10.58 6.85 4.39
C GLN A 61 -11.02 5.41 4.05
N ALA A 62 -12.02 4.91 4.81
CA ALA A 62 -12.45 3.51 4.77
C ALA A 62 -12.98 3.09 3.38
N GLY A 63 -12.54 1.91 2.92
CA GLY A 63 -12.99 1.34 1.63
C GLY A 63 -12.17 1.82 0.44
N ARG A 64 -11.18 2.69 0.67
CA ARG A 64 -10.22 3.10 -0.35
C ARG A 64 -9.01 2.15 -0.33
N LYS A 65 -8.40 1.91 -1.50
CA LYS A 65 -7.33 0.90 -1.69
C LYS A 65 -6.12 1.57 -2.34
N LEU A 66 -4.92 1.22 -1.87
CA LEU A 66 -3.70 2.00 -2.13
C LEU A 66 -2.72 1.22 -3.00
N ARG A 67 -2.59 1.65 -4.26
CA ARG A 67 -1.69 1.02 -5.24
C ARG A 67 -0.22 1.31 -4.87
N LEU A 68 0.45 0.29 -4.30
CA LEU A 68 1.86 0.39 -3.90
C LEU A 68 2.70 -0.50 -4.84
N LYS A 69 3.19 0.10 -5.92
CA LYS A 69 4.00 -0.62 -6.93
C LYS A 69 5.38 -0.97 -6.36
N GLY A 70 5.90 -2.15 -6.74
CA GLY A 70 7.16 -2.65 -6.20
C GLY A 70 6.99 -3.20 -4.79
N LYS A 71 5.82 -3.81 -4.51
CA LYS A 71 5.50 -4.45 -3.22
C LYS A 71 4.93 -5.86 -3.43
N GLY A 72 4.17 -6.04 -4.54
CA GLY A 72 3.63 -7.35 -4.93
C GLY A 72 4.69 -8.30 -5.52
N PHE A 73 4.23 -9.36 -6.22
CA PHE A 73 5.12 -10.40 -6.78
C PHE A 73 5.93 -9.85 -7.99
N PRO A 74 7.20 -10.37 -8.23
CA PRO A 74 8.00 -10.02 -9.43
C PRO A 74 7.38 -10.56 -10.74
N GLY A 75 7.79 -9.98 -11.88
CA GLY A 75 7.36 -10.42 -13.20
C GLY A 75 8.16 -9.76 -14.32
N PRO A 76 7.78 -9.96 -15.63
CA PRO A 76 8.51 -9.38 -16.79
C PRO A 76 8.29 -7.85 -16.96
N ALA A 77 7.45 -7.27 -16.08
CA ALA A 77 7.21 -5.82 -16.00
C ALA A 77 7.62 -5.27 -14.61
N GLY A 78 8.51 -6.02 -13.93
CA GLY A 78 8.93 -5.70 -12.56
C GLY A 78 8.00 -6.26 -11.51
N ARG A 79 8.16 -5.80 -10.26
CA ARG A 79 7.27 -6.18 -9.14
C ARG A 79 5.98 -5.36 -9.22
N GLY A 80 4.84 -6.04 -9.08
CA GLY A 80 3.52 -5.42 -9.18
C GLY A 80 3.12 -4.64 -7.95
N ASP A 81 1.83 -4.31 -7.87
CA ASP A 81 1.29 -3.36 -6.91
C ASP A 81 0.38 -4.04 -5.88
N LEU A 82 0.63 -3.69 -4.61
CA LEU A 82 -0.09 -4.19 -3.45
C LEU A 82 -1.14 -3.15 -3.04
N TYR A 83 -2.43 -3.52 -3.10
CA TYR A 83 -3.53 -2.63 -2.70
C TYR A 83 -3.81 -2.79 -1.21
N LEU A 84 -3.48 -1.76 -0.43
CA LEU A 84 -3.78 -1.73 1.01
C LEU A 84 -5.18 -1.16 1.21
N GLU A 85 -6.13 -2.05 1.54
CA GLU A 85 -7.53 -1.70 1.77
C GLU A 85 -7.68 -1.07 3.16
N VAL A 86 -7.85 0.25 3.18
CA VAL A 86 -8.08 1.02 4.40
C VAL A 86 -9.31 0.49 5.16
N ARG A 87 -9.06 0.03 6.38
CA ARG A 87 -10.09 -0.44 7.32
C ARG A 87 -10.04 0.48 8.55
N ILE A 88 -10.90 1.50 8.54
CA ILE A 88 -11.01 2.47 9.64
C ILE A 88 -11.77 1.83 10.82
N THR A 89 -11.12 1.83 11.99
CA THR A 89 -11.68 1.39 13.26
C THR A 89 -11.55 2.55 14.28
N MET A 1 17.85 -4.26 2.17
CA MET A 1 17.43 -3.25 3.17
C MET A 1 16.51 -2.21 2.50
N SER A 2 15.27 -2.12 3.01
CA SER A 2 14.23 -1.22 2.50
C SER A 2 13.13 -1.09 3.59
N GLN A 3 11.96 -0.53 3.24
CA GLN A 3 10.80 -0.41 4.15
C GLN A 3 9.52 -0.27 3.31
N LEU A 4 8.39 -0.76 3.86
CA LEU A 4 7.07 -0.63 3.23
C LEU A 4 6.60 0.84 3.32
N ARG A 5 6.98 1.64 2.31
CA ARG A 5 6.59 3.05 2.18
C ARG A 5 5.36 3.17 1.28
N ILE A 6 4.41 4.05 1.66
CA ILE A 6 3.20 4.29 0.88
C ILE A 6 3.48 5.30 -0.26
N ALA A 7 3.46 4.81 -1.51
CA ALA A 7 3.55 5.65 -2.72
C ALA A 7 2.14 6.01 -3.26
N ALA A 8 1.11 5.74 -2.43
CA ALA A 8 -0.30 6.00 -2.76
C ALA A 8 -0.82 7.25 -2.03
N TYR A 9 -2.12 7.58 -2.29
CA TYR A 9 -2.75 8.89 -1.98
C TYR A 9 -2.02 10.06 -2.69
N GLY A 10 -1.44 9.74 -3.85
CA GLY A 10 -0.89 10.74 -4.76
C GLY A 10 -1.96 11.28 -5.69
N PRO A 11 -1.84 12.56 -6.20
CA PRO A 11 -2.82 13.17 -7.17
C PRO A 11 -2.93 12.40 -8.51
N HIS A 12 -2.02 11.43 -8.75
CA HIS A 12 -2.09 10.49 -9.88
C HIS A 12 -1.97 9.05 -9.34
N GLY A 13 -2.73 8.12 -9.94
CA GLY A 13 -2.63 6.68 -9.62
C GLY A 13 -1.55 6.02 -10.46
N SER A 14 -1.97 5.21 -11.45
CA SER A 14 -1.07 4.57 -12.44
C SER A 14 -1.87 4.25 -13.73
N GLY A 15 -1.15 3.81 -14.76
CA GLY A 15 -1.74 3.49 -16.05
C GLY A 15 -0.79 2.69 -16.93
N GLY A 16 -0.62 1.41 -16.58
CA GLY A 16 0.29 0.50 -17.29
C GLY A 16 -0.42 -0.75 -17.79
N SER A 17 -1.61 -0.56 -18.40
CA SER A 17 -2.40 -1.65 -19.00
C SER A 17 -1.71 -2.16 -20.28
N GLY A 18 -0.96 -3.26 -20.15
CA GLY A 18 -0.19 -3.82 -21.27
C GLY A 18 1.22 -4.20 -20.88
N GLY A 19 1.63 -3.83 -19.65
CA GLY A 19 2.96 -4.17 -19.13
C GLY A 19 3.06 -5.60 -18.65
N SER A 20 2.70 -5.81 -17.38
CA SER A 20 2.74 -7.13 -16.72
C SER A 20 1.66 -7.19 -15.63
N GLY A 21 0.42 -7.45 -16.07
CA GLY A 21 -0.73 -7.55 -15.18
C GLY A 21 -0.97 -9.00 -14.72
N GLY A 22 -2.13 -9.56 -15.12
CA GLY A 22 -2.49 -10.95 -14.84
C GLY A 22 -2.92 -11.16 -13.39
N SER A 23 -1.93 -11.19 -12.48
CA SER A 23 -2.16 -11.38 -11.03
C SER A 23 -0.91 -10.95 -10.20
N GLN A 24 0.05 -10.23 -10.85
CA GLN A 24 1.26 -9.71 -10.14
C GLN A 24 0.86 -8.69 -9.08
N ASP A 25 -0.17 -7.90 -9.41
CA ASP A 25 -0.80 -6.95 -8.47
C ASP A 25 -1.67 -7.74 -7.48
N LEU A 26 -1.62 -7.35 -6.21
CA LEU A 26 -2.28 -8.10 -5.11
C LEU A 26 -3.14 -7.18 -4.26
N TYR A 27 -3.95 -7.79 -3.38
CA TYR A 27 -4.75 -7.11 -2.36
C TYR A 27 -4.32 -7.65 -0.98
N ALA A 28 -4.27 -6.76 0.01
CA ALA A 28 -3.88 -7.06 1.39
C ALA A 28 -4.54 -6.05 2.33
N THR A 29 -5.23 -6.53 3.35
CA THR A 29 -5.99 -5.66 4.28
C THR A 29 -5.04 -4.88 5.23
N LEU A 30 -5.35 -3.58 5.37
CA LEU A 30 -4.62 -2.65 6.24
C LEU A 30 -5.56 -2.21 7.38
N ASP A 31 -5.25 -2.60 8.61
CA ASP A 31 -6.02 -2.20 9.80
C ASP A 31 -5.45 -0.88 10.35
N VAL A 32 -6.28 0.16 10.32
CA VAL A 32 -5.89 1.54 10.70
C VAL A 32 -7.02 2.13 11.56
N PRO A 33 -6.70 2.79 12.73
CA PRO A 33 -7.73 3.46 13.55
C PRO A 33 -8.19 4.78 12.92
N ALA A 34 -9.37 5.26 13.38
CA ALA A 34 -9.96 6.55 12.96
C ALA A 34 -8.96 7.77 13.02
N PRO A 35 -8.26 8.03 14.19
CA PRO A 35 -7.31 9.18 14.32
C PRO A 35 -6.15 9.13 13.29
N ILE A 36 -5.43 7.98 13.25
CA ILE A 36 -4.28 7.77 12.33
C ILE A 36 -4.72 7.80 10.85
N ALA A 37 -5.97 7.40 10.59
CA ALA A 37 -6.54 7.39 9.22
C ALA A 37 -6.62 8.82 8.63
N VAL A 38 -7.18 9.75 9.43
CA VAL A 38 -7.37 11.15 8.98
C VAL A 38 -6.02 11.92 8.88
N VAL A 39 -5.22 11.91 9.97
CA VAL A 39 -3.98 12.75 10.07
C VAL A 39 -2.75 12.06 9.43
N GLY A 40 -2.72 10.73 9.47
CA GLY A 40 -1.56 9.95 9.02
C GLY A 40 -0.67 9.48 10.18
N GLY A 41 -0.01 8.33 10.00
CA GLY A 41 0.90 7.77 11.01
C GLY A 41 1.17 6.30 10.76
N LYS A 42 2.09 5.71 11.54
CA LYS A 42 2.49 4.30 11.38
C LYS A 42 1.47 3.38 12.06
N VAL A 43 1.08 2.30 11.36
CA VAL A 43 0.21 1.24 11.93
C VAL A 43 0.90 -0.13 11.80
N ARG A 44 0.33 -1.10 12.50
CA ARG A 44 0.71 -2.51 12.42
C ARG A 44 0.03 -3.14 11.17
N ALA A 45 0.82 -3.38 10.12
CA ALA A 45 0.37 -4.07 8.90
C ALA A 45 0.92 -5.49 8.89
N MET A 46 0.12 -6.45 8.37
CA MET A 46 0.48 -7.86 8.35
C MET A 46 1.31 -8.19 7.09
N THR A 47 2.56 -8.58 7.33
CA THR A 47 3.50 -9.02 6.29
C THR A 47 3.85 -10.50 6.55
N LEU A 48 4.40 -11.22 5.54
CA LEU A 48 4.73 -12.67 5.65
C LEU A 48 5.69 -12.97 6.84
N GLU A 49 6.63 -12.03 7.10
CA GLU A 49 7.65 -12.19 8.17
C GLU A 49 7.06 -11.90 9.57
N GLY A 50 5.93 -11.17 9.59
CA GLY A 50 5.28 -10.74 10.83
C GLY A 50 4.69 -9.34 10.73
N PRO A 51 4.22 -8.75 11.87
CA PRO A 51 3.67 -7.37 11.90
C PRO A 51 4.81 -6.32 11.77
N VAL A 52 4.65 -5.36 10.83
CA VAL A 52 5.62 -4.27 10.60
C VAL A 52 4.92 -2.91 10.76
N GLU A 53 5.71 -1.85 10.99
CA GLU A 53 5.20 -0.47 11.05
C GLU A 53 5.28 0.18 9.65
N VAL A 54 4.11 0.42 9.06
CA VAL A 54 3.96 1.08 7.75
C VAL A 54 3.43 2.51 7.96
N ALA A 55 4.20 3.52 7.50
CA ALA A 55 3.81 4.93 7.62
C ALA A 55 2.68 5.24 6.63
N VAL A 56 1.46 5.25 7.15
CA VAL A 56 0.23 5.56 6.41
C VAL A 56 0.12 7.11 6.25
N PRO A 57 -0.25 7.63 5.03
CA PRO A 57 -0.42 9.08 4.80
C PRO A 57 -1.76 9.60 5.39
N PRO A 58 -2.02 10.94 5.39
CA PRO A 58 -3.38 11.47 5.66
C PRO A 58 -4.41 11.05 4.58
N ARG A 59 -5.68 11.50 4.77
CA ARG A 59 -6.82 11.28 3.82
C ARG A 59 -7.30 9.82 3.80
N THR A 60 -6.66 8.95 4.60
CA THR A 60 -6.87 7.50 4.54
C THR A 60 -8.30 7.14 4.96
N GLN A 61 -9.12 6.76 3.94
CA GLN A 61 -10.56 6.58 4.08
C GLN A 61 -10.94 5.11 3.84
N ALA A 62 -11.92 4.62 4.64
CA ALA A 62 -12.35 3.21 4.65
C ALA A 62 -12.95 2.80 3.30
N GLY A 63 -12.62 1.56 2.87
CA GLY A 63 -13.07 1.03 1.58
C GLY A 63 -12.09 1.31 0.45
N ARG A 64 -11.31 2.39 0.57
CA ARG A 64 -10.26 2.75 -0.39
C ARG A 64 -9.03 1.86 -0.18
N LYS A 65 -8.18 1.78 -1.22
CA LYS A 65 -6.99 0.91 -1.22
C LYS A 65 -5.77 1.72 -1.65
N LEU A 66 -4.61 1.39 -1.05
CA LEU A 66 -3.35 2.10 -1.28
C LEU A 66 -2.52 1.35 -2.31
N ARG A 67 -2.49 1.88 -3.56
CA ARG A 67 -1.72 1.28 -4.66
C ARG A 67 -0.21 1.47 -4.43
N LEU A 68 0.49 0.39 -4.05
CA LEU A 68 1.93 0.42 -3.75
C LEU A 68 2.68 -0.38 -4.82
N LYS A 69 3.17 0.31 -5.86
CA LYS A 69 3.95 -0.33 -6.93
C LYS A 69 5.28 -0.89 -6.40
N GLY A 70 5.70 -2.05 -6.96
CA GLY A 70 6.97 -2.70 -6.59
C GLY A 70 6.86 -3.59 -5.37
N LYS A 71 5.61 -3.90 -4.92
CA LYS A 71 5.37 -4.72 -3.72
C LYS A 71 4.78 -6.10 -4.10
N GLY A 72 4.07 -6.13 -5.26
CA GLY A 72 3.59 -7.38 -5.86
C GLY A 72 4.71 -8.17 -6.55
N PHE A 73 4.32 -9.19 -7.34
CA PHE A 73 5.27 -10.16 -7.95
C PHE A 73 6.14 -9.54 -9.06
N PRO A 74 7.44 -9.97 -9.18
CA PRO A 74 8.34 -9.58 -10.29
C PRO A 74 7.95 -10.25 -11.62
N GLY A 75 7.89 -9.44 -12.70
CA GLY A 75 7.49 -9.94 -14.02
C GLY A 75 8.29 -9.31 -15.17
N PRO A 76 7.93 -9.64 -16.45
CA PRO A 76 8.68 -9.24 -17.68
C PRO A 76 9.01 -7.73 -17.78
N ALA A 77 7.95 -6.90 -17.66
CA ALA A 77 8.03 -5.43 -17.86
C ALA A 77 8.26 -4.68 -16.54
N GLY A 78 7.85 -5.30 -15.41
CA GLY A 78 7.99 -4.67 -14.09
C GLY A 78 7.37 -5.49 -12.98
N ARG A 79 7.17 -4.84 -11.81
CA ARG A 79 6.63 -5.49 -10.58
C ARG A 79 5.19 -5.03 -10.33
N GLY A 80 4.39 -5.90 -9.70
CA GLY A 80 2.99 -5.61 -9.38
C GLY A 80 2.80 -4.60 -8.26
N ASP A 81 1.56 -4.12 -8.12
CA ASP A 81 1.16 -3.11 -7.13
C ASP A 81 0.23 -3.72 -6.09
N LEU A 82 0.52 -3.44 -4.81
CA LEU A 82 -0.17 -4.02 -3.65
C LEU A 82 -1.20 -3.02 -3.14
N TYR A 83 -2.47 -3.43 -3.10
CA TYR A 83 -3.58 -2.61 -2.61
C TYR A 83 -3.73 -2.83 -1.11
N LEU A 84 -3.41 -1.82 -0.29
CA LEU A 84 -3.66 -1.89 1.15
C LEU A 84 -5.09 -1.40 1.43
N GLU A 85 -5.96 -2.38 1.72
CA GLU A 85 -7.41 -2.19 1.84
C GLU A 85 -7.72 -1.56 3.21
N VAL A 86 -7.89 -0.24 3.19
CA VAL A 86 -8.13 0.58 4.38
C VAL A 86 -9.41 0.13 5.12
N ARG A 87 -9.22 -0.37 6.34
CA ARG A 87 -10.30 -0.70 7.27
C ARG A 87 -10.14 0.20 8.50
N ILE A 88 -10.89 1.33 8.50
CA ILE A 88 -10.87 2.30 9.59
C ILE A 88 -11.68 1.75 10.77
N THR A 89 -11.04 1.74 11.95
CA THR A 89 -11.64 1.29 13.21
C THR A 89 -11.19 2.26 14.33
#